data_4N5X
# 
_entry.id   4N5X 
# 
_audit_conform.dict_name       mmcif_pdbx.dic 
_audit_conform.dict_version    5.379 
_audit_conform.dict_location   http://mmcif.pdb.org/dictionaries/ascii/mmcif_pdbx.dic 
# 
loop_
_database_2.database_id 
_database_2.database_code 
_database_2.pdbx_database_accession 
_database_2.pdbx_DOI 
PDB   4N5X         pdb_00004n5x 10.2210/pdb4n5x/pdb 
RCSB  RCSB082792   ?            ?                   
WWPDB D_1000082792 ?            ?                   
# 
_pdbx_database_status.status_code                     REL 
_pdbx_database_status.entry_id                        4N5X 
_pdbx_database_status.recvd_initial_deposition_date   2013-10-10 
_pdbx_database_status.deposit_site                    RCSB 
_pdbx_database_status.process_site                    RCSB 
_pdbx_database_status.status_code_sf                  REL 
_pdbx_database_status.status_code_mr                  ? 
_pdbx_database_status.SG_entry                        ? 
_pdbx_database_status.status_code_cs                  ? 
_pdbx_database_status.methods_development_category    ? 
_pdbx_database_status.pdb_format_compatible           Y 
_pdbx_database_status.status_code_nmr_data            ? 
# 
loop_
_audit_author.name 
_audit_author.pdbx_ordinal 
'Yang, Q.'         1 
'Bruschweiler, S.' 2 
'Chou, J.'         3 
# 
_citation.id                        primary 
_citation.title                     
;A Self-Sequestered Calmodulin-like Ca(2+) Sensor of Mitochondrial SCaMC Carrier and Its Implication to Ca(2+)-Dependent ATP-Mg/Pi Transport.
;
_citation.journal_abbrev            Structure 
_citation.journal_volume            22 
_citation.page_first                209 
_citation.page_last                 217 
_citation.year                      2014 
_citation.journal_id_ASTM           STRUE6 
_citation.country                   UK 
_citation.journal_id_ISSN           0969-2126 
_citation.journal_id_CSD            2005 
_citation.book_publisher            ? 
_citation.pdbx_database_id_PubMed   24332718 
_citation.pdbx_database_id_DOI      10.1016/j.str.2013.10.018 
# 
loop_
_citation_author.citation_id 
_citation_author.name 
_citation_author.ordinal 
_citation_author.identifier_ORCID 
primary 'Yang, Q.'         1 ? 
primary 'Bruschweiler, S.' 2 ? 
primary 'Chou, J.J.'       3 ? 
# 
_cell.entry_id           4N5X 
_cell.length_a           51.210 
_cell.length_b           51.210 
_cell.length_c           112.153 
_cell.angle_alpha        90.00 
_cell.angle_beta         90.00 
_cell.angle_gamma        120.00 
_cell.Z_PDB              6 
_cell.pdbx_unique_axis   ? 
_cell.length_a_esd       ? 
_cell.length_b_esd       ? 
_cell.length_c_esd       ? 
_cell.angle_alpha_esd    ? 
_cell.angle_beta_esd     ? 
_cell.angle_gamma_esd    ? 
# 
_symmetry.entry_id                         4N5X 
_symmetry.space_group_name_H-M             'P 31 2 1' 
_symmetry.pdbx_full_space_group_name_H-M   ? 
_symmetry.cell_setting                     ? 
_symmetry.Int_Tables_number                152 
_symmetry.space_group_name_Hall            ? 
# 
loop_
_entity.id 
_entity.type 
_entity.src_method 
_entity.pdbx_description 
_entity.formula_weight 
_entity.pdbx_number_of_molecules 
_entity.pdbx_ec 
_entity.pdbx_mutation 
_entity.pdbx_fragment 
_entity.details 
1 polymer     man 'Calcium-binding mitochondrial carrier protein SCaMC-1' 22932.492 1   ? C15S 'UNP residues 1-193' ? 
2 non-polymer syn 'CALCIUM ION'                                           40.078    5   ? ?    ?                    ? 
3 non-polymer syn 'DI(HYDROXYETHYL)ETHER'                                 106.120   1   ? ?    ?                    ? 
4 water       nat water                                                   18.015    124 ? ?    ?                    ? 
# 
_entity_name_com.entity_id   1 
_entity_name_com.name        
;Mitochondrial ATP-Mg/Pi carrier protein 1, Mitochondrial Ca(2+)-dependent solute carrier protein 1, Small calcium-binding mitochondrial carrier protein 1, Solute carrier family 25 member 24
;
# 
_entity_poly.entity_id                      1 
_entity_poly.type                           'polypeptide(L)' 
_entity_poly.nstd_linkage                   no 
_entity_poly.nstd_monomer                   no 
_entity_poly.pdbx_seq_one_letter_code       
;MLRWLRDFVLPTAASQDAEQPTRYETLFQALDRNGDGVVDIGELQEGLRNLGIPLGQDAEEKIFTTGDVNKDGKLDFEEF
MKYLKDHEKKMKLAFKSLDKNNDGKIEASEIVQSLQTLGLTISEQQAELILQSIDVDGTMTVDWNEWRDYFLFNPVTDIE
EIIRFWKHSTGIDIGDSLTIPDEFTEDEKKSGQHHHHHH
;
_entity_poly.pdbx_seq_one_letter_code_can   
;MLRWLRDFVLPTAASQDAEQPTRYETLFQALDRNGDGVVDIGELQEGLRNLGIPLGQDAEEKIFTTGDVNKDGKLDFEEF
MKYLKDHEKKMKLAFKSLDKNNDGKIEASEIVQSLQTLGLTISEQQAELILQSIDVDGTMTVDWNEWRDYFLFNPVTDIE
EIIRFWKHSTGIDIGDSLTIPDEFTEDEKKSGQHHHHHH
;
_entity_poly.pdbx_strand_id                 A 
_entity_poly.pdbx_target_identifier         ? 
# 
loop_
_entity_poly_seq.entity_id 
_entity_poly_seq.num 
_entity_poly_seq.mon_id 
_entity_poly_seq.hetero 
1 1   MET n 
1 2   LEU n 
1 3   ARG n 
1 4   TRP n 
1 5   LEU n 
1 6   ARG n 
1 7   ASP n 
1 8   PHE n 
1 9   VAL n 
1 10  LEU n 
1 11  PRO n 
1 12  THR n 
1 13  ALA n 
1 14  ALA n 
1 15  SER n 
1 16  GLN n 
1 17  ASP n 
1 18  ALA n 
1 19  GLU n 
1 20  GLN n 
1 21  PRO n 
1 22  THR n 
1 23  ARG n 
1 24  TYR n 
1 25  GLU n 
1 26  THR n 
1 27  LEU n 
1 28  PHE n 
1 29  GLN n 
1 30  ALA n 
1 31  LEU n 
1 32  ASP n 
1 33  ARG n 
1 34  ASN n 
1 35  GLY n 
1 36  ASP n 
1 37  GLY n 
1 38  VAL n 
1 39  VAL n 
1 40  ASP n 
1 41  ILE n 
1 42  GLY n 
1 43  GLU n 
1 44  LEU n 
1 45  GLN n 
1 46  GLU n 
1 47  GLY n 
1 48  LEU n 
1 49  ARG n 
1 50  ASN n 
1 51  LEU n 
1 52  GLY n 
1 53  ILE n 
1 54  PRO n 
1 55  LEU n 
1 56  GLY n 
1 57  GLN n 
1 58  ASP n 
1 59  ALA n 
1 60  GLU n 
1 61  GLU n 
1 62  LYS n 
1 63  ILE n 
1 64  PHE n 
1 65  THR n 
1 66  THR n 
1 67  GLY n 
1 68  ASP n 
1 69  VAL n 
1 70  ASN n 
1 71  LYS n 
1 72  ASP n 
1 73  GLY n 
1 74  LYS n 
1 75  LEU n 
1 76  ASP n 
1 77  PHE n 
1 78  GLU n 
1 79  GLU n 
1 80  PHE n 
1 81  MET n 
1 82  LYS n 
1 83  TYR n 
1 84  LEU n 
1 85  LYS n 
1 86  ASP n 
1 87  HIS n 
1 88  GLU n 
1 89  LYS n 
1 90  LYS n 
1 91  MET n 
1 92  LYS n 
1 93  LEU n 
1 94  ALA n 
1 95  PHE n 
1 96  LYS n 
1 97  SER n 
1 98  LEU n 
1 99  ASP n 
1 100 LYS n 
1 101 ASN n 
1 102 ASN n 
1 103 ASP n 
1 104 GLY n 
1 105 LYS n 
1 106 ILE n 
1 107 GLU n 
1 108 ALA n 
1 109 SER n 
1 110 GLU n 
1 111 ILE n 
1 112 VAL n 
1 113 GLN n 
1 114 SER n 
1 115 LEU n 
1 116 GLN n 
1 117 THR n 
1 118 LEU n 
1 119 GLY n 
1 120 LEU n 
1 121 THR n 
1 122 ILE n 
1 123 SER n 
1 124 GLU n 
1 125 GLN n 
1 126 GLN n 
1 127 ALA n 
1 128 GLU n 
1 129 LEU n 
1 130 ILE n 
1 131 LEU n 
1 132 GLN n 
1 133 SER n 
1 134 ILE n 
1 135 ASP n 
1 136 VAL n 
1 137 ASP n 
1 138 GLY n 
1 139 THR n 
1 140 MET n 
1 141 THR n 
1 142 VAL n 
1 143 ASP n 
1 144 TRP n 
1 145 ASN n 
1 146 GLU n 
1 147 TRP n 
1 148 ARG n 
1 149 ASP n 
1 150 TYR n 
1 151 PHE n 
1 152 LEU n 
1 153 PHE n 
1 154 ASN n 
1 155 PRO n 
1 156 VAL n 
1 157 THR n 
1 158 ASP n 
1 159 ILE n 
1 160 GLU n 
1 161 GLU n 
1 162 ILE n 
1 163 ILE n 
1 164 ARG n 
1 165 PHE n 
1 166 TRP n 
1 167 LYS n 
1 168 HIS n 
1 169 SER n 
1 170 THR n 
1 171 GLY n 
1 172 ILE n 
1 173 ASP n 
1 174 ILE n 
1 175 GLY n 
1 176 ASP n 
1 177 SER n 
1 178 LEU n 
1 179 THR n 
1 180 ILE n 
1 181 PRO n 
1 182 ASP n 
1 183 GLU n 
1 184 PHE n 
1 185 THR n 
1 186 GLU n 
1 187 ASP n 
1 188 GLU n 
1 189 LYS n 
1 190 LYS n 
1 191 SER n 
1 192 GLY n 
1 193 GLN n 
1 194 HIS n 
1 195 HIS n 
1 196 HIS n 
1 197 HIS n 
1 198 HIS n 
1 199 HIS n 
# 
_entity_src_gen.entity_id                          1 
_entity_src_gen.pdbx_src_id                        1 
_entity_src_gen.pdbx_alt_source_flag               sample 
_entity_src_gen.pdbx_seq_type                      ? 
_entity_src_gen.pdbx_beg_seq_num                   ? 
_entity_src_gen.pdbx_end_seq_num                   ? 
_entity_src_gen.gene_src_common_name               human 
_entity_src_gen.gene_src_genus                     ? 
_entity_src_gen.pdbx_gene_src_gene                 'SLC25A24, APC1, MCSC1, SCAMC1' 
_entity_src_gen.gene_src_species                   ? 
_entity_src_gen.gene_src_strain                    ? 
_entity_src_gen.gene_src_tissue                    ? 
_entity_src_gen.gene_src_tissue_fraction           ? 
_entity_src_gen.gene_src_details                   ? 
_entity_src_gen.pdbx_gene_src_fragment             ? 
_entity_src_gen.pdbx_gene_src_scientific_name      'Homo sapiens' 
_entity_src_gen.pdbx_gene_src_ncbi_taxonomy_id     9606 
_entity_src_gen.pdbx_gene_src_variant              ? 
_entity_src_gen.pdbx_gene_src_cell_line            ? 
_entity_src_gen.pdbx_gene_src_atcc                 ? 
_entity_src_gen.pdbx_gene_src_organ                ? 
_entity_src_gen.pdbx_gene_src_organelle            ? 
_entity_src_gen.pdbx_gene_src_cell                 ? 
_entity_src_gen.pdbx_gene_src_cellular_location    ? 
_entity_src_gen.host_org_common_name               ? 
_entity_src_gen.pdbx_host_org_scientific_name      'Escherichia coli' 
_entity_src_gen.pdbx_host_org_ncbi_taxonomy_id     562 
_entity_src_gen.host_org_genus                     ? 
_entity_src_gen.pdbx_host_org_gene                 ? 
_entity_src_gen.pdbx_host_org_organ                ? 
_entity_src_gen.host_org_species                   ? 
_entity_src_gen.pdbx_host_org_tissue               ? 
_entity_src_gen.pdbx_host_org_tissue_fraction      ? 
_entity_src_gen.pdbx_host_org_strain               ? 
_entity_src_gen.pdbx_host_org_variant              ? 
_entity_src_gen.pdbx_host_org_cell_line            ? 
_entity_src_gen.pdbx_host_org_atcc                 ? 
_entity_src_gen.pdbx_host_org_culture_collection   ? 
_entity_src_gen.pdbx_host_org_cell                 ? 
_entity_src_gen.pdbx_host_org_organelle            ? 
_entity_src_gen.pdbx_host_org_cellular_location    ? 
_entity_src_gen.pdbx_host_org_vector_type          ? 
_entity_src_gen.pdbx_host_org_vector               ? 
_entity_src_gen.host_org_details                   ? 
_entity_src_gen.expression_system_id               ? 
_entity_src_gen.plasmid_name                       ? 
_entity_src_gen.plasmid_details                    ? 
_entity_src_gen.pdbx_description                   ? 
# 
_struct_ref.id                         1 
_struct_ref.db_name                    UNP 
_struct_ref.db_code                    SCMC1_HUMAN 
_struct_ref.pdbx_db_accession          Q6NUK1 
_struct_ref.entity_id                  1 
_struct_ref.pdbx_seq_one_letter_code   
;MLRWLRDFVLPTAACQDAEQPTRYETLFQALDRNGDGVVDIGELQEGLRNLGIPLGQDAEEKIFTTGDVNKDGKLDFEEF
MKYLKDHEKKMKLAFKSLDKNNDGKIEASEIVQSLQTLGLTISEQQAELILQSIDVDGTMTVDWNEWRDYFLFNPVTDIE
EIIRFWKHSTGIDIGDSLTIPDEFTEDEKKSGQ
;
_struct_ref.pdbx_align_begin           1 
_struct_ref.pdbx_db_isoform            ? 
# 
_struct_ref_seq.align_id                      1 
_struct_ref_seq.ref_id                        1 
_struct_ref_seq.pdbx_PDB_id_code              4N5X 
_struct_ref_seq.pdbx_strand_id                A 
_struct_ref_seq.seq_align_beg                 1 
_struct_ref_seq.pdbx_seq_align_beg_ins_code   ? 
_struct_ref_seq.seq_align_end                 193 
_struct_ref_seq.pdbx_seq_align_end_ins_code   ? 
_struct_ref_seq.pdbx_db_accession             Q6NUK1 
_struct_ref_seq.db_align_beg                  1 
_struct_ref_seq.pdbx_db_align_beg_ins_code    ? 
_struct_ref_seq.db_align_end                  193 
_struct_ref_seq.pdbx_db_align_end_ins_code    ? 
_struct_ref_seq.pdbx_auth_seq_align_beg       1 
_struct_ref_seq.pdbx_auth_seq_align_end       193 
# 
loop_
_struct_ref_seq_dif.align_id 
_struct_ref_seq_dif.pdbx_pdb_id_code 
_struct_ref_seq_dif.mon_id 
_struct_ref_seq_dif.pdbx_pdb_strand_id 
_struct_ref_seq_dif.seq_num 
_struct_ref_seq_dif.pdbx_pdb_ins_code 
_struct_ref_seq_dif.pdbx_seq_db_name 
_struct_ref_seq_dif.pdbx_seq_db_accession_code 
_struct_ref_seq_dif.db_mon_id 
_struct_ref_seq_dif.pdbx_seq_db_seq_num 
_struct_ref_seq_dif.details 
_struct_ref_seq_dif.pdbx_auth_seq_num 
_struct_ref_seq_dif.pdbx_ordinal 
1 4N5X SER A 15  ? UNP Q6NUK1 CYS 15 'engineered mutation' 15  1 
1 4N5X HIS A 194 ? UNP Q6NUK1 ?   ?  'expression tag'      194 2 
1 4N5X HIS A 195 ? UNP Q6NUK1 ?   ?  'expression tag'      195 3 
1 4N5X HIS A 196 ? UNP Q6NUK1 ?   ?  'expression tag'      196 4 
1 4N5X HIS A 197 ? UNP Q6NUK1 ?   ?  'expression tag'      197 5 
1 4N5X HIS A 198 ? UNP Q6NUK1 ?   ?  'expression tag'      198 6 
1 4N5X HIS A 199 ? UNP Q6NUK1 ?   ?  'expression tag'      199 7 
# 
loop_
_chem_comp.id 
_chem_comp.type 
_chem_comp.mon_nstd_flag 
_chem_comp.name 
_chem_comp.pdbx_synonyms 
_chem_comp.formula 
_chem_comp.formula_weight 
ALA 'L-peptide linking' y ALANINE                 ? 'C3 H7 N O2'     89.093  
ARG 'L-peptide linking' y ARGININE                ? 'C6 H15 N4 O2 1' 175.209 
ASN 'L-peptide linking' y ASPARAGINE              ? 'C4 H8 N2 O3'    132.118 
ASP 'L-peptide linking' y 'ASPARTIC ACID'         ? 'C4 H7 N O4'     133.103 
CA  non-polymer         . 'CALCIUM ION'           ? 'Ca 2'           40.078  
CYS 'L-peptide linking' y CYSTEINE                ? 'C3 H7 N O2 S'   121.158 
GLN 'L-peptide linking' y GLUTAMINE               ? 'C5 H10 N2 O3'   146.144 
GLU 'L-peptide linking' y 'GLUTAMIC ACID'         ? 'C5 H9 N O4'     147.129 
GLY 'peptide linking'   y GLYCINE                 ? 'C2 H5 N O2'     75.067  
HIS 'L-peptide linking' y HISTIDINE               ? 'C6 H10 N3 O2 1' 156.162 
HOH non-polymer         . WATER                   ? 'H2 O'           18.015  
ILE 'L-peptide linking' y ISOLEUCINE              ? 'C6 H13 N O2'    131.173 
LEU 'L-peptide linking' y LEUCINE                 ? 'C6 H13 N O2'    131.173 
LYS 'L-peptide linking' y LYSINE                  ? 'C6 H15 N2 O2 1' 147.195 
MET 'L-peptide linking' y METHIONINE              ? 'C5 H11 N O2 S'  149.211 
PEG non-polymer         . 'DI(HYDROXYETHYL)ETHER' ? 'C4 H10 O3'      106.120 
PHE 'L-peptide linking' y PHENYLALANINE           ? 'C9 H11 N O2'    165.189 
PRO 'L-peptide linking' y PROLINE                 ? 'C5 H9 N O2'     115.130 
SER 'L-peptide linking' y SERINE                  ? 'C3 H7 N O3'     105.093 
THR 'L-peptide linking' y THREONINE               ? 'C4 H9 N O3'     119.119 
TRP 'L-peptide linking' y TRYPTOPHAN              ? 'C11 H12 N2 O2'  204.225 
TYR 'L-peptide linking' y TYROSINE                ? 'C9 H11 N O3'    181.189 
VAL 'L-peptide linking' y VALINE                  ? 'C5 H11 N O2'    117.146 
# 
_exptl.entry_id          4N5X 
_exptl.method            'X-RAY DIFFRACTION' 
_exptl.crystals_number   1 
# 
_exptl_crystal.id                    1 
_exptl_crystal.density_meas          ? 
_exptl_crystal.density_Matthews      1.85 
_exptl_crystal.density_percent_sol   33.56 
_exptl_crystal.description           ? 
_exptl_crystal.F_000                 ? 
_exptl_crystal.preparation           ? 
# 
_exptl_crystal_grow.crystal_id      1 
_exptl_crystal_grow.method          'VAPOR DIFFUSION, HANGING DROP' 
_exptl_crystal_grow.temp            298 
_exptl_crystal_grow.temp_details    ? 
_exptl_crystal_grow.pH              9.1 
_exptl_crystal_grow.pdbx_details    '100 mM CHES (pH 9.1) and 20% PEG3350, VAPOR DIFFUSION, HANGING DROP, temperature 298K' 
_exptl_crystal_grow.pdbx_pH_range   ? 
# 
_diffrn.id                     1 
_diffrn.ambient_temp           100 
_diffrn.ambient_temp_details   ? 
_diffrn.crystal_id             1 
# 
_diffrn_detector.diffrn_id              1 
_diffrn_detector.detector               'IMAGE PLATE' 
_diffrn_detector.type                   'MAR scanner 345 mm plate' 
_diffrn_detector.pdbx_collection_date   2012-05-04 
_diffrn_detector.details                ? 
# 
_diffrn_radiation.diffrn_id                        1 
_diffrn_radiation.wavelength_id                    1 
_diffrn_radiation.pdbx_monochromatic_or_laue_m_l   M 
_diffrn_radiation.monochromator                    'Xenocs mirrors' 
_diffrn_radiation.pdbx_diffrn_protocol             'SINGLE WAVELENGTH' 
_diffrn_radiation.pdbx_scattering_type             neutron 
# 
_diffrn_radiation_wavelength.id           1 
_diffrn_radiation_wavelength.wavelength   1.5418 
_diffrn_radiation_wavelength.wt           1.0 
# 
_diffrn_source.diffrn_id                   1 
_diffrn_source.source                      'ROTATING ANODE' 
_diffrn_source.type                        'BRUKER AXS MICROSTAR' 
_diffrn_source.pdbx_synchrotron_site       ? 
_diffrn_source.pdbx_synchrotron_beamline   ? 
_diffrn_source.pdbx_wavelength             ? 
_diffrn_source.pdbx_wavelength_list        1.5418 
# 
_reflns.entry_id                     4N5X 
_reflns.observed_criterion_sigma_I   2 
_reflns.observed_criterion_sigma_F   ? 
_reflns.d_resolution_low             20 
_reflns.d_resolution_high            2.1 
_reflns.number_obs                   10443 
_reflns.number_all                   10500 
_reflns.percent_possible_obs         99.73 
_reflns.pdbx_Rmerge_I_obs            ? 
_reflns.pdbx_Rsym_value              ? 
_reflns.pdbx_netI_over_sigmaI        ? 
_reflns.B_iso_Wilson_estimate        ? 
_reflns.pdbx_redundancy              ? 
_reflns.R_free_details               ? 
_reflns.limit_h_max                  ? 
_reflns.limit_h_min                  ? 
_reflns.limit_k_max                  ? 
_reflns.limit_k_min                  ? 
_reflns.limit_l_max                  ? 
_reflns.limit_l_min                  ? 
_reflns.observed_criterion_F_max     ? 
_reflns.observed_criterion_F_min     ? 
_reflns.pdbx_chi_squared             ? 
_reflns.pdbx_scaling_rejects         ? 
_reflns.pdbx_ordinal                 1 
_reflns.pdbx_diffrn_id               1 
# 
loop_
_reflns_shell.d_res_high 
_reflns_shell.d_res_low 
_reflns_shell.percent_possible_all 
_reflns_shell.Rmerge_I_obs 
_reflns_shell.pdbx_Rsym_value 
_reflns_shell.meanI_over_sigI_obs 
_reflns_shell.pdbx_redundancy 
_reflns_shell.percent_possible_obs 
_reflns_shell.number_unique_all 
_reflns_shell.number_measured_all 
_reflns_shell.number_measured_obs 
_reflns_shell.number_unique_obs 
_reflns_shell.pdbx_chi_squared 
_reflns_shell.pdbx_ordinal 
_reflns_shell.pdbx_diffrn_id 
2.1  2.17  99.2 ? ? ? ? ? ? ? ? ? ? 1 1 
2.17 2.26  100  ? ? ? ? ? ? ? ? ? ? 2 1 
2.26 2.36  100  ? ? ? ? ? ? ? ? ? ? 3 1 
2.36 2.49  100  ? ? ? ? ? ? ? ? ? ? 4 1 
2.49 2.64  100  ? ? ? ? ? ? ? ? ? ? 5 1 
2.64 2.85  100  ? ? ? ? ? ? ? ? ? ? 6 1 
3.13 3.59  100  ? ? ? ? ? ? ? ? ? ? 7 1 
3.59 4.51  100  ? ? ? ? ? ? ? ? ? ? 8 1 
4.51 20.00 100  ? ? ? ? ? ? ? ? ? ? 9 1 
# 
_refine.entry_id                                 4N5X 
_refine.ls_number_reflns_obs                     10443 
_refine.ls_number_reflns_all                     10500 
_refine.pdbx_ls_sigma_I                          ? 
_refine.pdbx_ls_sigma_F                          1.34 
_refine.pdbx_data_cutoff_high_absF               ? 
_refine.pdbx_data_cutoff_low_absF                ? 
_refine.pdbx_data_cutoff_high_rms_absF           ? 
_refine.ls_d_res_low                             19.072 
_refine.ls_d_res_high                            2.1 
_refine.ls_percent_reflns_obs                    99.73 
_refine.ls_R_factor_obs                          0.1818 
_refine.ls_R_factor_all                          ? 
_refine.ls_R_factor_R_work                       0.1767 
_refine.ls_R_factor_R_free                       0.2253 
_refine.ls_R_factor_R_free_error                 ? 
_refine.ls_R_factor_R_free_error_details         ? 
_refine.ls_percent_reflns_R_free                 10.00 
_refine.ls_number_reflns_R_free                  1044 
_refine.ls_number_parameters                     ? 
_refine.ls_number_restraints                     ? 
_refine.occupancy_min                            ? 
_refine.occupancy_max                            ? 
_refine.correlation_coeff_Fo_to_Fc               ? 
_refine.correlation_coeff_Fo_to_Fc_free          ? 
_refine.B_iso_mean                               ? 
_refine.aniso_B[1][1]                            ? 
_refine.aniso_B[2][2]                            ? 
_refine.aniso_B[3][3]                            ? 
_refine.aniso_B[1][2]                            ? 
_refine.aniso_B[1][3]                            ? 
_refine.aniso_B[2][3]                            ? 
_refine.solvent_model_details                    'FLAT BULK SOLVENT MODEL' 
_refine.solvent_model_param_ksol                 ? 
_refine.solvent_model_param_bsol                 ? 
_refine.pdbx_solvent_vdw_probe_radii             1.11 
_refine.pdbx_solvent_ion_probe_radii             ? 
_refine.pdbx_solvent_shrinkage_radii             0.90 
_refine.pdbx_ls_cross_valid_method               ? 
_refine.details                                  ? 
_refine.pdbx_starting_model                      'PDB ENTRY 1CLL' 
_refine.pdbx_method_to_determine_struct          'MOLECULAR REPLACEMENT' 
_refine.pdbx_isotropic_thermal_model             ? 
_refine.pdbx_stereochemistry_target_values       ML 
_refine.pdbx_stereochem_target_val_spec_case     ? 
_refine.pdbx_R_Free_selection_details            random 
_refine.pdbx_overall_ESU_R                       ? 
_refine.pdbx_overall_ESU_R_Free                  ? 
_refine.overall_SU_ML                            0.22 
_refine.pdbx_overall_phase_error                 20.84 
_refine.overall_SU_B                             ? 
_refine.overall_SU_R_Cruickshank_DPI             ? 
_refine.ls_redundancy_reflns_obs                 ? 
_refine.B_iso_min                                ? 
_refine.B_iso_max                                ? 
_refine.overall_SU_R_free                        ? 
_refine.ls_wR_factor_R_free                      ? 
_refine.ls_wR_factor_R_work                      ? 
_refine.overall_FOM_free_R_set                   ? 
_refine.overall_FOM_work_R_set                   ? 
_refine.pdbx_diffrn_id                           1 
_refine.pdbx_refine_id                           'X-RAY DIFFRACTION' 
_refine.pdbx_TLS_residual_ADP_flag               ? 
_refine.pdbx_overall_SU_R_free_Cruickshank_DPI   ? 
_refine.pdbx_overall_SU_R_Blow_DPI               ? 
_refine.pdbx_overall_SU_R_free_Blow_DPI          ? 
# 
_refine_hist.pdbx_refine_id                   'X-RAY DIFFRACTION' 
_refine_hist.cycle_id                         LAST 
_refine_hist.pdbx_number_atoms_protein        1250 
_refine_hist.pdbx_number_atoms_nucleic_acid   0 
_refine_hist.pdbx_number_atoms_ligand         12 
_refine_hist.number_atoms_solvent             124 
_refine_hist.number_atoms_total               1386 
_refine_hist.d_res_high                       2.1 
_refine_hist.d_res_low                        19.072 
# 
loop_
_refine_ls_restr.type 
_refine_ls_restr.dev_ideal 
_refine_ls_restr.dev_ideal_target 
_refine_ls_restr.weight 
_refine_ls_restr.number 
_refine_ls_restr.pdbx_restraint_function 
_refine_ls_restr.pdbx_refine_id 
f_bond_d           0.007  ? ? 1281 ? 'X-RAY DIFFRACTION' 
f_angle_d          1.151  ? ? 1725 ? 'X-RAY DIFFRACTION' 
f_dihedral_angle_d 16.923 ? ? 482  ? 'X-RAY DIFFRACTION' 
f_chiral_restr     0.087  ? ? 190  ? 'X-RAY DIFFRACTION' 
f_plane_restr      0.003  ? ? 225  ? 'X-RAY DIFFRACTION' 
# 
loop_
_refine_ls_shell.pdbx_total_number_of_bins_used 
_refine_ls_shell.d_res_high 
_refine_ls_shell.d_res_low 
_refine_ls_shell.number_reflns_R_work 
_refine_ls_shell.R_factor_R_work 
_refine_ls_shell.percent_reflns_obs 
_refine_ls_shell.R_factor_R_free 
_refine_ls_shell.R_factor_R_free_error 
_refine_ls_shell.percent_reflns_R_free 
_refine_ls_shell.number_reflns_R_free 
_refine_ls_shell.number_reflns_all 
_refine_ls_shell.R_factor_all 
_refine_ls_shell.number_reflns_obs 
_refine_ls_shell.redundancy_reflns_obs 
_refine_ls_shell.pdbx_refine_id 
. 2.100  2.2093  1313 0.1496 100.00 0.2175 . . 146 . . . . 'X-RAY DIFFRACTION' 
. 2.2093 2.3475  1296 0.2198 98.00  0.2972 . . 143 . . . . 'X-RAY DIFFRACTION' 
. 2.3475 2.5284  1313 0.1745 100.00 0.2396 . . 148 . . . . 'X-RAY DIFFRACTION' 
. 2.5284 2.7821  1324 0.1849 100.00 0.2313 . . 150 . . . . 'X-RAY DIFFRACTION' 
. 2.7821 3.1831  1355 0.1966 100.00 0.2766 . . 152 . . . . 'X-RAY DIFFRACTION' 
. 3.1831 4.0042  1355 0.1640 100.00 0.2157 . . 149 . . . . 'X-RAY DIFFRACTION' 
. 4.0042 19.0727 1443 0.1677 100.00 0.1794 . . 156 . . . . 'X-RAY DIFFRACTION' 
# 
_struct.entry_id                  4N5X 
_struct.title                     
'Crystal structure of N-terminal calmodulin-like Calcium sensor of human mitochondrial ATP-Mg/Pi carrier SCaMC1' 
_struct.pdbx_model_details        ? 
_struct.pdbx_CASP_flag            ? 
_struct.pdbx_model_type_details   ? 
# 
_struct_keywords.entry_id        4N5X 
_struct_keywords.pdbx_keywords   'CALCIUM-BINDING PROTEIN' 
_struct_keywords.text            'Calmodulin, Calcium sensor, mitochondrial inner membrane, CALCIUM-BINDING PROTEIN' 
# 
loop_
_struct_asym.id 
_struct_asym.pdbx_blank_PDB_chainid_flag 
_struct_asym.pdbx_modified 
_struct_asym.entity_id 
_struct_asym.details 
A N N 1 ? 
B N N 2 ? 
C N N 2 ? 
D N N 2 ? 
E N N 2 ? 
F N N 2 ? 
G N N 3 ? 
H N N 4 ? 
# 
loop_
_struct_conf.conf_type_id 
_struct_conf.id 
_struct_conf.pdbx_PDB_helix_id 
_struct_conf.beg_label_comp_id 
_struct_conf.beg_label_asym_id 
_struct_conf.beg_label_seq_id 
_struct_conf.pdbx_beg_PDB_ins_code 
_struct_conf.end_label_comp_id 
_struct_conf.end_label_asym_id 
_struct_conf.end_label_seq_id 
_struct_conf.pdbx_end_PDB_ins_code 
_struct_conf.beg_auth_comp_id 
_struct_conf.beg_auth_asym_id 
_struct_conf.beg_auth_seq_id 
_struct_conf.end_auth_comp_id 
_struct_conf.end_auth_asym_id 
_struct_conf.end_auth_seq_id 
_struct_conf.pdbx_PDB_helix_class 
_struct_conf.details 
_struct_conf.pdbx_PDB_helix_length 
HELX_P HELX_P1 1 ARG A 23  ? ASP A 32  ? ARG A 23  ASP A 32  1 ? 10 
HELX_P HELX_P2 2 ASP A 40  ? ASN A 50  ? ASP A 40  ASN A 50  1 ? 11 
HELX_P HELX_P3 3 ASP A 58  ? ASP A 68  ? ASP A 58  ASP A 68  1 ? 11 
HELX_P HELX_P4 4 ASP A 76  ? ASP A 99  ? ASP A 76  ASP A 99  1 ? 24 
HELX_P HELX_P5 5 GLU A 107 ? LEU A 118 ? GLU A 107 LEU A 118 1 ? 12 
HELX_P HELX_P6 6 SER A 123 ? ASP A 135 ? SER A 123 ASP A 135 1 ? 13 
HELX_P HELX_P7 7 ASP A 143 ? LEU A 152 ? ASP A 143 LEU A 152 1 ? 10 
HELX_P HELX_P8 8 ASP A 158 ? SER A 169 ? ASP A 158 SER A 169 1 ? 12 
# 
_struct_conf_type.id          HELX_P 
_struct_conf_type.criteria    ? 
_struct_conf_type.reference   ? 
# 
loop_
_struct_conn.id 
_struct_conn.conn_type_id 
_struct_conn.pdbx_leaving_atom_flag 
_struct_conn.pdbx_PDB_id 
_struct_conn.ptnr1_label_asym_id 
_struct_conn.ptnr1_label_comp_id 
_struct_conn.ptnr1_label_seq_id 
_struct_conn.ptnr1_label_atom_id 
_struct_conn.pdbx_ptnr1_label_alt_id 
_struct_conn.pdbx_ptnr1_PDB_ins_code 
_struct_conn.pdbx_ptnr1_standard_comp_id 
_struct_conn.ptnr1_symmetry 
_struct_conn.ptnr2_label_asym_id 
_struct_conn.ptnr2_label_comp_id 
_struct_conn.ptnr2_label_seq_id 
_struct_conn.ptnr2_label_atom_id 
_struct_conn.pdbx_ptnr2_label_alt_id 
_struct_conn.pdbx_ptnr2_PDB_ins_code 
_struct_conn.ptnr1_auth_asym_id 
_struct_conn.ptnr1_auth_comp_id 
_struct_conn.ptnr1_auth_seq_id 
_struct_conn.ptnr2_auth_asym_id 
_struct_conn.ptnr2_auth_comp_id 
_struct_conn.ptnr2_auth_seq_id 
_struct_conn.ptnr2_symmetry 
_struct_conn.pdbx_ptnr3_label_atom_id 
_struct_conn.pdbx_ptnr3_label_seq_id 
_struct_conn.pdbx_ptnr3_label_comp_id 
_struct_conn.pdbx_ptnr3_label_asym_id 
_struct_conn.pdbx_ptnr3_label_alt_id 
_struct_conn.pdbx_ptnr3_PDB_ins_code 
_struct_conn.details 
_struct_conn.pdbx_dist_value 
_struct_conn.pdbx_value_order 
_struct_conn.pdbx_role 
metalc1  metalc ? ? A ASP 32  OD1 ? ? ? 1_555 B CA  . CA ? ? A ASP 32  A CA  201 1_555 ? ? ? ? ? ? ? 2.331 ? ? 
metalc2  metalc ? ? A ASN 34  OD1 ? ? ? 1_555 B CA  . CA ? ? A ASN 34  A CA  201 1_555 ? ? ? ? ? ? ? 2.621 ? ? 
metalc3  metalc ? ? A ASP 36  OD1 ? ? ? 1_555 B CA  . CA ? ? A ASP 36  A CA  201 1_555 ? ? ? ? ? ? ? 2.360 ? ? 
metalc4  metalc ? ? A VAL 38  O   ? ? ? 1_555 B CA  . CA ? ? A VAL 38  A CA  201 1_555 ? ? ? ? ? ? ? 2.266 ? ? 
metalc5  metalc ? ? A GLU 43  OE1 ? ? ? 1_555 B CA  . CA ? ? A GLU 43  A CA  201 1_555 ? ? ? ? ? ? ? 2.563 ? ? 
metalc6  metalc ? ? A GLU 43  OE2 ? ? ? 1_555 B CA  . CA ? ? A GLU 43  A CA  201 1_555 ? ? ? ? ? ? ? 2.618 ? ? 
metalc7  metalc ? ? A GLN 57  O   ? ? ? 1_555 C CA  . CA ? ? A GLN 57  A CA  202 1_555 ? ? ? ? ? ? ? 2.264 ? ? 
metalc8  metalc ? ? A GLU 60  OE2 ? ? ? 1_555 C CA  . CA ? ? A GLU 60  A CA  202 1_555 ? ? ? ? ? ? ? 2.376 ? ? 
metalc9  metalc ? ? A GLU 61  OE2 ? ? ? 1_555 C CA  . CA ? ? A GLU 61  A CA  202 1_555 ? ? ? ? ? ? ? 2.416 ? ? 
metalc10 metalc ? ? A GLU 61  OE1 ? ? ? 1_555 C CA  . CA ? ? A GLU 61  A CA  202 1_555 ? ? ? ? ? ? ? 2.737 ? ? 
metalc11 metalc ? ? A ASP 68  OD1 ? ? ? 1_555 D CA  . CA ? ? A ASP 68  A CA  203 1_555 ? ? ? ? ? ? ? 2.323 ? ? 
metalc12 metalc ? ? A ASN 70  OD1 ? ? ? 1_555 D CA  . CA ? ? A ASN 70  A CA  203 1_555 ? ? ? ? ? ? ? 2.365 ? ? 
metalc13 metalc ? ? A ASP 72  OD1 ? ? ? 1_555 D CA  . CA ? ? A ASP 72  A CA  203 1_555 ? ? ? ? ? ? ? 2.352 ? ? 
metalc14 metalc ? ? A LYS 74  O   ? ? ? 1_555 D CA  . CA ? ? A LYS 74  A CA  203 1_555 ? ? ? ? ? ? ? 2.265 ? ? 
metalc15 metalc ? ? A GLU 79  OE1 ? ? ? 1_555 D CA  . CA ? ? A GLU 79  A CA  203 1_555 ? ? ? ? ? ? ? 2.465 ? ? 
metalc16 metalc ? ? A GLU 79  OE2 ? ? ? 1_555 D CA  . CA ? ? A GLU 79  A CA  203 1_555 ? ? ? ? ? ? ? 2.618 ? ? 
metalc17 metalc ? ? A ASP 99  OD1 ? ? ? 1_555 E CA  . CA ? ? A ASP 99  A CA  204 1_555 ? ? ? ? ? ? ? 2.264 ? ? 
metalc18 metalc ? ? A ASN 101 OD1 ? ? ? 1_555 E CA  . CA ? ? A ASN 101 A CA  204 1_555 ? ? ? ? ? ? ? 2.440 ? ? 
metalc19 metalc ? ? A ASP 103 OD1 ? ? ? 1_555 E CA  . CA ? ? A ASP 103 A CA  204 1_555 ? ? ? ? ? ? ? 2.513 ? ? 
metalc20 metalc ? ? A LYS 105 O   ? ? ? 1_555 E CA  . CA ? ? A LYS 105 A CA  204 1_555 ? ? ? ? ? ? ? 2.285 ? ? 
metalc21 metalc ? ? A GLU 110 OE2 ? ? ? 1_555 E CA  . CA ? ? A GLU 110 A CA  204 1_555 ? ? ? ? ? ? ? 2.439 ? ? 
metalc22 metalc ? ? A GLU 110 OE1 ? ? ? 1_555 E CA  . CA ? ? A GLU 110 A CA  204 1_555 ? ? ? ? ? ? ? 2.452 ? ? 
metalc23 metalc ? ? A ASP 135 OD1 ? ? ? 1_555 F CA  . CA ? ? A ASP 135 A CA  205 1_555 ? ? ? ? ? ? ? 2.219 ? ? 
metalc24 metalc ? ? A ASP 137 OD1 ? ? ? 1_555 F CA  . CA ? ? A ASP 137 A CA  205 1_555 ? ? ? ? ? ? ? 2.404 ? ? 
metalc25 metalc ? ? A THR 139 OG1 ? ? ? 1_555 F CA  . CA ? ? A THR 139 A CA  205 1_555 ? ? ? ? ? ? ? 2.485 ? ? 
metalc26 metalc ? ? A THR 141 O   ? ? ? 1_555 F CA  . CA ? ? A THR 141 A CA  205 1_555 ? ? ? ? ? ? ? 2.380 ? ? 
metalc27 metalc ? ? A GLU 146 OE1 ? ? ? 1_555 F CA  . CA ? ? A GLU 146 A CA  205 1_555 ? ? ? ? ? ? ? 2.494 ? ? 
metalc28 metalc ? ? A GLU 146 OE2 ? ? ? 1_555 F CA  . CA ? ? A GLU 146 A CA  205 1_555 ? ? ? ? ? ? ? 2.539 ? ? 
metalc29 metalc ? ? B CA  .   CA  ? ? ? 1_555 H HOH . O  ? ? A CA  201 A HOH 356 1_555 ? ? ? ? ? ? ? 2.362 ? ? 
metalc30 metalc ? ? C CA  .   CA  ? ? ? 1_555 H HOH . O  ? ? A CA  202 A HOH 390 1_555 ? ? ? ? ? ? ? 2.514 ? ? 
metalc31 metalc ? ? D CA  .   CA  ? ? ? 1_555 H HOH . O  ? ? A CA  203 A HOH 324 1_555 ? ? ? ? ? ? ? 2.441 ? ? 
metalc32 metalc ? ? E CA  .   CA  ? ? ? 1_555 H HOH . O  ? ? A CA  204 A HOH 308 1_555 ? ? ? ? ? ? ? 2.408 ? ? 
metalc33 metalc ? ? F CA  .   CA  ? ? ? 1_555 H HOH . O  ? ? A CA  205 A HOH 311 1_555 ? ? ? ? ? ? ? 2.437 ? ? 
# 
_struct_conn_type.id          metalc 
_struct_conn_type.criteria    ? 
_struct_conn_type.reference   ? 
# 
_struct_mon_prot_cis.pdbx_id                1 
_struct_mon_prot_cis.label_comp_id          THR 
_struct_mon_prot_cis.label_seq_id           22 
_struct_mon_prot_cis.label_asym_id          A 
_struct_mon_prot_cis.label_alt_id           . 
_struct_mon_prot_cis.pdbx_PDB_ins_code      ? 
_struct_mon_prot_cis.auth_comp_id           THR 
_struct_mon_prot_cis.auth_seq_id            22 
_struct_mon_prot_cis.auth_asym_id           A 
_struct_mon_prot_cis.pdbx_label_comp_id_2   ARG 
_struct_mon_prot_cis.pdbx_label_seq_id_2    23 
_struct_mon_prot_cis.pdbx_label_asym_id_2   A 
_struct_mon_prot_cis.pdbx_PDB_ins_code_2    ? 
_struct_mon_prot_cis.pdbx_auth_comp_id_2    ARG 
_struct_mon_prot_cis.pdbx_auth_seq_id_2     23 
_struct_mon_prot_cis.pdbx_auth_asym_id_2    A 
_struct_mon_prot_cis.pdbx_PDB_model_num     1 
_struct_mon_prot_cis.pdbx_omega_angle       -29.77 
# 
loop_
_struct_site.id 
_struct_site.pdbx_evidence_code 
_struct_site.pdbx_auth_asym_id 
_struct_site.pdbx_auth_comp_id 
_struct_site.pdbx_auth_seq_id 
_struct_site.pdbx_auth_ins_code 
_struct_site.pdbx_num_residues 
_struct_site.details 
AC1 Software A CA  201 ? 6 'BINDING SITE FOR RESIDUE CA A 201'  
AC2 Software A CA  202 ? 6 'BINDING SITE FOR RESIDUE CA A 202'  
AC3 Software A CA  203 ? 6 'BINDING SITE FOR RESIDUE CA A 203'  
AC4 Software A CA  204 ? 6 'BINDING SITE FOR RESIDUE CA A 204'  
AC5 Software A CA  205 ? 6 'BINDING SITE FOR RESIDUE CA A 205'  
AC6 Software A PEG 206 ? 5 'BINDING SITE FOR RESIDUE PEG A 206' 
# 
loop_
_struct_site_gen.id 
_struct_site_gen.site_id 
_struct_site_gen.pdbx_num_res 
_struct_site_gen.label_comp_id 
_struct_site_gen.label_asym_id 
_struct_site_gen.label_seq_id 
_struct_site_gen.pdbx_auth_ins_code 
_struct_site_gen.auth_comp_id 
_struct_site_gen.auth_asym_id 
_struct_site_gen.auth_seq_id 
_struct_site_gen.label_atom_id 
_struct_site_gen.label_alt_id 
_struct_site_gen.symmetry 
_struct_site_gen.details 
1  AC1 6 ASP A 32  ? ASP A 32  . ? 1_555 ? 
2  AC1 6 ASN A 34  ? ASN A 34  . ? 1_555 ? 
3  AC1 6 ASP A 36  ? ASP A 36  . ? 1_555 ? 
4  AC1 6 VAL A 38  ? VAL A 38  . ? 1_555 ? 
5  AC1 6 GLU A 43  ? GLU A 43  . ? 1_555 ? 
6  AC1 6 HOH H .   ? HOH A 356 . ? 1_555 ? 
7  AC2 6 GLN A 57  ? GLN A 57  . ? 1_555 ? 
8  AC2 6 GLU A 60  ? GLU A 60  . ? 1_555 ? 
9  AC2 6 GLU A 61  ? GLU A 61  . ? 1_555 ? 
10 AC2 6 GLY A 171 ? GLY A 171 . ? 5_665 ? 
11 AC2 6 ASP A 173 ? ASP A 173 . ? 5_665 ? 
12 AC2 6 HOH H .   ? HOH A 390 . ? 1_555 ? 
13 AC3 6 ASP A 68  ? ASP A 68  . ? 1_555 ? 
14 AC3 6 ASN A 70  ? ASN A 70  . ? 1_555 ? 
15 AC3 6 ASP A 72  ? ASP A 72  . ? 1_555 ? 
16 AC3 6 LYS A 74  ? LYS A 74  . ? 1_555 ? 
17 AC3 6 GLU A 79  ? GLU A 79  . ? 1_555 ? 
18 AC3 6 HOH H .   ? HOH A 324 . ? 1_555 ? 
19 AC4 6 ASP A 99  ? ASP A 99  . ? 1_555 ? 
20 AC4 6 ASN A 101 ? ASN A 101 . ? 1_555 ? 
21 AC4 6 ASP A 103 ? ASP A 103 . ? 1_555 ? 
22 AC4 6 LYS A 105 ? LYS A 105 . ? 1_555 ? 
23 AC4 6 GLU A 110 ? GLU A 110 . ? 1_555 ? 
24 AC4 6 HOH H .   ? HOH A 308 . ? 1_555 ? 
25 AC5 6 ASP A 135 ? ASP A 135 . ? 1_555 ? 
26 AC5 6 ASP A 137 ? ASP A 137 . ? 1_555 ? 
27 AC5 6 THR A 139 ? THR A 139 . ? 1_555 ? 
28 AC5 6 THR A 141 ? THR A 141 . ? 1_555 ? 
29 AC5 6 GLU A 146 ? GLU A 146 . ? 1_555 ? 
30 AC5 6 HOH H .   ? HOH A 311 . ? 1_555 ? 
31 AC6 5 LEU A 51  ? LEU A 51  . ? 1_555 ? 
32 AC6 5 GLY A 52  ? GLY A 52  . ? 1_555 ? 
33 AC6 5 SER A 133 ? SER A 133 . ? 1_555 ? 
34 AC6 5 ASP A 135 ? ASP A 135 . ? 1_555 ? 
35 AC6 5 VAL A 136 ? VAL A 136 . ? 1_555 ? 
# 
_atom_sites.entry_id                    4N5X 
_atom_sites.fract_transf_matrix[1][1]   0.01455389 
_atom_sites.fract_transf_matrix[1][2]   -0.01183956 
_atom_sites.fract_transf_matrix[1][3]   -0.01250664 
_atom_sites.fract_transf_matrix[2][1]   -0.00484451 
_atom_sites.fract_transf_matrix[2][2]   -0.00469985 
_atom_sites.fract_transf_matrix[2][3]   -0.02151405 
_atom_sites.fract_transf_matrix[3][1]   0.00396775 
_atom_sites.fract_transf_matrix[3][2]   0.00756749 
_atom_sites.fract_transf_matrix[3][3]   -0.00254661 
_atom_sites.fract_transf_vector[1]      0.950966 
_atom_sites.fract_transf_vector[2]      0.343799 
_atom_sites.fract_transf_vector[3]      0.430400 
# 
loop_
_atom_type.symbol 
C  
CA 
N  
O  
S  
# 
loop_
_atom_site.group_PDB 
_atom_site.id 
_atom_site.type_symbol 
_atom_site.label_atom_id 
_atom_site.label_alt_id 
_atom_site.label_comp_id 
_atom_site.label_asym_id 
_atom_site.label_entity_id 
_atom_site.label_seq_id 
_atom_site.pdbx_PDB_ins_code 
_atom_site.Cartn_x 
_atom_site.Cartn_y 
_atom_site.Cartn_z 
_atom_site.occupancy 
_atom_site.B_iso_or_equiv 
_atom_site.pdbx_formal_charge 
_atom_site.auth_seq_id 
_atom_site.auth_comp_id 
_atom_site.auth_asym_id 
_atom_site.auth_atom_id 
_atom_site.pdbx_PDB_model_num 
ATOM   1    N  N   . THR A 1 22  ? 15.682  0.867   12.178  1.00 57.60 ? 22  THR A N   1 
ATOM   2    C  CA  . THR A 1 22  ? 15.610  -0.499  11.662  1.00 52.53 ? 22  THR A CA  1 
ATOM   3    C  C   . THR A 1 22  ? 15.369  -0.537  10.123  1.00 55.26 ? 22  THR A C   1 
ATOM   4    O  O   . THR A 1 22  ? 16.318  -0.867  9.406   1.00 53.02 ? 22  THR A O   1 
ATOM   5    C  CB  . THR A 1 22  ? 14.758  -1.438  12.586  1.00 57.69 ? 22  THR A CB  1 
ATOM   6    O  OG1 . THR A 1 22  ? 14.076  -2.435  11.814  1.00 47.16 ? 22  THR A OG1 1 
ATOM   7    C  CG2 . THR A 1 22  ? 13.748  -0.620  13.410  1.00 61.98 ? 22  THR A CG2 1 
ATOM   8    N  N   . ARG A 1 23  ? 14.185  -0.233  9.565   1.00 59.48 ? 23  ARG A N   1 
ATOM   9    C  CA  . ARG A 1 23  ? 12.839  -0.392  10.109  1.00 51.51 ? 23  ARG A CA  1 
ATOM   10   C  C   . ARG A 1 23  ? 12.419  -1.675  9.404   1.00 49.77 ? 23  ARG A C   1 
ATOM   11   O  O   . ARG A 1 23  ? 11.649  -2.498  9.912   1.00 45.82 ? 23  ARG A O   1 
ATOM   12   C  CB  . ARG A 1 23  ? 11.932  0.774   9.698   1.00 54.91 ? 23  ARG A CB  1 
ATOM   13   C  CG  . ARG A 1 23  ? 10.439  0.424   9.632   1.00 54.90 ? 23  ARG A CG  1 
ATOM   14   C  CD  . ARG A 1 23  ? 9.571   1.636   9.277   1.00 49.21 ? 23  ARG A CD  1 
ATOM   15   N  NE  . ARG A 1 23  ? 9.976   2.267   8.022   1.00 51.16 ? 23  ARG A NE  1 
ATOM   16   C  CZ  . ARG A 1 23  ? 9.388   2.060   6.845   1.00 45.28 ? 23  ARG A CZ  1 
ATOM   17   N  NH1 . ARG A 1 23  ? 8.348   1.240   6.744   1.00 41.41 ? 23  ARG A NH1 1 
ATOM   18   N  NH2 . ARG A 1 23  ? 9.839   2.683   5.764   1.00 37.80 ? 23  ARG A NH2 1 
ATOM   19   N  N   . TYR A 1 24  ? 12.990  -1.824  8.216   1.00 44.28 ? 24  TYR A N   1 
ATOM   20   C  CA  . TYR A 1 24  ? 12.827  -2.993  7.378   1.00 46.17 ? 24  TYR A CA  1 
ATOM   21   C  C   . TYR A 1 24  ? 13.433  -4.236  8.034   1.00 42.48 ? 24  TYR A C   1 
ATOM   22   O  O   . TYR A 1 24  ? 12.901  -5.334  7.883   1.00 41.29 ? 24  TYR A O   1 
ATOM   23   C  CB  . TYR A 1 24  ? 13.507  -2.750  6.025   1.00 50.68 ? 24  TYR A CB  1 
ATOM   24   C  CG  . TYR A 1 24  ? 13.116  -1.452  5.325   1.00 54.08 ? 24  TYR A CG  1 
ATOM   25   C  CD1 . TYR A 1 24  ? 11.807  -0.976  5.357   1.00 50.74 ? 24  TYR A CD1 1 
ATOM   26   C  CD2 . TYR A 1 24  ? 14.060  -0.711  4.630   1.00 48.55 ? 24  TYR A CD2 1 
ATOM   27   C  CE1 . TYR A 1 24  ? 11.458  0.206   4.708   1.00 48.71 ? 24  TYR A CE1 1 
ATOM   28   C  CE2 . TYR A 1 24  ? 13.724  0.464   3.982   1.00 50.78 ? 24  TYR A CE2 1 
ATOM   29   C  CZ  . TYR A 1 24  ? 12.423  0.921   4.024   1.00 50.21 ? 24  TYR A CZ  1 
ATOM   30   O  OH  . TYR A 1 24  ? 12.101  2.095   3.379   1.00 49.79 ? 24  TYR A OH  1 
ATOM   31   N  N   . GLU A 1 25  ? 14.542  -4.054  8.756   1.00 44.35 ? 25  GLU A N   1 
ATOM   32   C  CA  . GLU A 1 25  ? 15.244  -5.161  9.411   1.00 39.31 ? 25  GLU A CA  1 
ATOM   33   C  C   . GLU A 1 25  ? 14.315  -5.916  10.337  1.00 39.05 ? 25  GLU A C   1 
ATOM   34   O  O   . GLU A 1 25  ? 14.366  -7.139  10.428  1.00 38.43 ? 25  GLU A O   1 
ATOM   35   C  CB  . GLU A 1 25  ? 16.446  -4.654  10.207  1.00 38.21 ? 25  GLU A CB  1 
ATOM   36   C  CG  . GLU A 1 25  ? 17.539  -4.021  9.371   1.00 42.78 ? 25  GLU A CG  1 
ATOM   37   C  CD  . GLU A 1 25  ? 18.613  -3.382  10.227  1.00 51.37 ? 25  GLU A CD  1 
ATOM   38   O  OE1 . GLU A 1 25  ? 19.746  -3.186  9.727   1.00 46.09 ? 25  GLU A OE1 1 
ATOM   39   O  OE2 . GLU A 1 25  ? 18.316  -3.074  11.403  1.00 49.79 ? 25  GLU A OE2 1 
ATOM   40   N  N   . THR A 1 26  ? 13.450  -5.175  11.017  1.00 39.30 ? 26  THR A N   1 
ATOM   41   C  CA  . THR A 1 26  ? 12.440  -5.787  11.855  1.00 41.44 ? 26  THR A CA  1 
ATOM   42   C  C   . THR A 1 26  ? 11.457  -6.601  11.013  1.00 38.52 ? 26  THR A C   1 
ATOM   43   O  O   . THR A 1 26  ? 11.202  -7.768  11.301  1.00 36.92 ? 26  THR A O   1 
ATOM   44   C  CB  . THR A 1 26  ? 11.674  -4.734  12.663  1.00 43.96 ? 26  THR A CB  1 
ATOM   45   O  OG1 . THR A 1 26  ? 12.605  -3.814  13.248  1.00 49.53 ? 26  THR A OG1 1 
ATOM   46   C  CG2 . THR A 1 26  ? 10.856  -5.403  13.759  1.00 47.48 ? 26  THR A CG2 1 
ATOM   47   N  N   . LEU A 1 27  ? 10.904  -5.980  9.977   1.00 36.36 ? 27  LEU A N   1 
ATOM   48   C  CA  . LEU A 1 27  ? 9.978   -6.678  9.093   1.00 36.73 ? 27  LEU A CA  1 
ATOM   49   C  C   . LEU A 1 27  ? 10.628  -7.922  8.478   1.00 30.71 ? 27  LEU A C   1 
ATOM   50   O  O   . LEU A 1 27  ? 10.032  -8.990  8.462   1.00 28.67 ? 27  LEU A O   1 
ATOM   51   C  CB  . LEU A 1 27  ? 9.469   -5.745  7.990   1.00 33.44 ? 27  LEU A CB  1 
ATOM   52   C  CG  . LEU A 1 27  ? 8.365   -4.752  8.360   1.00 39.82 ? 27  LEU A CG  1 
ATOM   53   C  CD1 . LEU A 1 27  ? 8.181   -3.762  7.237   1.00 35.43 ? 27  LEU A CD1 1 
ATOM   54   C  CD2 . LEU A 1 27  ? 7.054   -5.475  8.651   1.00 32.78 ? 27  LEU A CD2 1 
ATOM   55   N  N   . PHE A 1 28  ? 11.860  -7.776  8.000   1.00 29.81 ? 28  PHE A N   1 
ATOM   56   C  CA  . PHE A 1 28  ? 12.544  -8.870  7.322   1.00 27.28 ? 28  PHE A CA  1 
ATOM   57   C  C   . PHE A 1 28  ? 12.655  -10.096 8.217   1.00 33.74 ? 28  PHE A C   1 
ATOM   58   O  O   . PHE A 1 28  ? 12.283  -11.200 7.811   1.00 27.69 ? 28  PHE A O   1 
ATOM   59   C  CB  . PHE A 1 28  ? 13.927  -8.434  6.839   1.00 24.09 ? 28  PHE A CB  1 
ATOM   60   C  CG  . PHE A 1 28  ? 14.602  -9.442  5.941   1.00 28.19 ? 28  PHE A CG  1 
ATOM   61   C  CD1 . PHE A 1 28  ? 14.250  -9.547  4.599   1.00 23.86 ? 28  PHE A CD1 1 
ATOM   62   C  CD2 . PHE A 1 28  ? 15.588  -10.285 6.436   1.00 25.40 ? 28  PHE A CD2 1 
ATOM   63   C  CE1 . PHE A 1 28  ? 14.874  -10.477 3.763   1.00 24.48 ? 28  PHE A CE1 1 
ATOM   64   C  CE2 . PHE A 1 28  ? 16.208  -11.225 5.612   1.00 25.60 ? 28  PHE A CE2 1 
ATOM   65   C  CZ  . PHE A 1 28  ? 15.857  -11.318 4.273   1.00 19.58 ? 28  PHE A CZ  1 
ATOM   66   N  N   . GLN A 1 29  ? 13.144  -9.892  9.440   1.00 33.03 ? 29  GLN A N   1 
ATOM   67   C  CA  . GLN A 1 29  ? 13.320  -10.983 10.393  1.00 33.88 ? 29  GLN A CA  1 
ATOM   68   C  C   . GLN A 1 29  ? 12.001  -11.634 10.778  1.00 27.20 ? 29  GLN A C   1 
ATOM   69   O  O   . GLN A 1 29  ? 11.948  -12.840 10.991  1.00 30.63 ? 29  GLN A O   1 
ATOM   70   C  CB  . GLN A 1 29  ? 14.032  -10.492 11.649  1.00 38.09 ? 29  GLN A CB  1 
ATOM   71   C  CG  . GLN A 1 29  ? 15.474  -10.083 11.423  1.00 47.61 ? 29  GLN A CG  1 
ATOM   72   C  CD  . GLN A 1 29  ? 16.193  -9.787  12.726  1.00 60.68 ? 29  GLN A CD  1 
ATOM   73   O  OE1 . GLN A 1 29  ? 16.596  -10.704 13.449  1.00 63.95 ? 29  GLN A OE1 1 
ATOM   74   N  NE2 . GLN A 1 29  ? 16.346  -8.503  13.041  1.00 56.21 ? 29  GLN A NE2 1 
ATOM   75   N  N   . ALA A 1 30  ? 10.942  -10.835 10.878  1.00 31.57 ? 30  ALA A N   1 
ATOM   76   C  CA  . ALA A 1 30  ? 9.615   -11.370 11.178  1.00 29.36 ? 30  ALA A CA  1 
ATOM   77   C  C   . ALA A 1 30  ? 9.140   -12.279 10.048  1.00 28.40 ? 30  ALA A C   1 
ATOM   78   O  O   . ALA A 1 30  ? 8.497   -13.297 10.287  1.00 33.18 ? 30  ALA A O   1 
ATOM   79   C  CB  . ALA A 1 30  ? 8.620   -10.241 11.409  1.00 30.69 ? 30  ALA A CB  1 
ATOM   80   N  N   . LEU A 1 31  ? 9.482   -11.901 8.818   1.00 30.17 ? 31  LEU A N   1 
ATOM   81   C  CA  . LEU A 1 31  ? 9.125   -12.669 7.628   1.00 24.93 ? 31  LEU A CA  1 
ATOM   82   C  C   . LEU A 1 31  ? 9.961   -13.936 7.486   1.00 25.25 ? 31  LEU A C   1 
ATOM   83   O  O   . LEU A 1 31  ? 9.447   -14.988 7.110   1.00 27.39 ? 31  LEU A O   1 
ATOM   84   C  CB  . LEU A 1 31  ? 9.311   -11.805 6.380   1.00 25.14 ? 31  LEU A CB  1 
ATOM   85   C  CG  . LEU A 1 31  ? 8.112   -11.135 5.693   1.00 27.74 ? 31  LEU A CG  1 
ATOM   86   C  CD1 . LEU A 1 31  ? 6.792   -11.330 6.432   1.00 18.81 ? 31  LEU A CD1 1 
ATOM   87   C  CD2 . LEU A 1 31  ? 8.385   -9.661  5.446   1.00 26.91 ? 31  LEU A CD2 1 
ATOM   88   N  N   . ASP A 1 32  ? 11.256  -13.836 7.765   1.00 26.47 ? 32  ASP A N   1 
ATOM   89   C  CA  . ASP A 1 32  ? 12.149  -14.985 7.620   1.00 30.63 ? 32  ASP A CA  1 
ATOM   90   C  C   . ASP A 1 32  ? 11.909  -16.013 8.721   1.00 29.38 ? 32  ASP A C   1 
ATOM   91   O  O   . ASP A 1 32  ? 12.718  -16.154 9.632   1.00 32.23 ? 32  ASP A O   1 
ATOM   92   C  CB  . ASP A 1 32  ? 13.611  -14.538 7.606   1.00 26.45 ? 32  ASP A CB  1 
ATOM   93   C  CG  . ASP A 1 32  ? 14.578  -15.696 7.467   1.00 29.75 ? 32  ASP A CG  1 
ATOM   94   O  OD1 . ASP A 1 32  ? 14.141  -16.818 7.128   1.00 27.14 ? 32  ASP A OD1 1 
ATOM   95   O  OD2 . ASP A 1 32  ? 15.784  -15.486 7.700   1.00 29.57 ? 32  ASP A OD2 1 
ATOM   96   N  N   . ARG A 1 33  ? 10.808  -16.751 8.611   1.00 28.79 ? 33  ARG A N   1 
ATOM   97   C  CA  . ARG A 1 33  ? 10.382  -17.656 9.675   1.00 30.99 ? 33  ARG A CA  1 
ATOM   98   C  C   . ARG A 1 33  ? 11.357  -18.793 9.985   1.00 33.01 ? 33  ARG A C   1 
ATOM   99   O  O   . ARG A 1 33  ? 11.580  -19.112 11.148  1.00 32.82 ? 33  ARG A O   1 
ATOM   100  C  CB  . ARG A 1 33  ? 8.985   -18.216 9.396   1.00 32.60 ? 33  ARG A CB  1 
ATOM   101  C  CG  . ARG A 1 33  ? 7.986   -17.904 10.502  1.00 47.09 ? 33  ARG A CG  1 
ATOM   102  C  CD  . ARG A 1 33  ? 6.667   -18.632 10.307  1.00 58.23 ? 33  ARG A CD  1 
ATOM   103  N  NE  . ARG A 1 33  ? 6.052   -18.966 11.589  1.00 68.41 ? 33  ARG A NE  1 
ATOM   104  C  CZ  . ARG A 1 33  ? 5.249   -18.154 12.271  1.00 77.45 ? 33  ARG A CZ  1 
ATOM   105  N  NH1 . ARG A 1 33  ? 4.952   -16.952 11.790  1.00 77.48 ? 33  ARG A NH1 1 
ATOM   106  N  NH2 . ARG A 1 33  ? 4.738   -18.548 13.433  1.00 78.04 ? 33  ARG A NH2 1 
ATOM   107  N  N   . ASN A 1 34  ? 11.935  -19.408 8.959   1.00 28.64 ? 34  ASN A N   1 
ATOM   108  C  CA  . ASN A 1 34  ? 12.888  -20.499 9.187   1.00 30.15 ? 34  ASN A CA  1 
ATOM   109  C  C   . ASN A 1 34  ? 14.316  -20.025 9.475   1.00 33.72 ? 34  ASN A C   1 
ATOM   110  O  O   . ASN A 1 34  ? 15.238  -20.835 9.606   1.00 37.89 ? 34  ASN A O   1 
ATOM   111  C  CB  . ASN A 1 34  ? 12.874  -21.502 8.023   1.00 34.14 ? 34  ASN A CB  1 
ATOM   112  C  CG  . ASN A 1 34  ? 13.487  -20.944 6.738   1.00 29.24 ? 34  ASN A CG  1 
ATOM   113  O  OD1 . ASN A 1 34  ? 14.009  -19.831 6.702   1.00 26.65 ? 34  ASN A OD1 1 
ATOM   114  N  ND2 . ASN A 1 34  ? 13.426  -21.733 5.678   1.00 27.07 ? 34  ASN A ND2 1 
ATOM   115  N  N   . GLY A 1 35  ? 14.487  -18.707 9.539   1.00 32.40 ? 35  GLY A N   1 
ATOM   116  C  CA  . GLY A 1 35  ? 15.764  -18.088 9.835   1.00 25.58 ? 35  GLY A CA  1 
ATOM   117  C  C   . GLY A 1 35  ? 16.935  -18.445 8.937   1.00 33.18 ? 35  GLY A C   1 
ATOM   118  O  O   . GLY A 1 35  ? 18.071  -18.474 9.404   1.00 32.36 ? 35  GLY A O   1 
ATOM   119  N  N   . ASP A 1 36  ? 16.689  -18.718 7.658   1.00 31.59 ? 36  ASP A N   1 
ATOM   120  C  CA  . ASP A 1 36  ? 17.802  -19.001 6.754   1.00 24.20 ? 36  ASP A CA  1 
ATOM   121  C  C   . ASP A 1 36  ? 18.409  -17.742 6.144   1.00 28.61 ? 36  ASP A C   1 
ATOM   122  O  O   . ASP A 1 36  ? 19.267  -17.828 5.263   1.00 29.37 ? 36  ASP A O   1 
ATOM   123  C  CB  . ASP A 1 36  ? 17.433  -20.019 5.662   1.00 29.81 ? 36  ASP A CB  1 
ATOM   124  C  CG  . ASP A 1 36  ? 16.312  -19.538 4.752   1.00 29.87 ? 36  ASP A CG  1 
ATOM   125  O  OD1 . ASP A 1 36  ? 15.927  -18.354 4.825   1.00 25.02 ? 36  ASP A OD1 1 
ATOM   126  O  OD2 . ASP A 1 36  ? 15.820  -20.353 3.946   1.00 27.60 ? 36  ASP A OD2 1 
ATOM   127  N  N   . GLY A 1 37  ? 17.958  -16.577 6.601   1.00 24.80 ? 37  GLY A N   1 
ATOM   128  C  CA  . GLY A 1 37  ? 18.535  -15.328 6.150   1.00 22.42 ? 37  GLY A CA  1 
ATOM   129  C  C   . GLY A 1 37  ? 17.919  -14.714 4.904   1.00 29.02 ? 37  GLY A C   1 
ATOM   130  O  O   . GLY A 1 37  ? 18.294  -13.611 4.504   1.00 25.31 ? 37  GLY A O   1 
ATOM   131  N  N   . VAL A 1 38  ? 16.988  -15.423 4.276   1.00 25.37 ? 38  VAL A N   1 
ATOM   132  C  CA  . VAL A 1 38  ? 16.287  -14.885 3.114   1.00 20.66 ? 38  VAL A CA  1 
ATOM   133  C  C   . VAL A 1 38  ? 14.789  -15.093 3.257   1.00 27.31 ? 38  VAL A C   1 
ATOM   134  O  O   . VAL A 1 38  ? 14.328  -15.886 4.091   1.00 20.57 ? 38  VAL A O   1 
ATOM   135  C  CB  . VAL A 1 38  ? 16.760  -15.525 1.787   1.00 23.39 ? 38  VAL A CB  1 
ATOM   136  C  CG1 . VAL A 1 38  ? 18.213  -15.213 1.549   1.00 24.06 ? 38  VAL A CG1 1 
ATOM   137  C  CG2 . VAL A 1 38  ? 16.526  -17.022 1.802   1.00 21.04 ? 38  VAL A CG2 1 
ATOM   138  N  N   . VAL A 1 39  ? 14.024  -14.373 2.448   1.00 21.20 ? 39  VAL A N   1 
ATOM   139  C  CA  . VAL A 1 39  ? 12.581  -14.517 2.485   1.00 18.71 ? 39  VAL A CA  1 
ATOM   140  C  C   . VAL A 1 39  ? 12.109  -15.227 1.223   1.00 21.41 ? 39  VAL A C   1 
ATOM   141  O  O   . VAL A 1 39  ? 12.365  -14.758 0.113   1.00 17.32 ? 39  VAL A O   1 
ATOM   142  C  CB  . VAL A 1 39  ? 11.875  -13.149 2.637   1.00 19.92 ? 39  VAL A CB  1 
ATOM   143  C  CG1 . VAL A 1 39  ? 10.376  -13.312 2.436   1.00 18.91 ? 39  VAL A CG1 1 
ATOM   144  C  CG2 . VAL A 1 39  ? 12.185  -12.545 4.008   1.00 17.35 ? 39  VAL A CG2 1 
ATOM   145  N  N   . ASP A 1 40  ? 11.441  -16.369 1.386   1.00 16.15 ? 40  ASP A N   1 
ATOM   146  C  CA  . ASP A 1 40  ? 10.953  -17.089 0.226   1.00 15.42 ? 40  ASP A CA  1 
ATOM   147  C  C   . ASP A 1 40  ? 9.503   -16.693 -0.036  1.00 15.90 ? 40  ASP A C   1 
ATOM   148  O  O   . ASP A 1 40  ? 8.879   -16.005 0.783   1.00 14.42 ? 40  ASP A O   1 
ATOM   149  C  CB  . ASP A 1 40  ? 11.167  -18.618 0.337   1.00 15.91 ? 40  ASP A CB  1 
ATOM   150  C  CG  . ASP A 1 40  ? 10.404  -19.240 1.486   1.00 17.96 ? 40  ASP A CG  1 
ATOM   151  O  OD1 . ASP A 1 40  ? 9.198   -18.941 1.637   1.00 18.60 ? 40  ASP A OD1 1 
ATOM   152  O  OD2 . ASP A 1 40  ? 11.009  -20.038 2.238   1.00 19.13 ? 40  ASP A OD2 1 
ATOM   153  N  N   . ILE A 1 41  ? 8.976   -17.099 -1.181  1.00 13.49 ? 41  ILE A N   1 
ATOM   154  C  CA  . ILE A 1 41  ? 7.678   -16.598 -1.609  1.00 13.55 ? 41  ILE A CA  1 
ATOM   155  C  C   . ILE A 1 41  ? 6.572   -17.072 -0.663  1.00 15.33 ? 41  ILE A C   1 
ATOM   156  O  O   . ILE A 1 41  ? 5.576   -16.375 -0.463  1.00 16.18 ? 41  ILE A O   1 
ATOM   157  C  CB  . ILE A 1 41  ? 7.383   -16.939 -3.095  1.00 17.93 ? 41  ILE A CB  1 
ATOM   158  C  CG1 . ILE A 1 41  ? 6.257   -16.049 -3.632  1.00 16.02 ? 41  ILE A CG1 1 
ATOM   159  C  CG2 . ILE A 1 41  ? 7.111   -18.447 -3.281  1.00 16.24 ? 41  ILE A CG2 1 
ATOM   160  C  CD1 . ILE A 1 41  ? 5.999   -16.207 -5.105  1.00 17.36 ? 41  ILE A CD1 1 
ATOM   161  N  N   . GLY A 1 42  ? 6.781   -18.236 -0.051  1.00 15.86 ? 42  GLY A N   1 
ATOM   162  C  CA  . GLY A 1 42  ? 5.833   -18.785 0.901   1.00 16.76 ? 42  GLY A CA  1 
ATOM   163  C  C   . GLY A 1 42  ? 5.820   -17.988 2.188   1.00 19.39 ? 42  GLY A C   1 
ATOM   164  O  O   . GLY A 1 42  ? 4.759   -17.710 2.755   1.00 16.09 ? 42  GLY A O   1 
ATOM   165  N  N   . GLU A 1 43  ? 7.010   -17.632 2.652   1.00 14.22 ? 43  GLU A N   1 
ATOM   166  C  CA  . GLU A 1 43  ? 7.158   -16.785 3.825   1.00 15.61 ? 43  GLU A CA  1 
ATOM   167  C  C   . GLU A 1 43  ? 6.508   -15.414 3.600   1.00 18.89 ? 43  GLU A C   1 
ATOM   168  O  O   . GLU A 1 43  ? 5.835   -14.886 4.487   1.00 16.16 ? 43  GLU A O   1 
ATOM   169  C  CB  . GLU A 1 43  ? 8.640   -16.632 4.167   1.00 17.80 ? 43  GLU A CB  1 
ATOM   170  C  CG  . GLU A 1 43  ? 9.265   -17.886 4.774   1.00 17.05 ? 43  GLU A CG  1 
ATOM   171  C  CD  . GLU A 1 43  ? 10.735  -17.706 5.034   1.00 22.84 ? 43  GLU A CD  1 
ATOM   172  O  OE1 . GLU A 1 43  ? 11.368  -16.967 4.255   1.00 19.87 ? 43  GLU A OE1 1 
ATOM   173  O  OE2 . GLU A 1 43  ? 11.249  -18.280 6.021   1.00 25.29 ? 43  GLU A OE2 1 
ATOM   174  N  N   . LEU A 1 44  ? 6.703   -14.843 2.412   1.00 12.39 ? 44  LEU A N   1 
ATOM   175  C  CA  . LEU A 1 44  ? 6.055   -13.578 2.096   1.00 14.27 ? 44  LEU A CA  1 
ATOM   176  C  C   . LEU A 1 44  ? 4.550   -13.779 2.073   1.00 18.17 ? 44  LEU A C   1 
ATOM   177  O  O   . LEU A 1 44  ? 3.804   -12.947 2.584   1.00 14.54 ? 44  LEU A O   1 
ATOM   178  C  CB  . LEU A 1 44  ? 6.537   -13.015 0.768   1.00 13.35 ? 44  LEU A CB  1 
ATOM   179  C  CG  . LEU A 1 44  ? 5.918   -11.658 0.398   1.00 18.68 ? 44  LEU A CG  1 
ATOM   180  C  CD1 . LEU A 1 44  ? 6.196   -10.609 1.490   1.00 12.35 ? 44  LEU A CD1 1 
ATOM   181  C  CD2 . LEU A 1 44  ? 6.441   -11.183 -0.956  1.00 13.76 ? 44  LEU A CD2 1 
ATOM   182  N  N   . GLN A 1 45  ? 4.109   -14.892 1.489   1.00 15.46 ? 45  GLN A N   1 
ATOM   183  C  CA  . GLN A 1 45  ? 2.682   -15.189 1.417   1.00 15.90 ? 45  GLN A CA  1 
ATOM   184  C  C   . GLN A 1 45  ? 2.051   -15.188 2.803   1.00 20.22 ? 45  GLN A C   1 
ATOM   185  O  O   . GLN A 1 45  ? 1.017   -14.569 3.013   1.00 19.28 ? 45  GLN A O   1 
ATOM   186  C  CB  . GLN A 1 45  ? 2.431   -16.524 0.732   1.00 12.75 ? 45  GLN A CB  1 
ATOM   187  C  CG  . GLN A 1 45  ? 0.957   -16.914 0.666   1.00 14.41 ? 45  GLN A CG  1 
ATOM   188  C  CD  . GLN A 1 45  ? 0.769   -18.332 0.159   1.00 16.34 ? 45  GLN A CD  1 
ATOM   189  O  OE1 . GLN A 1 45  ? 0.227   -19.185 0.860   1.00 15.86 ? 45  GLN A OE1 1 
ATOM   190  N  NE2 . GLN A 1 45  ? 1.239   -18.597 -1.060  1.00 15.74 ? 45  GLN A NE2 1 
ATOM   191  N  N   . GLU A 1 46  ? 2.695   -15.873 3.742   1.00 15.99 ? 46  GLU A N   1 
ATOM   192  C  CA  . GLU A 1 46  ? 2.250   -15.895 5.127   1.00 18.07 ? 46  GLU A CA  1 
ATOM   193  C  C   . GLU A 1 46  ? 2.226   -14.501 5.761   1.00 23.77 ? 46  GLU A C   1 
ATOM   194  O  O   . GLU A 1 46  ? 1.296   -14.162 6.497   1.00 20.16 ? 46  GLU A O   1 
ATOM   195  C  CB  . GLU A 1 46  ? 3.123   -16.844 5.953   1.00 23.01 ? 46  GLU A CB  1 
ATOM   196  C  CG  . GLU A 1 46  ? 2.802   -18.310 5.742   1.00 27.15 ? 46  GLU A CG  1 
ATOM   197  C  CD  . GLU A 1 46  ? 1.428   -18.682 6.273   1.00 29.85 ? 46  GLU A CD  1 
ATOM   198  O  OE1 . GLU A 1 46  ? 1.031   -18.113 7.303   1.00 28.97 ? 46  GLU A OE1 1 
ATOM   199  O  OE2 . GLU A 1 46  ? 0.734   -19.518 5.651   1.00 34.32 ? 46  GLU A OE2 1 
ATOM   200  N  N   . GLY A 1 47  ? 3.243   -13.695 5.483   1.00 18.50 ? 47  GLY A N   1 
ATOM   201  C  CA  . GLY A 1 47  ? 3.270   -12.339 6.008   1.00 20.23 ? 47  GLY A CA  1 
ATOM   202  C  C   . GLY A 1 47  ? 2.066   -11.517 5.579   1.00 24.17 ? 47  GLY A C   1 
ATOM   203  O  O   . GLY A 1 47  ? 1.447   -10.845 6.403   1.00 23.02 ? 47  GLY A O   1 
ATOM   204  N  N   . LEU A 1 48  ? 1.741   -11.573 4.284   1.00 23.58 ? 48  LEU A N   1 
ATOM   205  C  CA  . LEU A 1 48  ? 0.618   -10.837 3.702   1.00 21.09 ? 48  LEU A CA  1 
ATOM   206  C  C   . LEU A 1 48  ? -0.682  -11.232 4.373   1.00 27.38 ? 48  LEU A C   1 
ATOM   207  O  O   . LEU A 1 48  ? -1.577  -10.406 4.583   1.00 25.67 ? 48  LEU A O   1 
ATOM   208  C  CB  . LEU A 1 48  ? 0.513   -11.130 2.203   1.00 19.33 ? 48  LEU A CB  1 
ATOM   209  C  CG  . LEU A 1 48  ? 1.174   -10.157 1.224   1.00 25.78 ? 48  LEU A CG  1 
ATOM   210  C  CD1 . LEU A 1 48  ? 2.412   -9.521  1.837   1.00 28.39 ? 48  LEU A CD1 1 
ATOM   211  C  CD2 . LEU A 1 48  ? 1.536   -10.866 -0.068  1.00 18.67 ? 48  LEU A CD2 1 
ATOM   212  N  N   . ARG A 1 49  ? -0.770  -12.518 4.688   1.00 26.53 ? 49  ARG A N   1 
ATOM   213  C  CA  . ARG A 1 49  ? -1.924  -13.116 5.334   1.00 30.56 ? 49  ARG A CA  1 
ATOM   214  C  C   . ARG A 1 49  ? -2.196  -12.442 6.688   1.00 31.22 ? 49  ARG A C   1 
ATOM   215  O  O   . ARG A 1 49  ? -3.348  -12.260 7.092   1.00 32.53 ? 49  ARG A O   1 
ATOM   216  C  CB  . ARG A 1 49  ? -1.654  -14.618 5.500   1.00 26.24 ? 49  ARG A CB  1 
ATOM   217  C  CG  . ARG A 1 49  ? -2.715  -15.404 6.226   1.00 34.67 ? 49  ARG A CG  1 
ATOM   218  C  CD  . ARG A 1 49  ? -2.206  -16.812 6.534   1.00 31.29 ? 49  ARG A CD  1 
ATOM   219  N  NE  . ARG A 1 49  ? -3.208  -17.633 7.210   1.00 47.32 ? 49  ARG A NE  1 
ATOM   220  C  CZ  . ARG A 1 49  ? -3.103  -18.949 7.399   1.00 49.01 ? 49  ARG A CZ  1 
ATOM   221  N  NH1 . ARG A 1 49  ? -2.034  -19.612 6.955   1.00 40.10 ? 49  ARG A NH1 1 
ATOM   222  N  NH2 . ARG A 1 49  ? -4.075  -19.604 8.022   1.00 44.80 ? 49  ARG A NH2 1 
ATOM   223  N  N   . ASN A 1 50  ? -1.129  -12.038 7.371   1.00 29.12 ? 50  ASN A N   1 
ATOM   224  C  CA  . ASN A 1 50  ? -1.267  -11.426 8.691   1.00 34.22 ? 50  ASN A CA  1 
ATOM   225  C  C   . ASN A 1 50  ? -1.754  -9.973  8.689   1.00 37.37 ? 50  ASN A C   1 
ATOM   226  O  O   . ASN A 1 50  ? -2.073  -9.422  9.748   1.00 37.40 ? 50  ASN A O   1 
ATOM   227  C  CB  . ASN A 1 50  ? 0.047   -11.530 9.465   1.00 35.57 ? 50  ASN A CB  1 
ATOM   228  C  CG  . ASN A 1 50  ? 0.385   -12.957 9.835   1.00 36.04 ? 50  ASN A CG  1 
ATOM   229  O  OD1 . ASN A 1 50  ? -0.462  -13.850 9.746   1.00 32.87 ? 50  ASN A OD1 1 
ATOM   230  N  ND2 . ASN A 1 50  ? 1.623   -13.180 10.264  1.00 44.73 ? 50  ASN A ND2 1 
ATOM   231  N  N   . LEU A 1 51  ? -1.814  -9.356  7.512   1.00 30.33 ? 51  LEU A N   1 
ATOM   232  C  CA  . LEU A 1 51  ? -2.170  -7.939  7.408   1.00 31.63 ? 51  LEU A CA  1 
ATOM   233  C  C   . LEU A 1 51  ? -3.667  -7.697  7.511   1.00 32.76 ? 51  LEU A C   1 
ATOM   234  O  O   . LEU A 1 51  ? -4.107  -6.615  7.916   1.00 31.29 ? 51  LEU A O   1 
ATOM   235  C  CB  . LEU A 1 51  ? -1.662  -7.360  6.083   1.00 30.45 ? 51  LEU A CB  1 
ATOM   236  C  CG  . LEU A 1 51  ? -0.162  -7.508  5.836   1.00 25.10 ? 51  LEU A CG  1 
ATOM   237  C  CD1 . LEU A 1 51  ? 0.176   -7.133  4.399   1.00 28.09 ? 51  LEU A CD1 1 
ATOM   238  C  CD2 . LEU A 1 51  ? 0.622   -6.670  6.817   1.00 28.10 ? 51  LEU A CD2 1 
ATOM   239  N  N   . GLY A 1 52  ? -4.451  -8.695  7.119   1.00 33.08 ? 52  GLY A N   1 
ATOM   240  C  CA  . GLY A 1 52  ? -5.897  -8.574  7.133   1.00 31.76 ? 52  GLY A CA  1 
ATOM   241  C  C   . GLY A 1 52  ? -6.427  -7.593  6.102   1.00 30.50 ? 52  GLY A C   1 
ATOM   242  O  O   . GLY A 1 52  ? -7.480  -6.991  6.292   1.00 31.77 ? 52  GLY A O   1 
ATOM   243  N  N   . ILE A 1 53  ? -5.686  -7.433  5.009   1.00 30.48 ? 53  ILE A N   1 
ATOM   244  C  CA  . ILE A 1 53  ? -6.082  -6.552  3.918   1.00 25.50 ? 53  ILE A CA  1 
ATOM   245  C  C   . ILE A 1 53  ? -6.368  -7.444  2.719   1.00 27.52 ? 53  ILE A C   1 
ATOM   246  O  O   . ILE A 1 53  ? -5.612  -8.372  2.450   1.00 25.30 ? 53  ILE A O   1 
ATOM   247  C  CB  . ILE A 1 53  ? -4.943  -5.549  3.594   1.00 26.70 ? 53  ILE A CB  1 
ATOM   248  C  CG1 . ILE A 1 53  ? -4.680  -4.635  4.800   1.00 29.73 ? 53  ILE A CG1 1 
ATOM   249  C  CG2 . ILE A 1 53  ? -5.249  -4.724  2.334   1.00 22.27 ? 53  ILE A CG2 1 
ATOM   250  C  CD1 . ILE A 1 53  ? -3.372  -3.856  4.721   1.00 27.23 ? 53  ILE A CD1 1 
ATOM   251  N  N   . PRO A 1 54  ? -7.470  -7.182  1.996   1.00 27.24 ? 54  PRO A N   1 
ATOM   252  C  CA  . PRO A 1 54  ? -7.799  -8.062  0.868   1.00 24.35 ? 54  PRO A CA  1 
ATOM   253  C  C   . PRO A 1 54  ? -6.859  -7.914  -0.345  1.00 24.08 ? 54  PRO A C   1 
ATOM   254  O  O   . PRO A 1 54  ? -7.184  -7.188  -1.276  1.00 29.31 ? 54  PRO A O   1 
ATOM   255  C  CB  . PRO A 1 54  ? -9.226  -7.635  0.497   1.00 22.59 ? 54  PRO A CB  1 
ATOM   256  C  CG  . PRO A 1 54  ? -9.340  -6.211  0.988   1.00 23.01 ? 54  PRO A CG  1 
ATOM   257  C  CD  . PRO A 1 54  ? -8.495  -6.143  2.222   1.00 25.49 ? 54  PRO A CD  1 
ATOM   258  N  N   . LEU A 1 55  ? -5.714  -8.588  -0.332  1.00 24.76 ? 55  LEU A N   1 
ATOM   259  C  CA  . LEU A 1 55  ? -4.850  -8.635  -1.507  1.00 24.06 ? 55  LEU A CA  1 
ATOM   260  C  C   . LEU A 1 55  ? -5.231  -9.841  -2.363  1.00 24.57 ? 55  LEU A C   1 
ATOM   261  O  O   . LEU A 1 55  ? -5.863  -10.778 -1.876  1.00 23.47 ? 55  LEU A O   1 
ATOM   262  C  CB  . LEU A 1 55  ? -3.371  -8.737  -1.110  1.00 24.94 ? 55  LEU A CB  1 
ATOM   263  C  CG  . LEU A 1 55  ? -2.662  -7.614  -0.343  1.00 25.86 ? 55  LEU A CG  1 
ATOM   264  C  CD1 . LEU A 1 55  ? -3.158  -6.223  -0.746  1.00 19.24 ? 55  LEU A CD1 1 
ATOM   265  C  CD2 . LEU A 1 55  ? -2.747  -7.817  1.150   1.00 28.80 ? 55  LEU A CD2 1 
ATOM   266  N  N   . GLY A 1 56  ? -4.849  -9.819  -3.636  1.00 25.84 ? 56  GLY A N   1 
ATOM   267  C  CA  . GLY A 1 56  ? -5.052  -10.970 -4.500  1.00 20.29 ? 56  GLY A CA  1 
ATOM   268  C  C   . GLY A 1 56  ? -4.091  -12.085 -4.115  1.00 22.90 ? 56  GLY A C   1 
ATOM   269  O  O   . GLY A 1 56  ? -3.070  -11.844 -3.469  1.00 23.74 ? 56  GLY A O   1 
ATOM   270  N  N   . GLN A 1 57  ? -4.400  -13.311 -4.513  1.00 17.99 ? 57  GLN A N   1 
ATOM   271  C  CA  . GLN A 1 57  ? -3.515  -14.433 -4.207  1.00 21.99 ? 57  GLN A CA  1 
ATOM   272  C  C   . GLN A 1 57  ? -2.244  -14.443 -5.081  1.00 19.12 ? 57  GLN A C   1 
ATOM   273  O  O   . GLN A 1 57  ? -1.432  -15.354 -4.971  1.00 19.66 ? 57  GLN A O   1 
ATOM   274  C  CB  . GLN A 1 57  ? -4.261  -15.777 -4.301  1.00 16.84 ? 57  GLN A CB  1 
ATOM   275  C  CG  . GLN A 1 57  ? -5.398  -15.917 -3.303  1.00 18.85 ? 57  GLN A CG  1 
ATOM   276  C  CD  . GLN A 1 57  ? -6.638  -15.143 -3.714  1.00 20.84 ? 57  GLN A CD  1 
ATOM   277  O  OE1 . GLN A 1 57  ? -7.100  -15.261 -4.846  1.00 20.05 ? 57  GLN A OE1 1 
ATOM   278  N  NE2 . GLN A 1 57  ? -7.173  -14.334 -2.799  1.00 19.43 ? 57  GLN A NE2 1 
ATOM   279  N  N   . ASP A 1 58  ? -2.080  -13.428 -5.933  1.00 20.40 ? 58  ASP A N   1 
ATOM   280  C  CA  . ASP A 1 58  ? -0.849  -13.254 -6.722  1.00 18.54 ? 58  ASP A CA  1 
ATOM   281  C  C   . ASP A 1 58  ? -0.004  -12.068 -6.237  1.00 18.87 ? 58  ASP A C   1 
ATOM   282  O  O   . ASP A 1 58  ? 0.884   -11.575 -6.945  1.00 15.68 ? 58  ASP A O   1 
ATOM   283  C  CB  . ASP A 1 58  ? -1.181  -13.096 -8.206  1.00 23.02 ? 58  ASP A CB  1 
ATOM   284  C  CG  . ASP A 1 58  ? -2.003  -11.846 -8.493  1.00 26.25 ? 58  ASP A CG  1 
ATOM   285  O  OD1 . ASP A 1 58  ? -2.594  -11.274 -7.549  1.00 23.56 ? 58  ASP A OD1 1 
ATOM   286  O  OD2 . ASP A 1 58  ? -2.065  -11.445 -9.675  1.00 26.56 ? 58  ASP A OD2 1 
ATOM   287  N  N   . ALA A 1 59  ? -0.273  -11.614 -5.021  1.00 14.77 ? 59  ALA A N   1 
ATOM   288  C  CA  . ALA A 1 59  ? 0.387   -10.425 -4.522  1.00 16.41 ? 59  ALA A CA  1 
ATOM   289  C  C   . ALA A 1 59  ? 1.872   -10.673 -4.232  1.00 12.88 ? 59  ALA A C   1 
ATOM   290  O  O   . ALA A 1 59  ? 2.719   -9.881  -4.635  1.00 12.37 ? 59  ALA A O   1 
ATOM   291  C  CB  . ALA A 1 59  ? -0.356  -9.863  -3.302  1.00 16.50 ? 59  ALA A CB  1 
ATOM   292  N  N   . GLU A 1 60  ? 2.187   -11.782 -3.574  1.00 12.13 ? 60  GLU A N   1 
ATOM   293  C  CA  . GLU A 1 60  ? 3.591   -12.124 -3.334  1.00 15.61 ? 60  GLU A CA  1 
ATOM   294  C  C   . GLU A 1 60  ? 4.336   -12.445 -4.644  1.00 14.39 ? 60  GLU A C   1 
ATOM   295  O  O   . GLU A 1 60  ? 5.526   -12.153 -4.782  1.00 13.80 ? 60  GLU A O   1 
ATOM   296  C  CB  . GLU A 1 60  ? 3.722   -13.275 -2.333  1.00 14.87 ? 60  GLU A CB  1 
ATOM   297  C  CG  . GLU A 1 60  ? 3.182   -14.617 -2.803  1.00 13.47 ? 60  GLU A CG  1 
ATOM   298  C  CD  . GLU A 1 60  ? 1.720   -14.837 -2.462  1.00 19.11 ? 60  GLU A CD  1 
ATOM   299  O  OE1 . GLU A 1 60  ? 1.026   -13.853 -2.109  1.00 18.32 ? 60  GLU A OE1 1 
ATOM   300  O  OE2 . GLU A 1 60  ? 1.266   -16.004 -2.558  1.00 16.35 ? 60  GLU A OE2 1 
ATOM   301  N  N   . GLU A 1 61  ? 3.632   -13.035 -5.605  1.00 14.17 ? 61  GLU A N   1 
ATOM   302  C  CA  . GLU A 1 61  ? 4.190   -13.227 -6.949  1.00 13.00 ? 61  GLU A CA  1 
ATOM   303  C  C   . GLU A 1 61  ? 4.559   -11.901 -7.630  1.00 14.44 ? 61  GLU A C   1 
ATOM   304  O  O   . GLU A 1 61  ? 5.604   -11.787 -8.278  1.00 14.83 ? 61  GLU A O   1 
ATOM   305  C  CB  . GLU A 1 61  ? 3.213   -14.008 -7.831  1.00 13.33 ? 61  GLU A CB  1 
ATOM   306  C  CG  . GLU A 1 61  ? 3.139   -15.497 -7.520  1.00 17.74 ? 61  GLU A CG  1 
ATOM   307  C  CD  . GLU A 1 61  ? 2.121   -15.841 -6.430  1.00 14.90 ? 61  GLU A CD  1 
ATOM   308  O  OE1 . GLU A 1 61  ? 1.574   -14.920 -5.799  1.00 17.15 ? 61  GLU A OE1 1 
ATOM   309  O  OE2 . GLU A 1 61  ? 1.866   -17.038 -6.203  1.00 14.50 ? 61  GLU A OE2 1 
ATOM   310  N  N   . LYS A 1 62  ? 3.691   -10.903 -7.497  1.00 16.53 ? 62  LYS A N   1 
ATOM   311  C  CA  . LYS A 1 62  ? 3.947   -9.596  -8.094  1.00 14.31 ? 62  LYS A CA  1 
ATOM   312  C  C   . LYS A 1 62  ? 5.144   -8.946  -7.412  1.00 16.10 ? 62  LYS A C   1 
ATOM   313  O  O   . LYS A 1 62  ? 6.011   -8.369  -8.074  1.00 15.90 ? 62  LYS A O   1 
ATOM   314  C  CB  . LYS A 1 62  ? 2.714   -8.689  -7.985  1.00 11.18 ? 62  LYS A CB  1 
ATOM   315  C  CG  . LYS A 1 62  ? 1.649   -8.970  -9.039  1.00 24.37 ? 62  LYS A CG  1 
ATOM   316  C  CD  . LYS A 1 62  ? 0.393   -8.138  -8.826  1.00 25.80 ? 62  LYS A CD  1 
ATOM   317  C  CE  . LYS A 1 62  ? -0.530  -8.257  -10.037 1.00 29.36 ? 62  LYS A CE  1 
ATOM   318  N  NZ  . LYS A 1 62  ? -1.877  -7.729  -9.740  1.00 31.10 ? 62  LYS A NZ  1 
ATOM   319  N  N   . ILE A 1 63  ? 5.197   -9.044  -6.087  1.00 15.17 ? 63  ILE A N   1 
ATOM   320  C  CA  . ILE A 1 63  ? 6.307   -8.446  -5.341  1.00 15.15 ? 63  ILE A CA  1 
ATOM   321  C  C   . ILE A 1 63  ? 7.629   -9.122  -5.705  1.00 17.46 ? 63  ILE A C   1 
ATOM   322  O  O   . ILE A 1 63  ? 8.657   -8.465  -5.840  1.00 18.13 ? 63  ILE A O   1 
ATOM   323  C  CB  . ILE A 1 63  ? 6.075   -8.513  -3.827  1.00 14.98 ? 63  ILE A CB  1 
ATOM   324  C  CG1 . ILE A 1 63  ? 4.892   -7.627  -3.429  1.00 17.13 ? 63  ILE A CG1 1 
ATOM   325  C  CG2 . ILE A 1 63  ? 7.333   -8.092  -3.072  1.00 13.34 ? 63  ILE A CG2 1 
ATOM   326  C  CD1 . ILE A 1 63  ? 4.481   -7.762  -1.958  1.00 20.49 ? 63  ILE A CD1 1 
ATOM   327  N  N   . PHE A 1 64  ? 7.596   -10.438 -5.876  1.00 14.22 ? 64  PHE A N   1 
ATOM   328  C  CA  . PHE A 1 64  ? 8.796   -11.178 -6.244  1.00 15.28 ? 64  PHE A CA  1 
ATOM   329  C  C   . PHE A 1 64  ? 9.254   -10.867 -7.659  1.00 17.82 ? 64  PHE A C   1 
ATOM   330  O  O   . PHE A 1 64  ? 10.444  -10.744 -7.908  1.00 17.36 ? 64  PHE A O   1 
ATOM   331  C  CB  . PHE A 1 64  ? 8.580   -12.678 -6.088  1.00 13.69 ? 64  PHE A CB  1 
ATOM   332  C  CG  . PHE A 1 64  ? 9.183   -13.234 -4.844  1.00 17.64 ? 64  PHE A CG  1 
ATOM   333  C  CD1 . PHE A 1 64  ? 8.665   -12.894 -3.599  1.00 17.39 ? 64  PHE A CD1 1 
ATOM   334  C  CD2 . PHE A 1 64  ? 10.269  -14.093 -4.909  1.00 18.59 ? 64  PHE A CD2 1 
ATOM   335  C  CE1 . PHE A 1 64  ? 9.218   -13.407 -2.429  1.00 15.55 ? 64  PHE A CE1 1 
ATOM   336  C  CE2 . PHE A 1 64  ? 10.827  -14.610 -3.748  1.00 18.63 ? 64  PHE A CE2 1 
ATOM   337  C  CZ  . PHE A 1 64  ? 10.299  -14.258 -2.503  1.00 17.66 ? 64  PHE A CZ  1 
ATOM   338  N  N   . THR A 1 65  ? 8.295   -10.730 -8.570  1.00 17.17 ? 65  THR A N   1 
ATOM   339  C  CA  . THR A 1 65  ? 8.573   -10.360 -9.956  1.00 17.00 ? 65  THR A CA  1 
ATOM   340  C  C   . THR A 1 65  ? 9.444   -9.101  -10.034 1.00 21.73 ? 65  THR A C   1 
ATOM   341  O  O   . THR A 1 65  ? 10.379  -9.029  -10.832 1.00 20.31 ? 65  THR A O   1 
ATOM   342  C  CB  . THR A 1 65  ? 7.255   -10.146 -10.748 1.00 16.30 ? 65  THR A CB  1 
ATOM   343  O  OG1 . THR A 1 65  ? 6.503   -11.367 -10.768 1.00 17.35 ? 65  THR A OG1 1 
ATOM   344  C  CG2 . THR A 1 65  ? 7.550   -9.728  -12.181 1.00 19.03 ? 65  THR A CG2 1 
ATOM   345  N  N   . THR A 1 66  ? 9.140   -8.128  -9.177  1.00 18.73 ? 66  THR A N   1 
ATOM   346  C  CA  . THR A 1 66  ? 9.870   -6.868  -9.115  1.00 20.03 ? 66  THR A CA  1 
ATOM   347  C  C   . THR A 1 66  ? 11.128  -7.020  -8.267  1.00 19.76 ? 66  THR A C   1 
ATOM   348  O  O   . THR A 1 66  ? 12.209  -6.610  -8.669  1.00 22.78 ? 66  THR A O   1 
ATOM   349  C  CB  . THR A 1 66  ? 9.001   -5.778  -8.447  1.00 22.54 ? 66  THR A CB  1 
ATOM   350  O  OG1 . THR A 1 66  ? 7.715   -5.720  -9.081  1.00 26.27 ? 66  THR A OG1 1 
ATOM   351  C  CG2 . THR A 1 66  ? 9.676   -4.407  -8.501  1.00 28.34 ? 66  THR A CG2 1 
ATOM   352  N  N   . GLY A 1 67  ? 10.960  -7.603  -7.082  1.00 17.09 ? 67  GLY A N   1 
ATOM   353  C  CA  . GLY A 1 67  ? 11.974  -7.594  -6.043  1.00 15.71 ? 67  GLY A CA  1 
ATOM   354  C  C   . GLY A 1 67  ? 13.112  -8.595  -6.187  1.00 17.47 ? 67  GLY A C   1 
ATOM   355  O  O   . GLY A 1 67  ? 14.246  -8.287  -5.823  1.00 19.33 ? 67  GLY A O   1 
ATOM   356  N  N   . ASP A 1 68  ? 12.820  -9.791  -6.699  1.00 19.20 ? 68  ASP A N   1 
ATOM   357  C  CA  . ASP A 1 68  ? 13.843  -10.841 -6.810  1.00 19.62 ? 68  ASP A CA  1 
ATOM   358  C  C   . ASP A 1 68  ? 14.718  -10.574 -8.018  1.00 22.82 ? 68  ASP A C   1 
ATOM   359  O  O   . ASP A 1 68  ? 14.616  -11.263 -9.030  1.00 20.48 ? 68  ASP A O   1 
ATOM   360  C  CB  . ASP A 1 68  ? 13.205  -12.226 -6.941  1.00 21.82 ? 68  ASP A CB  1 
ATOM   361  C  CG  . ASP A 1 68  ? 14.237  -13.347 -6.960  1.00 21.96 ? 68  ASP A CG  1 
ATOM   362  O  OD1 . ASP A 1 68  ? 15.432  -13.078 -6.714  1.00 20.65 ? 68  ASP A OD1 1 
ATOM   363  O  OD2 . ASP A 1 68  ? 13.853  -14.494 -7.238  1.00 21.82 ? 68  ASP A OD2 1 
ATOM   364  N  N   . VAL A 1 69  ? 15.573  -9.565  -7.907  1.00 19.03 ? 69  VAL A N   1 
ATOM   365  C  CA  . VAL A 1 69  ? 16.315  -9.080  -9.060  1.00 22.09 ? 69  VAL A CA  1 
ATOM   366  C  C   . VAL A 1 69  ? 17.214  -10.145 -9.704  1.00 22.72 ? 69  VAL A C   1 
ATOM   367  O  O   . VAL A 1 69  ? 17.315  -10.203 -10.931 1.00 24.51 ? 69  VAL A O   1 
ATOM   368  C  CB  . VAL A 1 69  ? 17.089  -7.799  -8.701  1.00 26.82 ? 69  VAL A CB  1 
ATOM   369  C  CG1 . VAL A 1 69  ? 18.158  -7.475  -9.751  1.00 22.62 ? 69  VAL A CG1 1 
ATOM   370  C  CG2 . VAL A 1 69  ? 16.096  -6.634  -8.507  1.00 20.20 ? 69  VAL A CG2 1 
ATOM   371  N  N   . ASN A 1 70  ? 17.830  -11.008 -8.893  1.00 20.85 ? 70  ASN A N   1 
ATOM   372  C  CA  . ASN A 1 70  ? 18.724  -12.030 -9.442  1.00 21.38 ? 70  ASN A CA  1 
ATOM   373  C  C   . ASN A 1 70  ? 18.036  -13.342 -9.822  1.00 24.67 ? 70  ASN A C   1 
ATOM   374  O  O   . ASN A 1 70  ? 18.690  -14.284 -10.275 1.00 23.65 ? 70  ASN A O   1 
ATOM   375  C  CB  . ASN A 1 70  ? 19.957  -12.266 -8.542  1.00 22.08 ? 70  ASN A CB  1 
ATOM   376  C  CG  . ASN A 1 70  ? 19.596  -12.779 -7.157  1.00 24.65 ? 70  ASN A CG  1 
ATOM   377  O  OD1 . ASN A 1 70  ? 18.463  -13.171 -6.903  1.00 21.86 ? 70  ASN A OD1 1 
ATOM   378  N  ND2 . ASN A 1 70  ? 20.576  -12.788 -6.255  1.00 22.41 ? 70  ASN A ND2 1 
ATOM   379  N  N   . LYS A 1 71  ? 16.717  -13.391 -9.657  1.00 19.63 ? 71  LYS A N   1 
ATOM   380  C  CA  . LYS A 1 71  ? 15.930  -14.564 -10.038 1.00 26.61 ? 71  LYS A CA  1 
ATOM   381  C  C   . LYS A 1 71  ? 16.419  -15.858 -9.378  1.00 24.94 ? 71  LYS A C   1 
ATOM   382  O  O   . LYS A 1 71  ? 16.305  -16.923 -9.970  1.00 22.66 ? 71  LYS A O   1 
ATOM   383  C  CB  . LYS A 1 71  ? 15.923  -14.760 -11.565 1.00 22.08 ? 71  LYS A CB  1 
ATOM   384  C  CG  . LYS A 1 71  ? 15.527  -13.527 -12.386 1.00 30.99 ? 71  LYS A CG  1 
ATOM   385  C  CD  . LYS A 1 71  ? 14.015  -13.334 -12.442 1.00 32.18 ? 71  LYS A CD  1 
ATOM   386  C  CE  . LYS A 1 71  ? 13.619  -12.198 -13.394 1.00 45.99 ? 71  LYS A CE  1 
ATOM   387  N  NZ  . LYS A 1 71  ? 13.739  -12.563 -14.835 1.00 39.64 ? 71  LYS A NZ  1 
ATOM   388  N  N   . ASP A 1 72  ? 16.966  -15.776 -8.168  1.00 18.32 ? 72  ASP A N   1 
ATOM   389  C  CA  . ASP A 1 72  ? 17.362  -16.995 -7.455  1.00 22.82 ? 72  ASP A CA  1 
ATOM   390  C  C   . ASP A 1 72  ? 16.243  -17.589 -6.581  1.00 21.04 ? 72  ASP A C   1 
ATOM   391  O  O   . ASP A 1 72  ? 16.457  -18.584 -5.886  1.00 21.53 ? 72  ASP A O   1 
ATOM   392  C  CB  . ASP A 1 72  ? 18.647  -16.786 -6.639  1.00 24.84 ? 72  ASP A CB  1 
ATOM   393  C  CG  . ASP A 1 72  ? 18.474  -15.797 -5.490  1.00 26.15 ? 72  ASP A CG  1 
ATOM   394  O  OD1 . ASP A 1 72  ? 17.337  -15.328 -5.257  1.00 25.02 ? 72  ASP A OD1 1 
ATOM   395  O  OD2 . ASP A 1 72  ? 19.483  -15.500 -4.805  1.00 26.49 ? 72  ASP A OD2 1 
ATOM   396  N  N   . GLY A 1 73  ? 15.072  -16.955 -6.601  1.00 20.10 ? 73  GLY A N   1 
ATOM   397  C  CA  . GLY A 1 73  ? 13.899  -17.481 -5.927  1.00 22.74 ? 73  GLY A CA  1 
ATOM   398  C  C   . GLY A 1 73  ? 13.752  -17.045 -4.480  1.00 23.05 ? 73  GLY A C   1 
ATOM   399  O  O   . GLY A 1 73  ? 12.879  -17.535 -3.766  1.00 28.38 ? 73  GLY A O   1 
ATOM   400  N  N   . LYS A 1 74  ? 14.613  -16.135 -4.037  1.00 18.73 ? 74  LYS A N   1 
ATOM   401  C  CA  . LYS A 1 74  ? 14.576  -15.632 -2.665  1.00 24.26 ? 74  LYS A CA  1 
ATOM   402  C  C   . LYS A 1 74  ? 14.767  -14.124 -2.679  1.00 21.98 ? 74  LYS A C   1 
ATOM   403  O  O   . LYS A 1 74  ? 15.377  -13.591 -3.593  1.00 19.47 ? 74  LYS A O   1 
ATOM   404  C  CB  . LYS A 1 74  ? 15.693  -16.253 -1.824  1.00 23.15 ? 74  LYS A CB  1 
ATOM   405  C  CG  . LYS A 1 74  ? 15.958  -17.731 -2.102  1.00 20.27 ? 74  LYS A CG  1 
ATOM   406  C  CD  . LYS A 1 74  ? 17.236  -18.199 -1.405  1.00 32.00 ? 74  LYS A CD  1 
ATOM   407  C  CE  . LYS A 1 74  ? 18.174  -18.910 -2.363  1.00 25.61 ? 74  LYS A CE  1 
ATOM   408  N  NZ  . LYS A 1 74  ? 17.461  -19.939 -3.183  1.00 29.01 ? 74  LYS A NZ  1 
ATOM   409  N  N   . LEU A 1 75  ? 14.223  -13.441 -1.678  1.00 22.63 ? 75  LEU A N   1 
ATOM   410  C  CA  . LEU A 1 75  ? 14.510  -12.025 -1.469  1.00 22.70 ? 75  LEU A CA  1 
ATOM   411  C  C   . LEU A 1 75  ? 15.533  -11.920 -0.364  1.00 17.25 ? 75  LEU A C   1 
ATOM   412  O  O   . LEU A 1 75  ? 15.257  -12.283 0.778   1.00 19.22 ? 75  LEU A O   1 
ATOM   413  C  CB  . LEU A 1 75  ? 13.257  -11.254 -1.032  1.00 19.09 ? 75  LEU A CB  1 
ATOM   414  C  CG  . LEU A 1 75  ? 12.131  -10.980 -2.018  1.00 21.28 ? 75  LEU A CG  1 
ATOM   415  C  CD1 . LEU A 1 75  ? 11.031  -10.163 -1.321  1.00 22.06 ? 75  LEU A CD1 1 
ATOM   416  C  CD2 . LEU A 1 75  ? 12.657  -10.268 -3.264  1.00 22.46 ? 75  LEU A CD2 1 
ATOM   417  N  N   . ASP A 1 76  ? 16.723  -11.442 -0.686  1.00 18.44 ? 76  ASP A N   1 
ATOM   418  C  CA  . ASP A 1 76  ? 17.671  -11.152 0.376   1.00 21.41 ? 76  ASP A CA  1 
ATOM   419  C  C   . ASP A 1 76  ? 17.318  -9.792  0.958   1.00 20.89 ? 76  ASP A C   1 
ATOM   420  O  O   . ASP A 1 76  ? 16.397  -9.122  0.474   1.00 20.06 ? 76  ASP A O   1 
ATOM   421  C  CB  . ASP A 1 76  ? 19.123  -11.222 -0.114  1.00 23.87 ? 76  ASP A CB  1 
ATOM   422  C  CG  . ASP A 1 76  ? 19.364  -10.389 -1.349  1.00 27.21 ? 76  ASP A CG  1 
ATOM   423  O  OD1 . ASP A 1 76  ? 18.891  -9.231  -1.388  1.00 27.61 ? 76  ASP A OD1 1 
ATOM   424  O  OD2 . ASP A 1 76  ? 20.021  -10.899 -2.284  1.00 24.44 ? 76  ASP A OD2 1 
ATOM   425  N  N   . PHE A 1 77  ? 18.031  -9.380  1.997   1.00 21.64 ? 77  PHE A N   1 
ATOM   426  C  CA  . PHE A 1 77  ? 17.669  -8.138  2.656   1.00 22.53 ? 77  PHE A CA  1 
ATOM   427  C  C   . PHE A 1 77  ? 17.797  -6.940  1.720   1.00 23.92 ? 77  PHE A C   1 
ATOM   428  O  O   . PHE A 1 77  ? 16.947  -6.045  1.735   1.00 23.79 ? 77  PHE A O   1 
ATOM   429  C  CB  . PHE A 1 77  ? 18.461  -7.907  3.940   1.00 27.69 ? 77  PHE A CB  1 
ATOM   430  C  CG  . PHE A 1 77  ? 18.021  -6.683  4.684   1.00 31.52 ? 77  PHE A CG  1 
ATOM   431  C  CD1 . PHE A 1 77  ? 16.867  -6.706  5.449   1.00 32.90 ? 77  PHE A CD1 1 
ATOM   432  C  CD2 . PHE A 1 77  ? 18.729  -5.498  4.580   1.00 30.75 ? 77  PHE A CD2 1 
ATOM   433  C  CE1 . PHE A 1 77  ? 16.442  -5.577  6.118   1.00 40.53 ? 77  PHE A CE1 1 
ATOM   434  C  CE2 . PHE A 1 77  ? 18.310  -4.366  5.248   1.00 33.32 ? 77  PHE A CE2 1 
ATOM   435  C  CZ  . PHE A 1 77  ? 17.166  -4.407  6.014   1.00 36.92 ? 77  PHE A CZ  1 
ATOM   436  N  N   . GLU A 1 78  ? 18.844  -6.933  0.903   1.00 23.04 ? 78  GLU A N   1 
ATOM   437  C  CA  . GLU A 1 78  ? 19.070  -5.843  -0.038  1.00 24.00 ? 78  GLU A CA  1 
ATOM   438  C  C   . GLU A 1 78  ? 17.915  -5.745  -1.039  1.00 22.08 ? 78  GLU A C   1 
ATOM   439  O  O   . GLU A 1 78  ? 17.434  -4.655  -1.342  1.00 22.75 ? 78  GLU A O   1 
ATOM   440  C  CB  . GLU A 1 78  ? 20.387  -6.034  -0.799  1.00 25.83 ? 78  GLU A CB  1 
ATOM   441  C  CG  . GLU A 1 78  ? 21.587  -6.426  0.055   0.30 29.32 ? 78  GLU A CG  1 
ATOM   442  C  CD  . GLU A 1 78  ? 22.710  -7.038  -0.771  0.30 31.15 ? 78  GLU A CD  1 
ATOM   443  O  OE1 . GLU A 1 78  ? 22.905  -6.618  -1.932  0.30 28.62 ? 78  GLU A OE1 1 
ATOM   444  O  OE2 . GLU A 1 78  ? 23.390  -7.953  -0.263  0.30 32.47 ? 78  GLU A OE2 1 
ATOM   445  N  N   . GLU A 1 79  ? 17.484  -6.884  -1.562  1.00 19.57 ? 79  GLU A N   1 
ATOM   446  C  CA  . GLU A 1 79  ? 16.367  -6.907  -2.514  1.00 21.93 ? 79  GLU A CA  1 
ATOM   447  C  C   . GLU A 1 79  ? 15.061  -6.458  -1.845  1.00 18.07 ? 79  GLU A C   1 
ATOM   448  O  O   . GLU A 1 79  ? 14.265  -5.734  -2.437  1.00 20.13 ? 79  GLU A O   1 
ATOM   449  C  CB  . GLU A 1 79  ? 16.200  -8.306  -3.114  1.00 17.98 ? 79  GLU A CB  1 
ATOM   450  C  CG  . GLU A 1 79  ? 17.292  -8.716  -4.107  1.00 18.74 ? 79  GLU A CG  1 
ATOM   451  C  CD  . GLU A 1 79  ? 17.175  -10.171 -4.513  1.00 21.50 ? 79  GLU A CD  1 
ATOM   452  O  OE1 . GLU A 1 79  ? 16.767  -10.979 -3.653  1.00 18.90 ? 79  GLU A OE1 1 
ATOM   453  O  OE2 . GLU A 1 79  ? 17.475  -10.511 -5.681  1.00 19.48 ? 79  GLU A OE2 1 
ATOM   454  N  N   . PHE A 1 80  ? 14.866  -6.909  -0.610  1.00 17.53 ? 80  PHE A N   1 
ATOM   455  C  CA  . PHE A 1 80  ? 13.686  -6.613  0.191   1.00 19.44 ? 80  PHE A CA  1 
ATOM   456  C  C   . PHE A 1 80  ? 13.615  -5.111  0.427   1.00 23.20 ? 80  PHE A C   1 
ATOM   457  O  O   . PHE A 1 80  ? 12.590  -4.474  0.170   1.00 20.90 ? 80  PHE A O   1 
ATOM   458  C  CB  . PHE A 1 80  ? 13.784  -7.382  1.520   1.00 19.79 ? 80  PHE A CB  1 
ATOM   459  C  CG  . PHE A 1 80  ? 12.654  -7.123  2.481   1.00 23.90 ? 80  PHE A CG  1 
ATOM   460  C  CD1 . PHE A 1 80  ? 11.417  -7.731  2.305   1.00 20.20 ? 80  PHE A CD1 1 
ATOM   461  C  CD2 . PHE A 1 80  ? 12.842  -6.296  3.586   1.00 22.59 ? 80  PHE A CD2 1 
ATOM   462  C  CE1 . PHE A 1 80  ? 10.374  -7.503  3.193   1.00 25.07 ? 80  PHE A CE1 1 
ATOM   463  C  CE2 . PHE A 1 80  ? 11.805  -6.067  4.485   1.00 27.99 ? 80  PHE A CE2 1 
ATOM   464  C  CZ  . PHE A 1 80  ? 10.568  -6.673  4.291   1.00 22.07 ? 80  PHE A CZ  1 
ATOM   465  N  N   . MET A 1 81  ? 14.727  -4.558  0.905   1.00 22.92 ? 81  MET A N   1 
ATOM   466  C  CA  . MET A 1 81  ? 14.888  -3.128  1.128   1.00 25.88 ? 81  MET A CA  1 
ATOM   467  C  C   . MET A 1 81  ? 14.697  -2.326  -0.147  1.00 28.04 ? 81  MET A C   1 
ATOM   468  O  O   . MET A 1 81  ? 14.012  -1.300  -0.157  1.00 21.56 ? 81  MET A O   1 
ATOM   469  C  CB  . MET A 1 81  ? 16.289  -2.852  1.659   1.00 28.52 ? 81  MET A CB  1 
ATOM   470  C  CG  . MET A 1 81  ? 16.357  -2.522  3.122   1.00 41.10 ? 81  MET A CG  1 
ATOM   471  S  SD  . MET A 1 81  ? 17.623  -1.257  3.394   1.00 58.23 ? 81  MET A SD  1 
ATOM   472  C  CE  . MET A 1 81  ? 17.466  -0.311  1.877   1.00 46.65 ? 81  MET A CE  1 
ATOM   473  N  N   . LYS A 1 82  ? 15.321  -2.780  -1.227  1.00 20.12 ? 82  LYS A N   1 
ATOM   474  C  CA  . LYS A 1 82  ? 15.161  -2.072  -2.489  1.00 22.44 ? 82  LYS A CA  1 
ATOM   475  C  C   . LYS A 1 82  ? 13.700  -2.093  -2.974  1.00 20.66 ? 82  LYS A C   1 
ATOM   476  O  O   . LYS A 1 82  ? 13.194  -1.081  -3.466  1.00 19.32 ? 82  LYS A O   1 
ATOM   477  C  CB  . LYS A 1 82  ? 16.112  -2.613  -3.549  1.00 25.40 ? 82  LYS A CB  1 
ATOM   478  C  CG  . LYS A 1 82  ? 16.362  -1.650  -4.685  1.00 29.49 ? 82  LYS A CG  1 
ATOM   479  C  CD  . LYS A 1 82  ? 15.695  -2.135  -5.941  1.00 35.30 ? 82  LYS A CD  1 
ATOM   480  C  CE  . LYS A 1 82  ? 16.707  -2.436  -7.036  1.00 35.18 ? 82  LYS A CE  1 
ATOM   481  N  NZ  . LYS A 1 82  ? 16.034  -3.008  -8.240  1.00 39.34 ? 82  LYS A NZ  1 
ATOM   482  N  N   . TYR A 1 83  ? 13.027  -3.232  -2.830  1.00 16.94 ? 83  TYR A N   1 
ATOM   483  C  CA  . TYR A 1 83  ? 11.625  -3.309  -3.229  1.00 19.25 ? 83  TYR A CA  1 
ATOM   484  C  C   . TYR A 1 83  ? 10.791  -2.263  -2.489  1.00 20.00 ? 83  TYR A C   1 
ATOM   485  O  O   . TYR A 1 83  ? 10.056  -1.486  -3.105  1.00 17.44 ? 83  TYR A O   1 
ATOM   486  C  CB  . TYR A 1 83  ? 11.003  -4.692  -3.001  1.00 18.00 ? 83  TYR A CB  1 
ATOM   487  C  CG  . TYR A 1 83  ? 9.521   -4.623  -3.292  1.00 19.49 ? 83  TYR A CG  1 
ATOM   488  C  CD1 . TYR A 1 83  ? 9.061   -4.555  -4.604  1.00 20.19 ? 83  TYR A CD1 1 
ATOM   489  C  CD2 . TYR A 1 83  ? 8.588   -4.534  -2.261  1.00 16.65 ? 83  TYR A CD2 1 
ATOM   490  C  CE1 . TYR A 1 83  ? 7.714   -4.439  -4.887  1.00 19.77 ? 83  TYR A CE1 1 
ATOM   491  C  CE2 . TYR A 1 83  ? 7.224   -4.422  -2.532  1.00 21.65 ? 83  TYR A CE2 1 
ATOM   492  C  CZ  . TYR A 1 83  ? 6.793   -4.371  -3.849  1.00 17.73 ? 83  TYR A CZ  1 
ATOM   493  O  OH  . TYR A 1 83  ? 5.449   -4.248  -4.138  1.00 18.39 ? 83  TYR A OH  1 
ATOM   494  N  N   . LEU A 1 84  ? 10.911  -2.270  -1.164  1.00 19.15 ? 84  LEU A N   1 
ATOM   495  C  CA  . LEU A 1 84  ? 10.127  -1.402  -0.292  1.00 21.78 ? 84  LEU A CA  1 
ATOM   496  C  C   . LEU A 1 84  ? 10.477  0.069   -0.466  1.00 19.19 ? 84  LEU A C   1 
ATOM   497  O  O   . LEU A 1 84  ? 9.604   0.926   -0.419  1.00 17.89 ? 84  LEU A O   1 
ATOM   498  C  CB  . LEU A 1 84  ? 10.298  -1.817  1.173   1.00 22.15 ? 84  LEU A CB  1 
ATOM   499  C  CG  . LEU A 1 84  ? 9.792   -3.227  1.499   1.00 27.05 ? 84  LEU A CG  1 
ATOM   500  C  CD1 . LEU A 1 84  ? 10.052  -3.558  2.948   1.00 22.59 ? 84  LEU A CD1 1 
ATOM   501  C  CD2 . LEU A 1 84  ? 8.299   -3.388  1.156   1.00 21.66 ? 84  LEU A CD2 1 
ATOM   502  N  N   . LYS A 1 85  ? 11.755  0.357   -0.685  1.00 19.44 ? 85  LYS A N   1 
ATOM   503  C  CA  . LYS A 1 85  ? 12.184  1.734   -0.851  1.00 21.22 ? 85  LYS A CA  1 
ATOM   504  C  C   . LYS A 1 85  ? 11.661  2.310   -2.176  1.00 21.85 ? 85  LYS A C   1 
ATOM   505  O  O   . LYS A 1 85  ? 11.261  3.468   -2.246  1.00 17.15 ? 85  LYS A O   1 
ATOM   506  C  CB  . LYS A 1 85  ? 13.716  1.837   -0.731  1.00 27.55 ? 85  LYS A CB  1 
ATOM   507  C  CG  . LYS A 1 85  ? 14.252  3.241   -0.503  0.50 33.45 ? 85  LYS A CG  1 
ATOM   508  C  CD  . LYS A 1 85  ? 15.566  3.213   0.276   0.50 33.65 ? 85  LYS A CD  1 
ATOM   509  C  CE  . LYS A 1 85  ? 15.382  2.551   1.635   0.50 36.38 ? 85  LYS A CE  1 
ATOM   510  N  NZ  . LYS A 1 85  ? 14.221  3.122   2.371   0.50 38.87 ? 85  LYS A NZ  1 
ATOM   511  N  N   . ASP A 1 86  ? 11.636  1.500   -3.226  1.00 19.39 ? 86  ASP A N   1 
ATOM   512  C  CA  . ASP A 1 86  ? 11.131  1.980   -4.512  1.00 21.55 ? 86  ASP A CA  1 
ATOM   513  C  C   . ASP A 1 86  ? 9.615   2.076   -4.473  1.00 20.96 ? 86  ASP A C   1 
ATOM   514  O  O   . ASP A 1 86  ? 9.015   2.960   -5.093  1.00 18.16 ? 86  ASP A O   1 
ATOM   515  C  CB  . ASP A 1 86  ? 11.554  1.055   -5.650  1.00 20.12 ? 86  ASP A CB  1 
ATOM   516  C  CG  . ASP A 1 86  ? 13.056  1.071   -5.894  1.00 27.53 ? 86  ASP A CG  1 
ATOM   517  O  OD1 . ASP A 1 86  ? 13.739  2.027   -5.470  1.00 28.09 ? 86  ASP A OD1 1 
ATOM   518  O  OD2 . ASP A 1 86  ? 13.552  0.118   -6.523  1.00 30.08 ? 86  ASP A OD2 1 
ATOM   519  N  N   . HIS A 1 87  ? 9.003   1.149   -3.745  1.00 18.60 ? 87  HIS A N   1 
ATOM   520  C  CA  . HIS A 1 87  ? 7.558   1.140   -3.582  1.00 18.76 ? 87  HIS A CA  1 
ATOM   521  C  C   . HIS A 1 87  ? 7.129   2.380   -2.803  1.00 19.69 ? 87  HIS A C   1 
ATOM   522  O  O   . HIS A 1 87  ? 6.180   3.080   -3.190  1.00 19.01 ? 87  HIS A O   1 
ATOM   523  C  CB  . HIS A 1 87  ? 7.109   -0.136  -2.866  1.00 13.64 ? 87  HIS A CB  1 
ATOM   524  C  CG  . HIS A 1 87  ? 5.644   -0.192  -2.597  1.00 16.58 ? 87  HIS A CG  1 
ATOM   525  N  ND1 . HIS A 1 87  ? 4.701   -0.139  -3.605  1.00 16.72 ? 87  HIS A ND1 1 
ATOM   526  C  CD2 . HIS A 1 87  ? 4.951   -0.296  -1.436  1.00 15.12 ? 87  HIS A CD2 1 
ATOM   527  C  CE1 . HIS A 1 87  ? 3.495   -0.209  -3.072  1.00 15.51 ? 87  HIS A CE1 1 
ATOM   528  N  NE2 . HIS A 1 87  ? 3.617   -0.304  -1.764  1.00 16.84 ? 87  HIS A NE2 1 
ATOM   529  N  N   . GLU A 1 88  ? 7.848   2.661   -1.720  1.00 14.26 ? 88  GLU A N   1 
ATOM   530  C  CA  . GLU A 1 88  ? 7.578   3.847   -0.911  1.00 19.71 ? 88  GLU A CA  1 
ATOM   531  C  C   . GLU A 1 88  ? 7.618   5.141   -1.723  1.00 18.08 ? 88  GLU A C   1 
ATOM   532  O  O   . GLU A 1 88  ? 6.742   5.990   -1.578  1.00 17.98 ? 88  GLU A O   1 
ATOM   533  C  CB  . GLU A 1 88  ? 8.527   3.924   0.282   1.00 17.63 ? 88  GLU A CB  1 
ATOM   534  C  CG  . GLU A 1 88  ? 8.167   2.909   1.355   1.00 29.88 ? 88  GLU A CG  1 
ATOM   535  C  CD  . GLU A 1 88  ? 8.950   3.089   2.637   1.00 40.58 ? 88  GLU A CD  1 
ATOM   536  O  OE1 . GLU A 1 88  ? 9.718   4.077   2.738   1.00 43.29 ? 88  GLU A OE1 1 
ATOM   537  O  OE2 . GLU A 1 88  ? 8.779   2.239   3.543   1.00 36.47 ? 88  GLU A OE2 1 
ATOM   538  N  N   . LYS A 1 89  ? 8.628   5.276   -2.578  1.00 16.64 ? 89  LYS A N   1 
ATOM   539  C  CA  . LYS A 1 89  ? 8.724   6.430   -3.481  1.00 19.70 ? 89  LYS A CA  1 
ATOM   540  C  C   . LYS A 1 89  ? 7.462   6.624   -4.328  1.00 18.37 ? 89  LYS A C   1 
ATOM   541  O  O   . LYS A 1 89  ? 6.973   7.746   -4.512  1.00 16.86 ? 89  LYS A O   1 
ATOM   542  C  CB  . LYS A 1 89  ? 9.913   6.263   -4.418  1.00 20.20 ? 89  LYS A CB  1 
ATOM   543  C  CG  . LYS A 1 89  ? 11.263  6.497   -3.780  1.00 22.33 ? 89  LYS A CG  1 
ATOM   544  C  CD  . LYS A 1 89  ? 12.352  6.448   -4.850  1.00 28.18 ? 89  LYS A CD  1 
ATOM   545  C  CE  . LYS A 1 89  ? 13.742  6.569   -4.234  1.00 39.13 ? 89  LYS A CE  1 
ATOM   546  N  NZ  . LYS A 1 89  ? 14.784  6.712   -5.296  1.00 35.26 ? 89  LYS A NZ  1 
ATOM   547  N  N   . LYS A 1 90  ? 6.951   5.528   -4.872  1.00 16.03 ? 90  LYS A N   1 
ATOM   548  C  CA  . LYS A 1 90  ? 5.737   5.606   -5.678  1.00 16.92 ? 90  LYS A CA  1 
ATOM   549  C  C   . LYS A 1 90  ? 4.538   5.966   -4.802  1.00 16.78 ? 90  LYS A C   1 
ATOM   550  O  O   . LYS A 1 90  ? 3.652   6.704   -5.224  1.00 19.69 ? 90  LYS A O   1 
ATOM   551  C  CB  . LYS A 1 90  ? 5.503   4.294   -6.434  1.00 16.96 ? 90  LYS A CB  1 
ATOM   552  C  CG  . LYS A 1 90  ? 6.460   4.113   -7.618  1.00 19.30 ? 90  LYS A CG  1 
ATOM   553  C  CD  . LYS A 1 90  ? 6.170   2.837   -8.384  1.00 22.23 ? 90  LYS A CD  1 
ATOM   554  C  CE  . LYS A 1 90  ? 7.058   2.747   -9.612  1.00 25.03 ? 90  LYS A CE  1 
ATOM   555  N  NZ  . LYS A 1 90  ? 8.512   2.546   -9.272  1.00 24.15 ? 90  LYS A NZ  1 
ATOM   556  N  N   . MET A 1 91  ? 4.528   5.456   -3.577  1.00 13.53 ? 91  MET A N   1 
ATOM   557  C  CA  . MET A 1 91  ? 3.407   5.681   -2.667  1.00 14.29 ? 91  MET A CA  1 
ATOM   558  C  C   . MET A 1 91  ? 3.368   7.125   -2.180  1.00 18.90 ? 91  MET A C   1 
ATOM   559  O  O   . MET A 1 91  ? 2.292   7.671   -1.913  1.00 12.46 ? 91  MET A O   1 
ATOM   560  C  CB  . MET A 1 91  ? 3.452   4.702   -1.497  1.00 14.37 ? 91  MET A CB  1 
ATOM   561  C  CG  . MET A 1 91  ? 3.138   3.241   -1.889  1.00 15.71 ? 91  MET A CG  1 
ATOM   562  S  SD  . MET A 1 91  ? 1.509   3.026   -2.678  1.00 18.52 ? 91  MET A SD  1 
ATOM   563  C  CE  . MET A 1 91  ? 1.831   3.176   -4.438  1.00 13.68 ? 91  MET A CE  1 
ATOM   564  N  N   . LYS A 1 92  ? 4.547   7.741   -2.097  1.00 17.62 ? 92  LYS A N   1 
ATOM   565  C  CA  . LYS A 1 92  ? 4.665   9.159   -1.767  1.00 15.89 ? 92  LYS A CA  1 
ATOM   566  C  C   . LYS A 1 92  ? 4.103   10.026  -2.892  1.00 18.29 ? 92  LYS A C   1 
ATOM   567  O  O   . LYS A 1 92  ? 3.426   11.020  -2.642  1.00 16.12 ? 92  LYS A O   1 
ATOM   568  C  CB  . LYS A 1 92  ? 6.128   9.529   -1.498  1.00 15.80 ? 92  LYS A CB  1 
ATOM   569  C  CG  . LYS A 1 92  ? 6.322   10.944  -0.995  1.00 27.66 ? 92  LYS A CG  1 
ATOM   570  C  CD  . LYS A 1 92  ? 6.586   10.967  0.507   1.00 30.35 ? 92  LYS A CD  1 
ATOM   571  C  CE  . LYS A 1 92  ? 8.037   10.621  0.829   1.00 29.88 ? 92  LYS A CE  1 
ATOM   572  N  NZ  . LYS A 1 92  ? 8.893   11.840  0.906   1.00 50.31 ? 92  LYS A NZ  1 
ATOM   573  N  N   . LEU A 1 93  ? 4.395   9.648   -4.138  1.00 18.04 ? 93  LEU A N   1 
ATOM   574  C  CA  . LEU A 1 93  ? 3.834   10.353  -5.283  1.00 14.72 ? 93  LEU A CA  1 
ATOM   575  C  C   . LEU A 1 93  ? 2.305   10.211  -5.336  1.00 18.40 ? 93  LEU A C   1 
ATOM   576  O  O   . LEU A 1 93  ? 1.590   11.165  -5.662  1.00 15.37 ? 93  LEU A O   1 
ATOM   577  C  CB  . LEU A 1 93  ? 4.493   9.880   -6.592  1.00 20.67 ? 93  LEU A CB  1 
ATOM   578  C  CG  . LEU A 1 93  ? 5.989   10.206  -6.755  1.00 15.36 ? 93  LEU A CG  1 
ATOM   579  C  CD1 . LEU A 1 93  ? 6.584   9.470   -7.941  1.00 15.13 ? 93  LEU A CD1 1 
ATOM   580  C  CD2 . LEU A 1 93  ? 6.193   11.701  -6.907  1.00 19.00 ? 93  LEU A CD2 1 
ATOM   581  N  N   . ALA A 1 94  ? 1.796   9.031   -4.994  1.00 13.52 ? 94  ALA A N   1 
ATOM   582  C  CA  . ALA A 1 94  ? 0.346   8.852   -4.956  1.00 13.97 ? 94  ALA A CA  1 
ATOM   583  C  C   . ALA A 1 94  ? -0.302  9.678   -3.837  1.00 17.76 ? 94  ALA A C   1 
ATOM   584  O  O   . ALA A 1 94  ? -1.348  10.310  -4.039  1.00 13.97 ? 94  ALA A O   1 
ATOM   585  C  CB  . ALA A 1 94  ? -0.026  7.369   -4.854  1.00 12.38 ? 94  ALA A CB  1 
ATOM   586  N  N   . PHE A 1 95  ? 0.335   9.691   -2.668  1.00 15.39 ? 95  PHE A N   1 
ATOM   587  C  CA  . PHE A 1 95  ? -0.121  10.498  -1.543  1.00 14.18 ? 95  PHE A CA  1 
ATOM   588  C  C   . PHE A 1 95  ? -0.183  11.948  -1.996  1.00 14.18 ? 95  PHE A C   1 
ATOM   589  O  O   . PHE A 1 95  ? -1.206  12.626  -1.816  1.00 16.53 ? 95  PHE A O   1 
ATOM   590  C  CB  . PHE A 1 95  ? 0.865   10.335  -0.369  1.00 14.30 ? 95  PHE A CB  1 
ATOM   591  C  CG  . PHE A 1 95  ? 0.472   11.062  0.902   1.00 15.95 ? 95  PHE A CG  1 
ATOM   592  C  CD1 . PHE A 1 95  ? 0.737   12.415  1.063   1.00 18.37 ? 95  PHE A CD1 1 
ATOM   593  C  CD2 . PHE A 1 95  ? -0.074  10.362  1.977   1.00 16.66 ? 95  PHE A CD2 1 
ATOM   594  C  CE1 . PHE A 1 95  ? 0.406   13.074  2.256   1.00 20.38 ? 95  PHE A CE1 1 
ATOM   595  C  CE2 . PHE A 1 95  ? -0.408  11.009  3.162   1.00 15.60 ? 95  PHE A CE2 1 
ATOM   596  C  CZ  . PHE A 1 95  ? -0.174  12.369  3.301   1.00 15.20 ? 95  PHE A CZ  1 
ATOM   597  N  N   . LYS A 1 96  ? 0.910   12.413  -2.596  1.00 12.52 ? 96  LYS A N   1 
ATOM   598  C  CA  . LYS A 1 96  ? 1.029   13.810  -3.005  1.00 19.16 ? 96  LYS A CA  1 
ATOM   599  C  C   . LYS A 1 96  ? -0.054  14.214  -3.982  1.00 13.87 ? 96  LYS A C   1 
ATOM   600  O  O   . LYS A 1 96  ? -0.589  15.317  -3.913  1.00 17.45 ? 96  LYS A O   1 
ATOM   601  C  CB  . LYS A 1 96  ? 2.407   14.084  -3.618  1.00 16.51 ? 96  LYS A CB  1 
ATOM   602  C  CG  . LYS A 1 96  ? 3.454   14.567  -2.626  1.00 29.36 ? 96  LYS A CG  1 
ATOM   603  C  CD  . LYS A 1 96  ? 4.794   14.817  -3.333  1.00 39.52 ? 96  LYS A CD  1 
ATOM   604  C  CE  . LYS A 1 96  ? 5.776   15.598  -2.463  1.00 44.60 ? 96  LYS A CE  1 
ATOM   605  N  NZ  . LYS A 1 96  ? 6.244   14.831  -1.277  1.00 52.10 ? 96  LYS A NZ  1 
ATOM   606  N  N   . SER A 1 97  ? -0.394  13.304  -4.888  1.00 17.91 ? 97  SER A N   1 
ATOM   607  C  CA  . SER A 1 97  ? -1.394  13.596  -5.910  1.00 15.37 ? 97  SER A CA  1 
ATOM   608  C  C   . SER A 1 97  ? -2.826  13.723  -5.330  1.00 20.07 ? 97  SER A C   1 
ATOM   609  O  O   . SER A 1 97  ? -3.734  14.182  -6.012  1.00 17.80 ? 97  SER A O   1 
ATOM   610  C  CB  . SER A 1 97  ? -1.339  12.542  -7.010  1.00 15.16 ? 97  SER A CB  1 
ATOM   611  O  OG  . SER A 1 97  ? -2.159  11.435  -6.688  1.00 17.69 ? 97  SER A OG  1 
ATOM   612  N  N   . LEU A 1 98  ? -3.011  13.322  -4.071  1.00 16.93 ? 98  LEU A N   1 
ATOM   613  C  CA  . LEU A 1 98  ? -4.314  13.412  -3.411  1.00 16.21 ? 98  LEU A CA  1 
ATOM   614  C  C   . LEU A 1 98  ? -4.355  14.628  -2.482  1.00 15.86 ? 98  LEU A C   1 
ATOM   615  O  O   . LEU A 1 98  ? -5.425  15.175  -2.189  1.00 16.17 ? 98  LEU A O   1 
ATOM   616  C  CB  . LEU A 1 98  ? -4.603  12.130  -2.623  1.00 16.07 ? 98  LEU A CB  1 
ATOM   617  C  CG  . LEU A 1 98  ? -5.796  11.259  -3.034  1.00 23.77 ? 98  LEU A CG  1 
ATOM   618  C  CD1 . LEU A 1 98  ? -5.894  11.086  -4.544  1.00 13.71 ? 98  LEU A CD1 1 
ATOM   619  C  CD2 . LEU A 1 98  ? -5.751  9.890   -2.325  1.00 16.85 ? 98  LEU A CD2 1 
ATOM   620  N  N   . ASP A 1 99  ? -3.178  15.049  -2.030  1.00 16.56 ? 99  ASP A N   1 
ATOM   621  C  CA  . ASP A 1 99  ? -3.038  16.178  -1.112  1.00 17.19 ? 99  ASP A CA  1 
ATOM   622  C  C   . ASP A 1 99  ? -3.150  17.522  -1.848  1.00 17.26 ? 99  ASP A C   1 
ATOM   623  O  O   . ASP A 1 99  ? -2.151  18.225  -2.043  1.00 15.29 ? 99  ASP A O   1 
ATOM   624  C  CB  . ASP A 1 99  ? -1.694  16.067  -0.396  1.00 19.19 ? 99  ASP A CB  1 
ATOM   625  C  CG  . ASP A 1 99  ? -1.477  17.156  0.633   1.00 17.65 ? 99  ASP A CG  1 
ATOM   626  O  OD1 . ASP A 1 99  ? -2.444  17.842  1.011   1.00 18.22 ? 99  ASP A OD1 1 
ATOM   627  O  OD2 . ASP A 1 99  ? -0.327  17.305  1.080   1.00 17.36 ? 99  ASP A OD2 1 
ATOM   628  N  N   . LYS A 1 100 ? -4.368  17.881  -2.237  1.00 17.58 ? 100 LYS A N   1 
ATOM   629  C  CA  . LYS A 1 100 ? -4.588  19.077  -3.045  1.00 21.05 ? 100 LYS A CA  1 
ATOM   630  C  C   . LYS A 1 100 ? -4.121  20.380  -2.397  1.00 19.74 ? 100 LYS A C   1 
ATOM   631  O  O   . LYS A 1 100 ? -3.635  21.268  -3.090  1.00 22.01 ? 100 LYS A O   1 
ATOM   632  C  CB  . LYS A 1 100 ? -6.056  19.186  -3.469  1.00 18.86 ? 100 LYS A CB  1 
ATOM   633  C  CG  . LYS A 1 100 ? -6.453  18.147  -4.505  1.00 25.67 ? 100 LYS A CG  1 
ATOM   634  C  CD  . LYS A 1 100 ? -7.464  18.716  -5.485  1.00 34.28 ? 100 LYS A CD  1 
ATOM   635  C  CE  . LYS A 1 100 ? -8.527  19.536  -4.768  1.00 31.46 ? 100 LYS A CE  1 
ATOM   636  N  NZ  . LYS A 1 100 ? -9.406  20.246  -5.726  1.00 22.82 ? 100 LYS A NZ  1 
ATOM   637  N  N   . ASN A 1 101 ? -4.251  20.500  -1.078  1.00 18.98 ? 101 ASN A N   1 
ATOM   638  C  CA  . ASN A 1 101 ? -3.846  21.748  -0.423  1.00 19.80 ? 101 ASN A CA  1 
ATOM   639  C  C   . ASN A 1 101 ? -2.401  21.752  0.083   1.00 22.99 ? 101 ASN A C   1 
ATOM   640  O  O   . ASN A 1 101 ? -1.982  22.683  0.764   1.00 21.75 ? 101 ASN A O   1 
ATOM   641  C  CB  . ASN A 1 101 ? -4.818  22.155  0.683   1.00 17.71 ? 101 ASN A CB  1 
ATOM   642  C  CG  . ASN A 1 101 ? -4.763  21.235  1.890   1.00 20.14 ? 101 ASN A CG  1 
ATOM   643  O  OD1 . ASN A 1 101 ? -3.920  20.337  1.985   1.00 17.56 ? 101 ASN A OD1 1 
ATOM   644  N  ND2 . ASN A 1 101 ? -5.660  21.473  2.840   1.00 22.13 ? 101 ASN A ND2 1 
ATOM   645  N  N   . ASN A 1 102 ? -1.660  20.699  -0.249  1.00 21.92 ? 102 ASN A N   1 
ATOM   646  C  CA  . ASN A 1 102 ? -0.226  20.612  0.037   1.00 22.52 ? 102 ASN A CA  1 
ATOM   647  C  C   . ASN A 1 102 ? 0.164   20.723  1.522   1.00 24.36 ? 102 ASN A C   1 
ATOM   648  O  O   . ASN A 1 102 ? 1.182   21.324  1.851   1.00 20.50 ? 102 ASN A O   1 
ATOM   649  C  CB  . ASN A 1 102 ? 0.531   21.663  -0.789  1.00 28.83 ? 102 ASN A CB  1 
ATOM   650  C  CG  . ASN A 1 102 ? 2.009   21.346  -0.931  1.00 31.52 ? 102 ASN A CG  1 
ATOM   651  O  OD1 . ASN A 1 102 ? 2.417   20.189  -0.855  1.00 37.28 ? 102 ASN A OD1 1 
ATOM   652  N  ND2 . ASN A 1 102 ? 2.820   22.379  -1.124  1.00 42.80 ? 102 ASN A ND2 1 
ATOM   653  N  N   . ASP A 1 103 ? -0.635  20.149  2.420   1.00 21.50 ? 103 ASP A N   1 
ATOM   654  C  CA  . ASP A 1 103 ? -0.310  20.241  3.845   1.00 20.42 ? 103 ASP A CA  1 
ATOM   655  C  C   . ASP A 1 103 ? 0.273   18.948  4.394   1.00 22.42 ? 103 ASP A C   1 
ATOM   656  O  O   . ASP A 1 103 ? 0.468   18.815  5.600   1.00 24.01 ? 103 ASP A O   1 
ATOM   657  C  CB  . ASP A 1 103 ? -1.525  20.674  4.686   1.00 21.73 ? 103 ASP A CB  1 
ATOM   658  C  CG  . ASP A 1 103 ? -2.670  19.654  4.662   1.00 19.43 ? 103 ASP A CG  1 
ATOM   659  O  OD1 . ASP A 1 103 ? -2.512  18.538  4.103   1.00 19.07 ? 103 ASP A OD1 1 
ATOM   660  O  OD2 . ASP A 1 103 ? -3.730  19.968  5.240   1.00 18.14 ? 103 ASP A OD2 1 
ATOM   661  N  N   . GLY A 1 104 ? 0.526   17.985  3.511   1.00 17.86 ? 104 GLY A N   1 
ATOM   662  C  CA  . GLY A 1 104 ? 1.049   16.703  3.938   1.00 19.81 ? 104 GLY A CA  1 
ATOM   663  C  C   . GLY A 1 104 ? 0.034   15.809  4.625   1.00 17.34 ? 104 GLY A C   1 
ATOM   664  O  O   . GLY A 1 104 ? 0.410   14.831  5.266   1.00 22.86 ? 104 GLY A O   1 
ATOM   665  N  N   . LYS A 1 105 ? -1.252  16.131  4.487   1.00 18.39 ? 105 LYS A N   1 
ATOM   666  C  CA  . LYS A 1 105 ? -2.320  15.275  4.994   1.00 16.48 ? 105 LYS A CA  1 
ATOM   667  C  C   . LYS A 1 105 ? -3.374  15.028  3.920   1.00 14.71 ? 105 LYS A C   1 
ATOM   668  O  O   . LYS A 1 105 ? -3.606  15.870  3.072   1.00 17.15 ? 105 LYS A O   1 
ATOM   669  C  CB  . LYS A 1 105 ? -2.993  15.905  6.220   1.00 18.34 ? 105 LYS A CB  1 
ATOM   670  C  CG  . LYS A 1 105 ? -2.060  16.228  7.389   1.00 16.45 ? 105 LYS A CG  1 
ATOM   671  C  CD  . LYS A 1 105 ? -1.626  14.966  8.117   1.00 17.38 ? 105 LYS A CD  1 
ATOM   672  C  CE  . LYS A 1 105 ? -0.300  15.173  8.856   1.00 19.47 ? 105 LYS A CE  1 
ATOM   673  N  NZ  . LYS A 1 105 ? -0.342  16.319  9.804   1.00 21.51 ? 105 LYS A NZ  1 
ATOM   674  N  N   . ILE A 1 106 ? -4.027  13.875  3.968   1.00 17.64 ? 106 ILE A N   1 
ATOM   675  C  CA  . ILE A 1 106 ? -5.181  13.642  3.099   1.00 15.51 ? 106 ILE A CA  1 
ATOM   676  C  C   . ILE A 1 106 ? -6.479  13.653  3.905   1.00 17.12 ? 106 ILE A C   1 
ATOM   677  O  O   . ILE A 1 106 ? -6.621  12.936  4.901   1.00 15.61 ? 106 ILE A O   1 
ATOM   678  C  CB  . ILE A 1 106 ? -5.043  12.329  2.287   1.00 19.84 ? 106 ILE A CB  1 
ATOM   679  C  CG1 . ILE A 1 106 ? -3.820  12.395  1.361   1.00 14.86 ? 106 ILE A CG1 1 
ATOM   680  C  CG2 . ILE A 1 106 ? -6.310  12.043  1.468   1.00 11.57 ? 106 ILE A CG2 1 
ATOM   681  C  CD1 . ILE A 1 106 ? -3.437  11.045  0.791   1.00 19.21 ? 106 ILE A CD1 1 
ATOM   682  N  N   . GLU A 1 107 ? -7.418  14.489  3.487   1.00 15.91 ? 107 GLU A N   1 
ATOM   683  C  CA  . GLU A 1 107 ? -8.732  14.499  4.122   1.00 18.17 ? 107 GLU A CA  1 
ATOM   684  C  C   . GLU A 1 107 ? -9.807  14.046  3.140   1.00 16.85 ? 107 GLU A C   1 
ATOM   685  O  O   . GLU A 1 107 ? -9.534  13.872  1.953   1.00 16.61 ? 107 GLU A O   1 
ATOM   686  C  CB  . GLU A 1 107 ? -9.039  15.868  4.721   1.00 18.36 ? 107 GLU A CB  1 
ATOM   687  C  CG  . GLU A 1 107 ? -8.938  17.015  3.742   1.00 22.47 ? 107 GLU A CG  1 
ATOM   688  C  CD  . GLU A 1 107 ? -9.164  18.364  4.415   1.00 24.74 ? 107 GLU A CD  1 
ATOM   689  O  OE1 . GLU A 1 107 ? -10.285 18.600  4.921   1.00 29.60 ? 107 GLU A OE1 1 
ATOM   690  O  OE2 . GLU A 1 107 ? -8.216  19.175  4.449   1.00 18.23 ? 107 GLU A OE2 1 
ATOM   691  N  N   . ALA A 1 108 ? -11.023 13.826  3.635   1.00 17.73 ? 108 ALA A N   1 
ATOM   692  C  CA  . ALA A 1 108 ? -12.062 13.225  2.805   1.00 17.84 ? 108 ALA A CA  1 
ATOM   693  C  C   . ALA A 1 108 ? -12.373 14.072  1.568   1.00 17.55 ? 108 ALA A C   1 
ATOM   694  O  O   . ALA A 1 108 ? -12.521 13.544  0.454   1.00 14.49 ? 108 ALA A O   1 
ATOM   695  C  CB  . ALA A 1 108 ? -13.326 12.967  3.626   1.00 19.84 ? 108 ALA A CB  1 
ATOM   696  N  N   . SER A 1 109 ? -12.447 15.382  1.766   1.00 14.98 ? 109 SER A N   1 
ATOM   697  C  CA  . SER A 1 109 ? -12.781 16.302  0.690   1.00 17.34 ? 109 SER A CA  1 
ATOM   698  C  C   . SER A 1 109 ? -11.744 16.255  -0.437  1.00 15.49 ? 109 SER A C   1 
ATOM   699  O  O   . SER A 1 109 ? -12.070 16.455  -1.601  1.00 17.03 ? 109 SER A O   1 
ATOM   700  C  CB  . SER A 1 109 ? -12.883 17.721  1.235   1.00 23.49 ? 109 SER A CB  1 
ATOM   701  O  OG  . SER A 1 109 ? -11.609 18.185  1.646   1.00 20.31 ? 109 SER A OG  1 
ATOM   702  N  N   . GLU A 1 110 ? -10.494 15.975  -0.089  1.00 14.44 ? 110 GLU A N   1 
ATOM   703  C  CA  . GLU A 1 110 ? -9.450  15.906  -1.103  1.00 15.59 ? 110 GLU A CA  1 
ATOM   704  C  C   . GLU A 1 110 ? -9.562  14.638  -1.923  1.00 16.53 ? 110 GLU A C   1 
ATOM   705  O  O   . GLU A 1 110 ? -9.287  14.657  -3.125  1.00 15.01 ? 110 GLU A O   1 
ATOM   706  C  CB  . GLU A 1 110 ? -8.059  16.026  -0.483  1.00 14.97 ? 110 GLU A CB  1 
ATOM   707  C  CG  . GLU A 1 110 ? -7.821  17.360  0.163   1.00 14.97 ? 110 GLU A CG  1 
ATOM   708  C  CD  . GLU A 1 110 ? -6.458  17.475  0.807   1.00 17.20 ? 110 GLU A CD  1 
ATOM   709  O  OE1 . GLU A 1 110 ? -6.045  16.530  1.514   1.00 13.18 ? 110 GLU A OE1 1 
ATOM   710  O  OE2 . GLU A 1 110 ? -5.804  18.519  0.593   1.00 17.64 ? 110 GLU A OE2 1 
ATOM   711  N  N   . ILE A 1 111 ? -9.954  13.534  -1.281  1.00 14.52 ? 111 ILE A N   1 
ATOM   712  C  CA  . ILE A 1 111 ? -10.247 12.308  -2.017  1.00 14.74 ? 111 ILE A CA  1 
ATOM   713  C  C   . ILE A 1 111 ? -11.363 12.570  -3.036  1.00 16.28 ? 111 ILE A C   1 
ATOM   714  O  O   . ILE A 1 111 ? -11.234 12.216  -4.209  1.00 15.20 ? 111 ILE A O   1 
ATOM   715  C  CB  . ILE A 1 111 ? -10.662 11.142  -1.083  1.00 14.67 ? 111 ILE A CB  1 
ATOM   716  C  CG1 . ILE A 1 111 ? -9.484  10.752  -0.173  1.00 18.41 ? 111 ILE A CG1 1 
ATOM   717  C  CG2 . ILE A 1 111 ? -11.174 9.937   -1.907  1.00 10.92 ? 111 ILE A CG2 1 
ATOM   718  C  CD1 . ILE A 1 111 ? -9.739  9.566   0.753   1.00 17.95 ? 111 ILE A CD1 1 
ATOM   719  N  N   . VAL A 1 112 ? -12.446 13.196  -2.576  1.00 15.68 ? 112 VAL A N   1 
ATOM   720  C  CA  . VAL A 1 112 ? -13.572 13.525  -3.441  1.00 14.06 ? 112 VAL A CA  1 
ATOM   721  C  C   . VAL A 1 112 ? -13.096 14.370  -4.626  1.00 15.75 ? 112 VAL A C   1 
ATOM   722  O  O   . VAL A 1 112 ? -13.366 14.036  -5.768  1.00 16.44 ? 112 VAL A O   1 
ATOM   723  C  CB  . VAL A 1 112 ? -14.723 14.250  -2.676  1.00 17.16 ? 112 VAL A CB  1 
ATOM   724  C  CG1 . VAL A 1 112 ? -15.842 14.667  -3.635  1.00 13.39 ? 112 VAL A CG1 1 
ATOM   725  C  CG2 . VAL A 1 112 ? -15.293 13.363  -1.580  1.00 14.00 ? 112 VAL A CG2 1 
ATOM   726  N  N   . GLN A 1 113 ? -12.346 15.437  -4.355  1.00 17.55 ? 113 GLN A N   1 
ATOM   727  C  CA  . GLN A 1 113 ? -11.954 16.365  -5.416  1.00 17.63 ? 113 GLN A CA  1 
ATOM   728  C  C   . GLN A 1 113 ? -10.874 15.811  -6.356  1.00 18.44 ? 113 GLN A C   1 
ATOM   729  O  O   . GLN A 1 113 ? -10.892 16.107  -7.540  1.00 15.31 ? 113 GLN A O   1 
ATOM   730  C  CB  . GLN A 1 113 ? -11.531 17.720  -4.836  1.00 22.11 ? 113 GLN A CB  1 
ATOM   731  C  CG  . GLN A 1 113 ? -12.620 18.384  -3.961  1.00 33.31 ? 113 GLN A CG  1 
ATOM   732  C  CD  . GLN A 1 113 ? -12.211 19.743  -3.373  1.00 37.61 ? 113 GLN A CD  1 
ATOM   733  O  OE1 . GLN A 1 113 ? -11.490 20.519  -4.012  1.00 39.96 ? 113 GLN A OE1 1 
ATOM   734  N  NE2 . GLN A 1 113 ? -12.680 20.034  -2.153  1.00 26.87 ? 113 GLN A NE2 1 
ATOM   735  N  N   . SER A 1 114 ? -9.937  15.021  -5.838  1.00 14.13 ? 114 SER A N   1 
ATOM   736  C  CA  . SER A 1 114 ? -8.923  14.408  -6.695  1.00 20.81 ? 114 SER A CA  1 
ATOM   737  C  C   . SER A 1 114 ? -9.540  13.394  -7.657  1.00 18.81 ? 114 SER A C   1 
ATOM   738  O  O   . SER A 1 114 ? -9.219  13.377  -8.830  1.00 19.15 ? 114 SER A O   1 
ATOM   739  C  CB  . SER A 1 114 ? -7.827  13.730  -5.865  1.00 16.81 ? 114 SER A CB  1 
ATOM   740  O  OG  . SER A 1 114 ? -7.225  14.637  -4.955  1.00 24.91 ? 114 SER A OG  1 
ATOM   741  N  N   . LEU A 1 115 ? -10.415 12.532  -7.153  1.00 20.38 ? 115 LEU A N   1 
ATOM   742  C  CA  . LEU A 1 115 ? -11.034 11.535  -8.019  1.00 16.62 ? 115 LEU A CA  1 
ATOM   743  C  C   . LEU A 1 115 ? -11.883 12.223  -9.073  1.00 21.11 ? 115 LEU A C   1 
ATOM   744  O  O   . LEU A 1 115 ? -11.926 11.796  -10.231 1.00 20.44 ? 115 LEU A O   1 
ATOM   745  C  CB  . LEU A 1 115 ? -11.881 10.543  -7.210  1.00 15.41 ? 115 LEU A CB  1 
ATOM   746  C  CG  . LEU A 1 115 ? -11.148 9.248   -6.852  1.00 20.55 ? 115 LEU A CG  1 
ATOM   747  C  CD1 . LEU A 1 115 ? -9.825  9.559   -6.171  1.00 15.50 ? 115 LEU A CD1 1 
ATOM   748  C  CD2 . LEU A 1 115 ? -12.027 8.331   -5.969  1.00 16.00 ? 115 LEU A CD2 1 
ATOM   749  N  N   . GLN A 1 116 ? -12.548 13.303  -8.673  1.00 20.34 ? 116 GLN A N   1 
ATOM   750  C  CA  . GLN A 1 116 ? -13.343 14.084  -9.613  1.00 22.72 ? 116 GLN A CA  1 
ATOM   751  C  C   . GLN A 1 116 ? -12.518 14.629  -10.790 1.00 20.67 ? 116 GLN A C   1 
ATOM   752  O  O   . GLN A 1 116 ? -12.969 14.601  -11.927 1.00 20.94 ? 116 GLN A O   1 
ATOM   753  C  CB  . GLN A 1 116 ? -14.046 15.224  -8.893  1.00 23.13 ? 116 GLN A CB  1 
ATOM   754  C  CG  . GLN A 1 116 ? -14.961 16.022  -9.795  1.00 27.94 ? 116 GLN A CG  1 
ATOM   755  C  CD  . GLN A 1 116 ? -14.479 17.436  -9.982  1.00 35.81 ? 116 GLN A CD  1 
ATOM   756  O  OE1 . GLN A 1 116 ? -13.504 17.686  -10.698 1.00 37.75 ? 116 GLN A OE1 1 
ATOM   757  N  NE2 . GLN A 1 116 ? -15.149 18.380  -9.320  1.00 42.00 ? 116 GLN A NE2 1 
ATOM   758  N  N   . THR A 1 117 ? -11.307 15.111  -10.521 1.00 19.37 ? 117 THR A N   1 
ATOM   759  C  CA  . THR A 1 117 ? -10.437 15.578  -11.603 1.00 24.84 ? 117 THR A CA  1 
ATOM   760  C  C   . THR A 1 117 ? -9.944  14.430  -12.505 1.00 27.13 ? 117 THR A C   1 
ATOM   761  O  O   . THR A 1 117 ? -9.514  14.653  -13.640 1.00 26.56 ? 117 THR A O   1 
ATOM   762  C  CB  . THR A 1 117 ? -9.240  16.387  -11.067 1.00 24.62 ? 117 THR A CB  1 
ATOM   763  O  OG1 . THR A 1 117 ? -8.300  15.503  -10.453 1.00 31.69 ? 117 THR A OG1 1 
ATOM   764  C  CG2 . THR A 1 117 ? -9.714  17.389  -10.038 1.00 16.51 ? 117 THR A CG2 1 
ATOM   765  N  N   . LEU A 1 118 ? -10.017 13.203  -11.997 1.00 26.11 ? 118 LEU A N   1 
ATOM   766  C  CA  . LEU A 1 118 ? -9.728  12.022  -12.801 1.00 24.80 ? 118 LEU A CA  1 
ATOM   767  C  C   . LEU A 1 118 ? -10.999 11.542  -13.488 1.00 24.57 ? 118 LEU A C   1 
ATOM   768  O  O   . LEU A 1 118 ? -11.004 10.507  -14.139 1.00 26.53 ? 118 LEU A O   1 
ATOM   769  C  CB  . LEU A 1 118 ? -9.164  10.905  -11.931 1.00 27.55 ? 118 LEU A CB  1 
ATOM   770  C  CG  . LEU A 1 118 ? -7.867  11.217  -11.182 1.00 26.20 ? 118 LEU A CG  1 
ATOM   771  C  CD1 . LEU A 1 118 ? -7.443  10.059  -10.291 1.00 21.47 ? 118 LEU A CD1 1 
ATOM   772  C  CD2 . LEU A 1 118 ? -6.758  11.573  -12.158 1.00 24.48 ? 118 LEU A CD2 1 
ATOM   773  N  N   . GLY A 1 119 ? -12.081 12.297  -13.336 1.00 27.12 ? 119 GLY A N   1 
ATOM   774  C  CA  . GLY A 1 119 ? -13.357 11.911  -13.908 1.00 25.81 ? 119 GLY A CA  1 
ATOM   775  C  C   . GLY A 1 119 ? -14.022 10.757  -13.172 1.00 26.55 ? 119 GLY A C   1 
ATOM   776  O  O   . GLY A 1 119 ? -14.693 9.928   -13.782 1.00 24.58 ? 119 GLY A O   1 
ATOM   777  N  N   . LEU A 1 120 ? -13.824 10.699  -11.858 1.00 25.93 ? 120 LEU A N   1 
ATOM   778  C  CA  . LEU A 1 120 ? -14.423 9.663   -11.023 1.00 22.57 ? 120 LEU A CA  1 
ATOM   779  C  C   . LEU A 1 120 ? -15.267 10.309  -9.932  1.00 24.22 ? 120 LEU A C   1 
ATOM   780  O  O   . LEU A 1 120 ? -14.814 11.232  -9.255  1.00 22.49 ? 120 LEU A O   1 
ATOM   781  C  CB  . LEU A 1 120 ? -13.345 8.815   -10.360 1.00 22.57 ? 120 LEU A CB  1 
ATOM   782  C  CG  . LEU A 1 120 ? -12.663 7.625   -11.042 1.00 26.50 ? 120 LEU A CG  1 
ATOM   783  C  CD1 . LEU A 1 120 ? -13.206 7.362   -12.421 1.00 26.39 ? 120 LEU A CD1 1 
ATOM   784  C  CD2 . LEU A 1 120 ? -11.143 7.790   -11.065 1.00 19.01 ? 120 LEU A CD2 1 
ATOM   785  N  N   . THR A 1 121 ? -16.489 9.820   -9.751  1.00 19.06 ? 121 THR A N   1 
ATOM   786  C  CA  . THR A 1 121 ? -17.368 10.354  -8.718  1.00 17.19 ? 121 THR A CA  1 
ATOM   787  C  C   . THR A 1 121 ? -17.387 9.468   -7.478  1.00 20.88 ? 121 THR A C   1 
ATOM   788  O  O   . THR A 1 121 ? -17.694 8.279   -7.559  1.00 22.74 ? 121 THR A O   1 
ATOM   789  C  CB  . THR A 1 121 ? -18.802 10.499  -9.224  1.00 17.01 ? 121 THR A CB  1 
ATOM   790  O  OG1 . THR A 1 121 ? -18.825 11.371  -10.358 1.00 17.90 ? 121 THR A OG1 1 
ATOM   791  C  CG2 . THR A 1 121 ? -19.708 11.056  -8.133  1.00 20.79 ? 121 THR A CG2 1 
ATOM   792  N  N   . ILE A 1 122 ? -17.067 10.053  -6.332  1.00 16.29 ? 122 ILE A N   1 
ATOM   793  C  CA  . ILE A 1 122 ? -17.182 9.346   -5.063  1.00 14.73 ? 122 ILE A CA  1 
ATOM   794  C  C   . ILE A 1 122 ? -17.826 10.318  -4.092  1.00 16.78 ? 122 ILE A C   1 
ATOM   795  O  O   . ILE A 1 122 ? -17.528 11.519  -4.111  1.00 16.96 ? 122 ILE A O   1 
ATOM   796  C  CB  . ILE A 1 122 ? -15.792 8.858   -4.557  1.00 15.58 ? 122 ILE A CB  1 
ATOM   797  C  CG1 . ILE A 1 122 ? -15.913 8.069   -3.241  1.00 13.89 ? 122 ILE A CG1 1 
ATOM   798  C  CG2 . ILE A 1 122 ? -14.829 10.037  -4.439  1.00 17.12 ? 122 ILE A CG2 1 
ATOM   799  C  CD1 . ILE A 1 122 ? -14.582 7.466   -2.728  1.00 12.54 ? 122 ILE A CD1 1 
ATOM   800  N  N   . SER A 1 123 ? -18.750 9.820   -3.278  1.00 21.32 ? 123 SER A N   1 
ATOM   801  C  CA  . SER A 1 123 ? -19.462 10.679  -2.340  1.00 15.79 ? 123 SER A CA  1 
ATOM   802  C  C   . SER A 1 123 ? -18.579 10.927  -1.143  1.00 19.22 ? 123 SER A C   1 
ATOM   803  O  O   . SER A 1 123 ? -17.594 10.222  -0.931  1.00 14.34 ? 123 SER A O   1 
ATOM   804  C  CB  . SER A 1 123 ? -20.751 10.022  -1.869  1.00 16.72 ? 123 SER A CB  1 
ATOM   805  O  OG  . SER A 1 123 ? -20.468 8.914   -1.032  1.00 13.67 ? 123 SER A OG  1 
ATOM   806  N  N   . GLU A 1 124 ? -18.947 11.925  -0.351  1.00 17.27 ? 124 GLU A N   1 
ATOM   807  C  CA  . GLU A 1 124 ? -18.225 12.221  0.872   1.00 19.71 ? 124 GLU A CA  1 
ATOM   808  C  C   . GLU A 1 124 ? -18.241 11.032  1.832   1.00 20.90 ? 124 GLU A C   1 
ATOM   809  O  O   . GLU A 1 124 ? -17.219 10.700  2.426   1.00 19.19 ? 124 GLU A O   1 
ATOM   810  C  CB  . GLU A 1 124 ? -18.810 13.454  1.557   1.00 20.83 ? 124 GLU A CB  1 
ATOM   811  C  CG  . GLU A 1 124 ? -18.025 13.896  2.785   1.00 30.31 ? 124 GLU A CG  1 
ATOM   812  C  CD  . GLU A 1 124 ? -17.761 15.397  2.782   1.00 45.51 ? 124 GLU A CD  1 
ATOM   813  O  OE1 . GLU A 1 124 ? -16.740 15.836  2.193   1.00 45.75 ? 124 GLU A OE1 1 
ATOM   814  O  OE2 . GLU A 1 124 ? -18.584 16.134  3.362   1.00 45.13 ? 124 GLU A OE2 1 
ATOM   815  N  N   . GLN A 1 125 ? -19.393 10.388  1.975   1.00 19.69 ? 125 GLN A N   1 
ATOM   816  C  CA  . GLN A 1 125 ? -19.497 9.216   2.850   1.00 18.90 ? 125 GLN A CA  1 
ATOM   817  C  C   . GLN A 1 125 ? -18.594 8.049   2.412   1.00 18.55 ? 125 GLN A C   1 
ATOM   818  O  O   . GLN A 1 125 ? -17.998 7.371   3.244   1.00 18.31 ? 125 GLN A O   1 
ATOM   819  C  CB  . GLN A 1 125 ? -20.949 8.756   2.974   1.00 23.52 ? 125 GLN A CB  1 
ATOM   820  C  CG  . GLN A 1 125 ? -21.876 9.789   3.635   1.00 28.63 ? 125 GLN A CG  1 
ATOM   821  C  CD  . GLN A 1 125 ? -22.269 10.933  2.698   1.00 33.82 ? 125 GLN A CD  1 
ATOM   822  O  OE1 . GLN A 1 125 ? -22.264 10.780  1.473   1.00 28.35 ? 125 GLN A OE1 1 
ATOM   823  N  NE2 . GLN A 1 125 ? -22.608 12.088  3.278   1.00 31.92 ? 125 GLN A NE2 1 
ATOM   824  N  N   . GLN A 1 126 ? -18.495 7.816   1.112   1.00 13.60 ? 126 GLN A N   1 
ATOM   825  C  CA  . GLN A 1 126 ? -17.629 6.752   0.621   1.00 14.17 ? 126 GLN A CA  1 
ATOM   826  C  C   . GLN A 1 126 ? -16.155 7.089   0.831   1.00 16.89 ? 126 GLN A C   1 
ATOM   827  O  O   . GLN A 1 126 ? -15.341 6.209   1.112   1.00 17.28 ? 126 GLN A O   1 
ATOM   828  C  CB  . GLN A 1 126 ? -17.934 6.445   -0.842  1.00 13.83 ? 126 GLN A CB  1 
ATOM   829  C  CG  . GLN A 1 126 ? -19.283 5.740   -1.036  1.00 15.46 ? 126 GLN A CG  1 
ATOM   830  C  CD  . GLN A 1 126 ? -19.334 4.384   -0.340  1.00 16.95 ? 126 GLN A CD  1 
ATOM   831  O  OE1 . GLN A 1 126 ? -18.474 3.533   -0.560  1.00 17.48 ? 126 GLN A OE1 1 
ATOM   832  N  NE2 . GLN A 1 126 ? -20.340 4.185   0.516   1.00 20.73 ? 126 GLN A NE2 1 
ATOM   833  N  N   . ALA A 1 127 ? -15.820 8.369   0.693   1.00 16.34 ? 127 ALA A N   1 
ATOM   834  C  CA  . ALA A 1 127 ? -14.461 8.852   0.916   1.00 13.92 ? 127 ALA A CA  1 
ATOM   835  C  C   . ALA A 1 127 ? -14.082 8.692   2.389   1.00 14.36 ? 127 ALA A C   1 
ATOM   836  O  O   . ALA A 1 127 ? -12.935 8.421   2.730   1.00 15.86 ? 127 ALA A O   1 
ATOM   837  C  CB  . ALA A 1 127 ? -14.349 10.324  0.492   1.00 11.67 ? 127 ALA A CB  1 
ATOM   838  N  N   . GLU A 1 128 ? -15.066 8.852   3.261   1.00 13.92 ? 128 GLU A N   1 
ATOM   839  C  CA  . GLU A 1 128 ? -14.838 8.668   4.683   1.00 19.18 ? 128 GLU A CA  1 
ATOM   840  C  C   . GLU A 1 128 ? -14.562 7.209   5.025   1.00 19.41 ? 128 GLU A C   1 
ATOM   841  O  O   . GLU A 1 128 ? -13.739 6.932   5.898   1.00 18.16 ? 128 GLU A O   1 
ATOM   842  C  CB  . GLU A 1 128 ? -15.990 9.250   5.506   1.00 19.40 ? 128 GLU A CB  1 
ATOM   843  C  CG  . GLU A 1 128 ? -15.775 10.730  5.775   1.00 28.94 ? 128 GLU A CG  1 
ATOM   844  C  CD  . GLU A 1 128 ? -17.004 11.433  6.284   1.00 38.13 ? 128 GLU A CD  1 
ATOM   845  O  OE1 . GLU A 1 128 ? -18.068 10.783  6.417   1.00 36.91 ? 128 GLU A OE1 1 
ATOM   846  O  OE2 . GLU A 1 128 ? -16.901 12.651  6.537   1.00 50.07 ? 128 GLU A OE2 1 
ATOM   847  N  N   . LEU A 1 129 ? -15.227 6.285   4.325   1.00 16.34 ? 129 LEU A N   1 
ATOM   848  C  CA  . LEU A 1 129 ? -14.945 4.858   4.491   1.00 18.17 ? 129 LEU A CA  1 
ATOM   849  C  C   . LEU A 1 129 ? -13.492 4.559   4.142   1.00 16.51 ? 129 LEU A C   1 
ATOM   850  O  O   . LEU A 1 129 ? -12.812 3.827   4.854   1.00 17.73 ? 129 LEU A O   1 
ATOM   851  C  CB  . LEU A 1 129 ? -15.887 4.001   3.637   1.00 16.78 ? 129 LEU A CB  1 
ATOM   852  C  CG  . LEU A 1 129 ? -17.328 4.000   4.165   1.00 22.86 ? 129 LEU A CG  1 
ATOM   853  C  CD1 . LEU A 1 129 ? -18.281 3.176   3.286   1.00 21.72 ? 129 LEU A CD1 1 
ATOM   854  C  CD2 . LEU A 1 129 ? -17.351 3.520   5.618   1.00 20.74 ? 129 LEU A CD2 1 
ATOM   855  N  N   . ILE A 1 130 ? -13.020 5.121   3.038   1.00 15.11 ? 130 ILE A N   1 
ATOM   856  C  CA  . ILE A 1 130 ? -11.601 5.020   2.718   1.00 18.34 ? 130 ILE A CA  1 
ATOM   857  C  C   . ILE A 1 130 ? -10.753 5.596   3.867   1.00 14.78 ? 130 ILE A C   1 
ATOM   858  O  O   . ILE A 1 130 ? -9.820  4.954   4.341   1.00 16.58 ? 130 ILE A O   1 
ATOM   859  C  CB  . ILE A 1 130 ? -11.273 5.763   1.419   1.00 14.45 ? 130 ILE A CB  1 
ATOM   860  C  CG1 . ILE A 1 130 ? -11.898 5.050   0.218   1.00 15.54 ? 130 ILE A CG1 1 
ATOM   861  C  CG2 . ILE A 1 130 ? -9.778  5.903   1.260   1.00 15.38 ? 130 ILE A CG2 1 
ATOM   862  C  CD1 . ILE A 1 130 ? -11.819 5.869   -1.085  1.00 11.71 ? 130 ILE A CD1 1 
ATOM   863  N  N   . LEU A 1 131 ? -11.077 6.808   4.306   1.00 17.52 ? 131 LEU A N   1 
ATOM   864  C  CA  . LEU A 1 131 ? -10.318 7.446   5.381   1.00 19.41 ? 131 LEU A CA  1 
ATOM   865  C  C   . LEU A 1 131 ? -10.260 6.572   6.631   1.00 19.43 ? 131 LEU A C   1 
ATOM   866  O  O   . LEU A 1 131 ? -9.198  6.399   7.239   1.00 19.45 ? 131 LEU A O   1 
ATOM   867  C  CB  . LEU A 1 131 ? -10.932 8.793   5.743   1.00 19.11 ? 131 LEU A CB  1 
ATOM   868  C  CG  . LEU A 1 131 ? -10.424 10.027  5.010   1.00 21.41 ? 131 LEU A CG  1 
ATOM   869  C  CD1 . LEU A 1 131 ? -10.876 11.258  5.756   1.00 19.55 ? 131 LEU A CD1 1 
ATOM   870  C  CD2 . LEU A 1 131 ? -8.926  10.020  4.883   1.00 19.99 ? 131 LEU A CD2 1 
ATOM   871  N  N   . GLN A 1 132 ? -11.403 6.000   6.994   1.00 18.71 ? 132 GLN A N   1 
ATOM   872  C  CA  . GLN A 1 132 ? -11.493 5.167   8.188   1.00 23.06 ? 132 GLN A CA  1 
ATOM   873  C  C   . GLN A 1 132 ? -10.637 3.905   8.095   1.00 22.62 ? 132 GLN A C   1 
ATOM   874  O  O   . GLN A 1 132 ? -10.151 3.414   9.110   1.00 19.69 ? 132 GLN A O   1 
ATOM   875  C  CB  . GLN A 1 132 ? -12.957 4.812   8.484   1.00 26.41 ? 132 GLN A CB  1 
ATOM   876  C  CG  . GLN A 1 132 ? -13.803 6.015   8.893   1.00 30.82 ? 132 GLN A CG  1 
ATOM   877  C  CD  . GLN A 1 132 ? -15.308 5.787   8.719   1.00 41.31 ? 132 GLN A CD  1 
ATOM   878  O  OE1 . GLN A 1 132 ? -15.761 4.682   8.395   1.00 43.72 ? 132 GLN A OE1 1 
ATOM   879  N  NE2 . GLN A 1 132 ? -16.086 6.842   8.930   1.00 38.28 ? 132 GLN A NE2 1 
ATOM   880  N  N   . SER A 1 133 ? -10.442 3.386   6.883   1.00 18.84 ? 133 SER A N   1 
ATOM   881  C  CA  . SER A 1 133 ? -9.655  2.156   6.708   1.00 17.09 ? 133 SER A CA  1 
ATOM   882  C  C   . SER A 1 133 ? -8.149  2.383   6.877   1.00 17.80 ? 133 SER A C   1 
ATOM   883  O  O   . SER A 1 133 ? -7.386  1.432   7.028   1.00 20.36 ? 133 SER A O   1 
ATOM   884  C  CB  . SER A 1 133 ? -9.924  1.540   5.334   1.00 20.16 ? 133 SER A CB  1 
ATOM   885  O  OG  . SER A 1 133 ? -9.408  2.382   4.311   1.00 18.38 ? 133 SER A OG  1 
ATOM   886  N  N   . ILE A 1 134 ? -7.718  3.638   6.824   1.00 15.60 ? 134 ILE A N   1 
ATOM   887  C  CA  . ILE A 1 134 ? -6.292  3.958   6.888   1.00 15.76 ? 134 ILE A CA  1 
ATOM   888  C  C   . ILE A 1 134 ? -5.920  4.760   8.147   1.00 16.26 ? 134 ILE A C   1 
ATOM   889  O  O   . ILE A 1 134 ? -4.825  4.606   8.711   1.00 19.22 ? 134 ILE A O   1 
ATOM   890  C  CB  . ILE A 1 134 ? -5.849  4.706   5.611   1.00 15.19 ? 134 ILE A CB  1 
ATOM   891  C  CG1 . ILE A 1 134 ? -6.025  3.799   4.389   1.00 15.27 ? 134 ILE A CG1 1 
ATOM   892  C  CG2 . ILE A 1 134 ? -4.401  5.153   5.718   1.00 16.13 ? 134 ILE A CG2 1 
ATOM   893  C  CD1 . ILE A 1 134 ? -6.052  4.543   3.032   1.00 10.96 ? 134 ILE A CD1 1 
ATOM   894  N  N   . ASP A 1 135 ? -6.853  5.590   8.601   1.00 18.21 ? 135 ASP A N   1 
ATOM   895  C  CA  . ASP A 1 135 ? -6.653  6.450   9.759   1.00 20.14 ? 135 ASP A CA  1 
ATOM   896  C  C   . ASP A 1 135 ? -6.542  5.631   11.045  1.00 20.42 ? 135 ASP A C   1 
ATOM   897  O  O   . ASP A 1 135 ? -7.507  5.008   11.480  1.00 29.21 ? 135 ASP A O   1 
ATOM   898  C  CB  . ASP A 1 135 ? -7.820  7.442   9.868   1.00 22.11 ? 135 ASP A CB  1 
ATOM   899  C  CG  . ASP A 1 135 ? -7.623  8.462   10.981  1.00 19.47 ? 135 ASP A CG  1 
ATOM   900  O  OD1 . ASP A 1 135 ? -6.469  8.731   11.341  1.00 15.22 ? 135 ASP A OD1 1 
ATOM   901  O  OD2 . ASP A 1 135 ? -8.621  9.006   11.475  1.00 16.67 ? 135 ASP A OD2 1 
ATOM   902  N  N   . VAL A 1 136 ? -5.371  5.641   11.663  1.00 24.25 ? 136 VAL A N   1 
ATOM   903  C  CA  A VAL A 1 136 ? -5.179  4.827   12.857  0.50 22.80 ? 136 VAL A CA  1 
ATOM   904  C  CA  B VAL A 1 136 ? -5.102  4.839   12.853  0.50 22.80 ? 136 VAL A CA  1 
ATOM   905  C  C   . VAL A 1 136 ? -5.341  5.612   14.162  1.00 24.93 ? 136 VAL A C   1 
ATOM   906  O  O   . VAL A 1 136 ? -5.802  5.059   15.158  1.00 24.86 ? 136 VAL A O   1 
ATOM   907  C  CB  A VAL A 1 136 ? -3.845  4.033   12.833  0.50 23.08 ? 136 VAL A CB  1 
ATOM   908  C  CB  B VAL A 1 136 ? -3.653  4.287   12.806  0.50 23.06 ? 136 VAL A CB  1 
ATOM   909  C  CG1 A VAL A 1 136 ? -2.680  4.915   13.212  0.50 23.20 ? 136 VAL A CG1 1 
ATOM   910  C  CG1 B VAL A 1 136 ? -3.223  3.728   14.152  0.50 22.38 ? 136 VAL A CG1 1 
ATOM   911  C  CG2 A VAL A 1 136 ? -3.928  2.849   13.780  0.50 25.13 ? 136 VAL A CG2 1 
ATOM   912  C  CG2 B VAL A 1 136 ? -3.524  3.236   11.713  0.50 20.83 ? 136 VAL A CG2 1 
ATOM   913  N  N   . ASP A 1 137 ? -5.010  6.900   14.162  1.00 24.85 ? 137 ASP A N   1 
ATOM   914  C  CA  . ASP A 1 137 ? -5.128  7.698   15.392  1.00 23.34 ? 137 ASP A CA  1 
ATOM   915  C  C   . ASP A 1 137 ? -6.430  8.500   15.493  1.00 23.13 ? 137 ASP A C   1 
ATOM   916  O  O   . ASP A 1 137 ? -6.581  9.350   16.369  1.00 28.05 ? 137 ASP A O   1 
ATOM   917  C  CB  . ASP A 1 137 ? -3.910  8.605   15.560  1.00 23.19 ? 137 ASP A CB  1 
ATOM   918  C  CG  . ASP A 1 137 ? -3.704  9.526   14.374  1.00 20.55 ? 137 ASP A CG  1 
ATOM   919  O  OD1 . ASP A 1 137 ? -4.601  9.575   13.516  1.00 18.52 ? 137 ASP A OD1 1 
ATOM   920  O  OD2 . ASP A 1 137 ? -2.665  10.210  14.309  1.00 20.86 ? 137 ASP A OD2 1 
ATOM   921  N  N   . GLY A 1 138 ? -7.364  8.240   14.583  1.00 20.71 ? 138 GLY A N   1 
ATOM   922  C  CA  . GLY A 1 138 ? -8.663  8.904   14.595  1.00 19.24 ? 138 GLY A CA  1 
ATOM   923  C  C   . GLY A 1 138 ? -8.707  10.406  14.333  1.00 20.00 ? 138 GLY A C   1 
ATOM   924  O  O   . GLY A 1 138 ? -9.603  11.090  14.819  1.00 20.56 ? 138 GLY A O   1 
ATOM   925  N  N   . THR A 1 139 ? -7.754  10.931  13.569  1.00 17.56 ? 139 THR A N   1 
ATOM   926  C  CA  . THR A 1 139 ? -7.753  12.359  13.255  1.00 20.00 ? 139 THR A CA  1 
ATOM   927  C  C   . THR A 1 139 ? -8.663  12.677  12.069  1.00 18.73 ? 139 THR A C   1 
ATOM   928  O  O   . THR A 1 139 ? -8.935  13.845  11.785  1.00 18.92 ? 139 THR A O   1 
ATOM   929  C  CB  . THR A 1 139 ? -6.338  12.874  12.918  1.00 15.87 ? 139 THR A CB  1 
ATOM   930  O  OG1 . THR A 1 139 ? -5.792  12.083  11.857  1.00 15.27 ? 139 THR A OG1 1 
ATOM   931  C  CG2 . THR A 1 139 ? -5.428  12.788  14.125  1.00 20.60 ? 139 THR A CG2 1 
ATOM   932  N  N   . MET A 1 140 ? -9.132  11.634  11.387  1.00 19.92 ? 140 MET A N   1 
ATOM   933  C  CA  . MET A 1 140 ? -9.865  11.778  10.122  1.00 20.04 ? 140 MET A CA  1 
ATOM   934  C  C   . MET A 1 140 ? -8.998  12.496  9.081   1.00 21.60 ? 140 MET A C   1 
ATOM   935  O  O   . MET A 1 140 ? -9.492  13.131  8.156   1.00 19.12 ? 140 MET A O   1 
ATOM   936  C  CB  . MET A 1 140 ? -11.233 12.458  10.309  1.00 18.26 ? 140 MET A CB  1 
ATOM   937  C  CG  . MET A 1 140 ? -12.304 11.536  10.929  1.00 21.20 ? 140 MET A CG  1 
ATOM   938  S  SD  . MET A 1 140 ? -12.532 9.949   10.047  1.00 27.62 ? 140 MET A SD  1 
ATOM   939  C  CE  . MET A 1 140 ? -13.321 10.487  8.517   1.00 30.54 ? 140 MET A CE  1 
ATOM   940  N  N   . THR A 1 141 ? -7.691  12.383  9.264   1.00 22.17 ? 141 THR A N   1 
ATOM   941  C  CA  . THR A 1 141 ? -6.720  12.840  8.293   1.00 17.93 ? 141 THR A CA  1 
ATOM   942  C  C   . THR A 1 141 ? -5.725  11.702  8.175   1.00 18.45 ? 141 THR A C   1 
ATOM   943  O  O   . THR A 1 141 ? -5.419  11.053  9.161   1.00 16.94 ? 141 THR A O   1 
ATOM   944  C  CB  . THR A 1 141 ? -5.983  14.104  8.781   1.00 18.04 ? 141 THR A CB  1 
ATOM   945  O  OG1 . THR A 1 141 ? -5.258  13.805  9.981   1.00 18.01 ? 141 THR A OG1 1 
ATOM   946  C  CG2 . THR A 1 141 ? -6.974  15.236  9.065   1.00 18.06 ? 141 THR A CG2 1 
ATOM   947  N  N   . VAL A 1 142 ? -5.236  11.435  6.973   1.00 17.42 ? 142 VAL A N   1 
ATOM   948  C  CA  . VAL A 1 142 ? -4.243  10.385  6.800   1.00 13.23 ? 142 VAL A CA  1 
ATOM   949  C  C   . VAL A 1 142 ? -2.881  11.026  6.642   1.00 15.56 ? 142 VAL A C   1 
ATOM   950  O  O   . VAL A 1 142 ? -2.694  11.858  5.758   1.00 15.17 ? 142 VAL A O   1 
ATOM   951  C  CB  . VAL A 1 142 ? -4.528  9.520   5.547   1.00 17.27 ? 142 VAL A CB  1 
ATOM   952  C  CG1 . VAL A 1 142 ? -3.318  8.638   5.206   1.00 13.65 ? 142 VAL A CG1 1 
ATOM   953  C  CG2 . VAL A 1 142 ? -5.796  8.694   5.745   1.00 15.61 ? 142 VAL A CG2 1 
ATOM   954  N  N   . ASP A 1 143 ? -1.934  10.651  7.500   1.00 13.21 ? 143 ASP A N   1 
ATOM   955  C  CA  . ASP A 1 143 ? -0.579  11.185  7.387   1.00 20.20 ? 143 ASP A CA  1 
ATOM   956  C  C   . ASP A 1 143 ? 0.306   10.190  6.636   1.00 18.06 ? 143 ASP A C   1 
ATOM   957  O  O   . ASP A 1 143 ? -0.109  9.061   6.376   1.00 16.78 ? 143 ASP A O   1 
ATOM   958  C  CB  . ASP A 1 143 ? 0.005   11.535  8.764   1.00 18.19 ? 143 ASP A CB  1 
ATOM   959  C  CG  . ASP A 1 143 ? 0.072   10.340  9.694   1.00 17.46 ? 143 ASP A CG  1 
ATOM   960  O  OD1 . ASP A 1 143 ? 0.357   9.219   9.229   1.00 20.50 ? 143 ASP A OD1 1 
ATOM   961  O  OD2 . ASP A 1 143 ? -0.160  10.518  10.906  1.00 22.63 ? 143 ASP A OD2 1 
ATOM   962  N  N   . TRP A 1 144 ? 1.520   10.602  6.303   1.00 16.33 ? 144 TRP A N   1 
ATOM   963  C  CA  . TRP A 1 144 ? 2.377   9.774   5.462   1.00 14.32 ? 144 TRP A CA  1 
ATOM   964  C  C   . TRP A 1 144 ? 2.641   8.393   6.055   1.00 16.91 ? 144 TRP A C   1 
ATOM   965  O  O   . TRP A 1 144 ? 2.587   7.399   5.338   1.00 21.85 ? 144 TRP A O   1 
ATOM   966  C  CB  . TRP A 1 144 ? 3.691   10.486  5.144   1.00 19.57 ? 144 TRP A CB  1 
ATOM   967  C  CG  . TRP A 1 144 ? 4.776   9.568   4.632   1.00 17.69 ? 144 TRP A CG  1 
ATOM   968  C  CD1 . TRP A 1 144 ? 5.971   9.300   5.230   1.00 22.86 ? 144 TRP A CD1 1 
ATOM   969  C  CD2 . TRP A 1 144 ? 4.751   8.796   3.426   1.00 16.61 ? 144 TRP A CD2 1 
ATOM   970  N  NE1 . TRP A 1 144 ? 6.701   8.418   4.467   1.00 21.07 ? 144 TRP A NE1 1 
ATOM   971  C  CE2 . TRP A 1 144 ? 5.971   8.091   3.357   1.00 18.99 ? 144 TRP A CE2 1 
ATOM   972  C  CE3 . TRP A 1 144 ? 3.816   8.636   2.398   1.00 18.75 ? 144 TRP A CE3 1 
ATOM   973  C  CZ2 . TRP A 1 144 ? 6.279   7.235   2.305   1.00 18.77 ? 144 TRP A CZ2 1 
ATOM   974  C  CZ3 . TRP A 1 144 ? 4.132   7.780   1.344   1.00 19.99 ? 144 TRP A CZ3 1 
ATOM   975  C  CH2 . TRP A 1 144 ? 5.353   7.095   1.308   1.00 19.54 ? 144 TRP A CH2 1 
ATOM   976  N  N   . ASN A 1 145 ? 2.917   8.327   7.355   1.00 18.05 ? 145 ASN A N   1 
ATOM   977  C  CA  . ASN A 1 145 ? 3.159   7.045   8.017   1.00 19.15 ? 145 ASN A CA  1 
ATOM   978  C  C   . ASN A 1 145 ? 1.970   6.091   7.900   1.00 19.34 ? 145 ASN A C   1 
ATOM   979  O  O   . ASN A 1 145 ? 2.144   4.909   7.617   1.00 18.96 ? 145 ASN A O   1 
ATOM   980  C  CB  . ASN A 1 145 ? 3.517   7.229   9.498   1.00 20.49 ? 145 ASN A CB  1 
ATOM   981  C  CG  . ASN A 1 145 ? 4.893   7.850   9.700   1.00 27.59 ? 145 ASN A CG  1 
ATOM   982  O  OD1 . ASN A 1 145 ? 5.718   7.891   8.782   1.00 28.68 ? 145 ASN A OD1 1 
ATOM   983  N  ND2 . ASN A 1 145 ? 5.146   8.332   10.911  1.00 27.15 ? 145 ASN A ND2 1 
ATOM   984  N  N   . GLU A 1 146 ? 0.769   6.614   8.141   1.00 15.95 ? 146 GLU A N   1 
ATOM   985  C  CA  . GLU A 1 146 ? -0.456  5.834   8.025   1.00 17.16 ? 146 GLU A CA  1 
ATOM   986  C  C   . GLU A 1 146 ? -0.653  5.305   6.611   1.00 14.46 ? 146 GLU A C   1 
ATOM   987  O  O   . GLU A 1 146 ? -0.980  4.145   6.423   1.00 15.07 ? 146 GLU A O   1 
ATOM   988  C  CB  . GLU A 1 146 ? -1.667  6.677   8.426   1.00 18.49 ? 146 GLU A CB  1 
ATOM   989  C  CG  . GLU A 1 146 ? -1.719  7.037   9.915   1.00 21.78 ? 146 GLU A CG  1 
ATOM   990  C  CD  . GLU A 1 146 ? -2.890  7.948   10.260  1.00 19.88 ? 146 GLU A CD  1 
ATOM   991  O  OE1 . GLU A 1 146 ? -3.189  8.872   9.470   1.00 14.46 ? 146 GLU A OE1 1 
ATOM   992  O  OE2 . GLU A 1 146 ? -3.510  7.731   11.329  1.00 21.60 ? 146 GLU A OE2 1 
ATOM   993  N  N   . TRP A 1 147 ? -0.468  6.179   5.626   1.00 17.19 ? 147 TRP A N   1 
ATOM   994  C  CA  . TRP A 1 147 ? -0.592  5.825   4.211   1.00 14.73 ? 147 TRP A CA  1 
ATOM   995  C  C   . TRP A 1 147 ? 0.433   4.757   3.811   1.00 20.17 ? 147 TRP A C   1 
ATOM   996  O  O   . TRP A 1 147 ? 0.087   3.707   3.248   1.00 19.45 ? 147 TRP A O   1 
ATOM   997  C  CB  . TRP A 1 147 ? -0.372  7.089   3.387   1.00 15.98 ? 147 TRP A CB  1 
ATOM   998  C  CG  . TRP A 1 147 ? -0.415  6.922   1.897   1.00 15.56 ? 147 TRP A CG  1 
ATOM   999  C  CD1 . TRP A 1 147 ? 0.640   6.707   1.073   1.00 14.88 ? 147 TRP A CD1 1 
ATOM   1000 C  CD2 . TRP A 1 147 ? -1.574  7.021   1.053   1.00 14.93 ? 147 TRP A CD2 1 
ATOM   1001 N  NE1 . TRP A 1 147 ? 0.214   6.642   -0.235  1.00 14.30 ? 147 TRP A NE1 1 
ATOM   1002 C  CE2 . TRP A 1 147 ? -1.140  6.838   -0.272  1.00 14.84 ? 147 TRP A CE2 1 
ATOM   1003 C  CE3 . TRP A 1 147 ? -2.936  7.249   1.295   1.00 14.36 ? 147 TRP A CE3 1 
ATOM   1004 C  CZ2 . TRP A 1 147 ? -2.016  6.869   -1.355  1.00 14.16 ? 147 TRP A CZ2 1 
ATOM   1005 C  CZ3 . TRP A 1 147 ? -3.809  7.270   0.216   1.00 17.12 ? 147 TRP A CZ3 1 
ATOM   1006 C  CH2 . TRP A 1 147 ? -3.344  7.088   -1.091  1.00 14.09 ? 147 TRP A CH2 1 
ATOM   1007 N  N   . ARG A 1 148 ? 1.696   5.043   4.117   1.00 19.40 ? 148 ARG A N   1 
ATOM   1008 C  CA  . ARG A 1 148 ? 2.812   4.160   3.818   1.00 16.47 ? 148 ARG A CA  1 
ATOM   1009 C  C   . ARG A 1 148 ? 2.629   2.778   4.446   1.00 18.73 ? 148 ARG A C   1 
ATOM   1010 O  O   . ARG A 1 148 ? 2.763   1.764   3.763   1.00 15.50 ? 148 ARG A O   1 
ATOM   1011 C  CB  . ARG A 1 148 ? 4.106   4.790   4.334   1.00 17.89 ? 148 ARG A CB  1 
ATOM   1012 C  CG  . ARG A 1 148 ? 5.368   3.985   4.057   1.00 23.97 ? 148 ARG A CG  1 
ATOM   1013 C  CD  . ARG A 1 148 ? 6.473   4.359   5.040   1.00 23.61 ? 148 ARG A CD  1 
ATOM   1014 N  NE  . ARG A 1 148 ? 6.068   4.076   6.414   1.00 29.68 ? 148 ARG A NE  1 
ATOM   1015 C  CZ  . ARG A 1 148 ? 6.579   4.668   7.491   1.00 36.13 ? 148 ARG A CZ  1 
ATOM   1016 N  NH1 . ARG A 1 148 ? 7.521   5.595   7.360   1.00 37.35 ? 148 ARG A NH1 1 
ATOM   1017 N  NH2 . ARG A 1 148 ? 6.136   4.342   8.702   1.00 34.45 ? 148 ARG A NH2 1 
ATOM   1018 N  N   . ASP A 1 149 ? 2.322   2.751   5.743   1.00 15.73 ? 149 ASP A N   1 
ATOM   1019 C  CA  . ASP A 1 149 ? 2.143   1.498   6.472   1.00 20.11 ? 149 ASP A CA  1 
ATOM   1020 C  C   . ASP A 1 149 ? 0.986   0.689   5.901   1.00 16.26 ? 149 ASP A C   1 
ATOM   1021 O  O   . ASP A 1 149 ? 1.059   -0.531  5.821   1.00 16.44 ? 149 ASP A O   1 
ATOM   1022 C  CB  . ASP A 1 149 ? 1.874   1.738   7.963   1.00 14.92 ? 149 ASP A CB  1 
ATOM   1023 C  CG  . ASP A 1 149 ? 3.090   2.254   8.715   1.00 22.61 ? 149 ASP A CG  1 
ATOM   1024 O  OD1 . ASP A 1 149 ? 4.180   2.422   8.111   1.00 23.56 ? 149 ASP A OD1 1 
ATOM   1025 O  OD2 . ASP A 1 149 ? 2.946   2.489   9.933   1.00 25.40 ? 149 ASP A OD2 1 
ATOM   1026 N  N   . TYR A 1 150 ? -0.087  1.370   5.527   1.00 14.86 ? 150 TYR A N   1 
ATOM   1027 C  CA  . TYR A 1 150 ? -1.233  0.676   4.969   1.00 15.79 ? 150 TYR A CA  1 
ATOM   1028 C  C   . TYR A 1 150 ? -0.822  0.024   3.656   1.00 16.83 ? 150 TYR A C   1 
ATOM   1029 O  O   . TYR A 1 150 ? -1.124  -1.140  3.400   1.00 17.64 ? 150 TYR A O   1 
ATOM   1030 C  CB  . TYR A 1 150 ? -2.392  1.641   4.753   1.00 12.68 ? 150 TYR A CB  1 
ATOM   1031 C  CG  . TYR A 1 150 ? -3.632  0.977   4.212   1.00 19.41 ? 150 TYR A CG  1 
ATOM   1032 C  CD1 . TYR A 1 150 ? -4.460  0.235   5.045   1.00 18.80 ? 150 TYR A CD1 1 
ATOM   1033 C  CD2 . TYR A 1 150 ? -3.974  1.083   2.869   1.00 16.69 ? 150 TYR A CD2 1 
ATOM   1034 C  CE1 . TYR A 1 150 ? -5.601  -0.378  4.564   1.00 18.57 ? 150 TYR A CE1 1 
ATOM   1035 C  CE2 . TYR A 1 150 ? -5.117  0.473   2.374   1.00 16.08 ? 150 TYR A CE2 1 
ATOM   1036 C  CZ  . TYR A 1 150 ? -5.923  -0.264  3.224   1.00 19.70 ? 150 TYR A CZ  1 
ATOM   1037 O  OH  . TYR A 1 150 ? -7.061  -0.878  2.737   1.00 14.53 ? 150 TYR A OH  1 
ATOM   1038 N  N   . PHE A 1 151 ? -0.098  0.771   2.832   1.00 16.99 ? 151 PHE A N   1 
ATOM   1039 C  CA  . PHE A 1 151 ? 0.179   0.323   1.475   1.00 15.95 ? 151 PHE A CA  1 
ATOM   1040 C  C   . PHE A 1 151 ? 1.489   -0.447  1.302   1.00 16.76 ? 151 PHE A C   1 
ATOM   1041 O  O   . PHE A 1 151 ? 1.773   -0.943  0.218   1.00 16.08 ? 151 PHE A O   1 
ATOM   1042 C  CB  . PHE A 1 151 ? 0.074   1.489   0.481   1.00 15.16 ? 151 PHE A CB  1 
ATOM   1043 C  CG  . PHE A 1 151 ? -1.351  1.892   0.169   1.00 18.60 ? 151 PHE A CG  1 
ATOM   1044 C  CD1 . PHE A 1 151 ? -2.191  1.030   -0.525  1.00 16.92 ? 151 PHE A CD1 1 
ATOM   1045 C  CD2 . PHE A 1 151 ? -1.846  3.130   0.569   1.00 16.48 ? 151 PHE A CD2 1 
ATOM   1046 C  CE1 . PHE A 1 151 ? -3.494  1.393   -0.809  1.00 19.52 ? 151 PHE A CE1 1 
ATOM   1047 C  CE2 . PHE A 1 151 ? -3.149  3.502   0.286   1.00 17.62 ? 151 PHE A CE2 1 
ATOM   1048 C  CZ  . PHE A 1 151 ? -3.977  2.633   -0.404  1.00 14.16 ? 151 PHE A CZ  1 
ATOM   1049 N  N   . LEU A 1 152 ? 2.259   -0.565  2.382   1.00 20.09 ? 152 LEU A N   1 
ATOM   1050 C  CA  . LEU A 1 152 ? 3.604   -1.152  2.344   1.00 17.88 ? 152 LEU A CA  1 
ATOM   1051 C  C   . LEU A 1 152 ? 3.704   -2.468  1.578   1.00 16.53 ? 152 LEU A C   1 
ATOM   1052 O  O   . LEU A 1 152 ? 4.586   -2.627  0.740   1.00 19.28 ? 152 LEU A O   1 
ATOM   1053 C  CB  . LEU A 1 152 ? 4.137   -1.347  3.765   1.00 22.38 ? 152 LEU A CB  1 
ATOM   1054 C  CG  . LEU A 1 152 ? 5.631   -1.643  3.894   1.00 25.12 ? 152 LEU A CG  1 
ATOM   1055 C  CD1 . LEU A 1 152 ? 6.457   -0.621  3.118   1.00 22.35 ? 152 LEU A CD1 1 
ATOM   1056 C  CD2 . LEU A 1 152 ? 5.994   -1.607  5.345   1.00 26.46 ? 152 LEU A CD2 1 
ATOM   1057 N  N   . PHE A 1 153 ? 2.793   -3.398  1.850   1.00 16.57 ? 153 PHE A N   1 
ATOM   1058 C  CA  . PHE A 1 153 ? 2.843   -4.710  1.201   1.00 19.45 ? 153 PHE A CA  1 
ATOM   1059 C  C   . PHE A 1 153 ? 1.751   -4.938  0.139   1.00 18.84 ? 153 PHE A C   1 
ATOM   1060 O  O   . PHE A 1 153 ? 1.590   -6.041  -0.381  1.00 18.94 ? 153 PHE A O   1 
ATOM   1061 C  CB  . PHE A 1 153 ? 2.836   -5.826  2.253   1.00 22.16 ? 153 PHE A CB  1 
ATOM   1062 C  CG  . PHE A 1 153 ? 4.127   -5.930  3.027   1.00 22.65 ? 153 PHE A CG  1 
ATOM   1063 C  CD1 . PHE A 1 153 ? 5.234   -6.559  2.468   1.00 23.07 ? 153 PHE A CD1 1 
ATOM   1064 C  CD2 . PHE A 1 153 ? 4.235   -5.397  4.298   1.00 24.72 ? 153 PHE A CD2 1 
ATOM   1065 C  CE1 . PHE A 1 153 ? 6.429   -6.666  3.167   1.00 25.37 ? 153 PHE A CE1 1 
ATOM   1066 C  CE2 . PHE A 1 153 ? 5.434   -5.495  5.007   1.00 38.72 ? 153 PHE A CE2 1 
ATOM   1067 C  CZ  . PHE A 1 153 ? 6.532   -6.130  4.436   1.00 29.71 ? 153 PHE A CZ  1 
ATOM   1068 N  N   . ASN A 1 154 ? 1.016   -3.882  -0.185  1.00 19.04 ? 154 ASN A N   1 
ATOM   1069 C  CA  . ASN A 1 154 ? 0.051   -3.917  -1.284  1.00 18.20 ? 154 ASN A CA  1 
ATOM   1070 C  C   . ASN A 1 154 ? 0.812   -3.630  -2.580  1.00 18.70 ? 154 ASN A C   1 
ATOM   1071 O  O   . ASN A 1 154 ? 1.511   -2.616  -2.668  1.00 15.43 ? 154 ASN A O   1 
ATOM   1072 C  CB  . ASN A 1 154 ? -1.045  -2.871  -1.031  1.00 18.89 ? 154 ASN A CB  1 
ATOM   1073 C  CG  . ASN A 1 154 ? -2.248  -3.033  -1.942  1.00 18.31 ? 154 ASN A CG  1 
ATOM   1074 O  OD1 . ASN A 1 154 ? -2.151  -3.586  -3.032  1.00 17.50 ? 154 ASN A OD1 1 
ATOM   1075 N  ND2 . ASN A 1 154 ? -3.396  -2.523  -1.500  1.00 18.36 ? 154 ASN A ND2 1 
ATOM   1076 N  N   . PRO A 1 155 ? 0.696   -4.530  -3.583  1.00 17.18 ? 155 PRO A N   1 
ATOM   1077 C  CA  . PRO A 1 155 ? 1.449   -4.431  -4.850  1.00 15.98 ? 155 PRO A CA  1 
ATOM   1078 C  C   . PRO A 1 155 ? 1.155   -3.187  -5.702  1.00 20.91 ? 155 PRO A C   1 
ATOM   1079 O  O   . PRO A 1 155 ? 1.892   -2.967  -6.666  1.00 25.15 ? 155 PRO A O   1 
ATOM   1080 C  CB  . PRO A 1 155 ? 0.999   -5.680  -5.632  1.00 19.42 ? 155 PRO A CB  1 
ATOM   1081 C  CG  . PRO A 1 155 ? 0.406   -6.584  -4.642  1.00 16.06 ? 155 PRO A CG  1 
ATOM   1082 C  CD  . PRO A 1 155 ? -0.155  -5.733  -3.549  1.00 12.29 ? 155 PRO A CD  1 
ATOM   1083 N  N   . VAL A 1 156 ? 0.121   -2.405  -5.373  1.00 18.59 ? 156 VAL A N   1 
ATOM   1084 C  CA  . VAL A 1 156 ? -0.260  -1.237  -6.178  1.00 14.32 ? 156 VAL A CA  1 
ATOM   1085 C  C   . VAL A 1 156 ? 0.918   -0.307  -6.442  1.00 16.53 ? 156 VAL A C   1 
ATOM   1086 O  O   . VAL A 1 156 ? 1.737   -0.069  -5.543  1.00 16.69 ? 156 VAL A O   1 
ATOM   1087 C  CB  . VAL A 1 156 ? -1.397  -0.421  -5.505  1.00 20.23 ? 156 VAL A CB  1 
ATOM   1088 C  CG1 . VAL A 1 156 ? -2.682  -1.236  -5.464  1.00 16.00 ? 156 VAL A CG1 1 
ATOM   1089 C  CG2 . VAL A 1 156 ? -0.981  0.037   -4.088  1.00 17.93 ? 156 VAL A CG2 1 
ATOM   1090 N  N   . THR A 1 157 ? 1.002   0.235   -7.660  1.00 14.58 ? 157 THR A N   1 
ATOM   1091 C  CA  . THR A 1 157 ? 2.153   1.067   -8.031  1.00 18.71 ? 157 THR A CA  1 
ATOM   1092 C  C   . THR A 1 157 ? 1.908   2.575   -8.236  1.00 18.26 ? 157 THR A C   1 
ATOM   1093 O  O   . THR A 1 157 ? 2.861   3.351   -8.372  1.00 17.06 ? 157 THR A O   1 
ATOM   1094 C  CB  . THR A 1 157 ? 2.878   0.498   -9.263  1.00 22.43 ? 157 THR A CB  1 
ATOM   1095 O  OG1 . THR A 1 157 ? 1.973   0.461   -10.374 1.00 19.30 ? 157 THR A OG1 1 
ATOM   1096 C  CG2 . THR A 1 157 ? 3.392   -0.920  -8.965  1.00 23.01 ? 157 THR A CG2 1 
ATOM   1097 N  N   . ASP A 1 158 ? 0.645   2.992   -8.259  1.00 17.70 ? 158 ASP A N   1 
ATOM   1098 C  CA  . ASP A 1 158 ? 0.335   4.405   -8.433  1.00 17.07 ? 158 ASP A CA  1 
ATOM   1099 C  C   . ASP A 1 158 ? -1.085  4.676   -7.979  1.00 16.30 ? 158 ASP A C   1 
ATOM   1100 O  O   . ASP A 1 158 ? -1.819  3.743   -7.641  1.00 18.81 ? 158 ASP A O   1 
ATOM   1101 C  CB  . ASP A 1 158 ? 0.559   4.860   -9.892  1.00 15.03 ? 158 ASP A CB  1 
ATOM   1102 C  CG  . ASP A 1 158 ? -0.268  4.062   -10.913 1.00 17.36 ? 158 ASP A CG  1 
ATOM   1103 O  OD1 . ASP A 1 158 ? -1.373  3.561   -10.590 1.00 17.14 ? 158 ASP A OD1 1 
ATOM   1104 O  OD2 . ASP A 1 158 ? 0.184   3.966   -12.071 1.00 21.01 ? 158 ASP A OD2 1 
ATOM   1105 N  N   . ILE A 1 159 ? -1.479  5.946   -7.975  1.00 16.58 ? 159 ILE A N   1 
ATOM   1106 C  CA  . ILE A 1 159 ? -2.787  6.314   -7.436  1.00 13.15 ? 159 ILE A CA  1 
ATOM   1107 C  C   . ILE A 1 159 ? -3.932  5.631   -8.190  1.00 15.19 ? 159 ILE A C   1 
ATOM   1108 O  O   . ILE A 1 159 ? -4.950  5.263   -7.593  1.00 16.03 ? 159 ILE A O   1 
ATOM   1109 C  CB  . ILE A 1 159 ? -2.978  7.854   -7.350  1.00 18.62 ? 159 ILE A CB  1 
ATOM   1110 C  CG1 . ILE A 1 159 ? -4.248  8.205   -6.553  1.00 15.32 ? 159 ILE A CG1 1 
ATOM   1111 C  CG2 . ILE A 1 159 ? -2.946  8.503   -8.747  1.00 14.53 ? 159 ILE A CG2 1 
ATOM   1112 C  CD1 . ILE A 1 159 ? -4.279  7.643   -5.124  1.00 11.60 ? 159 ILE A CD1 1 
ATOM   1113 N  N   . GLU A 1 160 ? -3.765  5.418   -9.492  1.00 14.45 ? 160 GLU A N   1 
ATOM   1114 C  CA  . GLU A 1 160 ? -4.832  4.755   -10.234 1.00 16.94 ? 160 GLU A CA  1 
ATOM   1115 C  C   . GLU A 1 160 ? -5.045  3.324   -9.741  1.00 16.59 ? 160 GLU A C   1 
ATOM   1116 O  O   . GLU A 1 160 ? -6.181  2.880   -9.559  1.00 18.75 ? 160 GLU A O   1 
ATOM   1117 C  CB  . GLU A 1 160 ? -4.588  4.771   -11.743 1.00 23.24 ? 160 GLU A CB  1 
ATOM   1118 C  CG  . GLU A 1 160 ? -5.804  4.272   -12.509 1.00 27.28 ? 160 GLU A CG  1 
ATOM   1119 C  CD  . GLU A 1 160 ? -5.607  4.250   -14.010 1.00 40.76 ? 160 GLU A CD  1 
ATOM   1120 O  OE1 . GLU A 1 160 ? -4.530  3.801   -14.469 1.00 36.74 ? 160 GLU A OE1 1 
ATOM   1121 O  OE2 . GLU A 1 160 ? -6.534  4.681   -14.732 1.00 41.86 ? 160 GLU A OE2 1 
ATOM   1122 N  N   . GLU A 1 161 ? -3.951  2.599   -9.525  1.00 19.59 ? 161 GLU A N   1 
ATOM   1123 C  CA  . GLU A 1 161 ? -4.051  1.239   -9.017  1.00 16.56 ? 161 GLU A CA  1 
ATOM   1124 C  C   . GLU A 1 161 ? -4.673  1.225   -7.631  1.00 16.29 ? 161 GLU A C   1 
ATOM   1125 O  O   . GLU A 1 161 ? -5.450  0.328   -7.297  1.00 15.40 ? 161 GLU A O   1 
ATOM   1126 C  CB  . GLU A 1 161 ? -2.684  0.555   -9.004  1.00 16.10 ? 161 GLU A CB  1 
ATOM   1127 C  CG  . GLU A 1 161 ? -2.169  0.246   -10.397 1.00 23.80 ? 161 GLU A CG  1 
ATOM   1128 C  CD  . GLU A 1 161 ? -3.271  -0.279  -11.294 1.00 30.42 ? 161 GLU A CD  1 
ATOM   1129 O  OE1 . GLU A 1 161 ? -3.886  -1.310  -10.933 1.00 26.46 ? 161 GLU A OE1 1 
ATOM   1130 O  OE2 . GLU A 1 161 ? -3.544  0.364   -12.337 1.00 31.00 ? 161 GLU A OE2 1 
ATOM   1131 N  N   . ILE A 1 162 ? -4.335  2.237   -6.841  1.00 12.11 ? 162 ILE A N   1 
ATOM   1132 C  CA  . ILE A 1 162 ? -4.882  2.370   -5.498  1.00 13.51 ? 162 ILE A CA  1 
ATOM   1133 C  C   . ILE A 1 162 ? -6.387  2.515   -5.577  1.00 15.49 ? 162 ILE A C   1 
ATOM   1134 O  O   . ILE A 1 162 ? -7.116  1.820   -4.871  1.00 17.37 ? 162 ILE A O   1 
ATOM   1135 C  CB  . ILE A 1 162 ? -4.262  3.555   -4.728  1.00 15.67 ? 162 ILE A CB  1 
ATOM   1136 C  CG1 . ILE A 1 162 ? -2.834  3.186   -4.293  1.00 16.52 ? 162 ILE A CG1 1 
ATOM   1137 C  CG2 . ILE A 1 162 ? -5.151  3.927   -3.523  1.00 16.96 ? 162 ILE A CG2 1 
ATOM   1138 C  CD1 . ILE A 1 162 ? -2.011  4.319   -3.654  1.00 16.07 ? 162 ILE A CD1 1 
ATOM   1139 N  N   . ILE A 1 163 ? -6.835  3.391   -6.474  1.00 15.97 ? 163 ILE A N   1 
ATOM   1140 C  CA  . ILE A 1 163 ? -8.257  3.581   -6.744  1.00 16.55 ? 163 ILE A CA  1 
ATOM   1141 C  C   . ILE A 1 163 ? -8.916  2.294   -7.252  1.00 15.61 ? 163 ILE A C   1 
ATOM   1142 O  O   . ILE A 1 163 ? -10.042 1.992   -6.882  1.00 15.76 ? 163 ILE A O   1 
ATOM   1143 C  CB  . ILE A 1 163 ? -8.482  4.762   -7.719  1.00 15.93 ? 163 ILE A CB  1 
ATOM   1144 C  CG1 . ILE A 1 163 ? -7.995  6.067   -7.069  1.00 18.22 ? 163 ILE A CG1 1 
ATOM   1145 C  CG2 . ILE A 1 163 ? -9.952  4.873   -8.125  1.00 20.42 ? 163 ILE A CG2 1 
ATOM   1146 C  CD1 . ILE A 1 163 ? -7.842  7.228   -8.043  1.00 13.96 ? 163 ILE A CD1 1 
ATOM   1147 N  N   . ARG A 1 164 ? -8.200  1.532   -8.081  1.00 17.38 ? 164 ARG A N   1 
ATOM   1148 C  CA  . ARG A 1 164 ? -8.710  0.269   -8.589  1.00 14.52 ? 164 ARG A CA  1 
ATOM   1149 C  C   . ARG A 1 164 ? -8.929  -0.693  -7.428  1.00 15.64 ? 164 ARG A C   1 
ATOM   1150 O  O   . ARG A 1 164 ? -9.957  -1.354  -7.351  1.00 18.41 ? 164 ARG A O   1 
ATOM   1151 C  CB  . ARG A 1 164 ? -7.743  -0.349  -9.605  1.00 19.32 ? 164 ARG A CB  1 
ATOM   1152 C  CG  . ARG A 1 164 ? -8.288  -1.593  -10.309 1.00 22.67 ? 164 ARG A CG  1 
ATOM   1153 C  CD  . ARG A 1 164 ? -7.269  -2.200  -11.270 1.00 25.91 ? 164 ARG A CD  1 
ATOM   1154 N  NE  . ARG A 1 164 ? -6.957  -1.304  -12.381 1.00 29.16 ? 164 ARG A NE  1 
ATOM   1155 C  CZ  . ARG A 1 164 ? -7.765  -1.106  -13.414 1.00 36.79 ? 164 ARG A CZ  1 
ATOM   1156 N  NH1 . ARG A 1 164 ? -8.933  -1.735  -13.474 1.00 41.57 ? 164 ARG A NH1 1 
ATOM   1157 N  NH2 . ARG A 1 164 ? -7.407  -0.276  -14.383 1.00 49.08 ? 164 ARG A NH2 1 
ATOM   1158 N  N   . PHE A 1 165 ? -7.942  -0.744  -6.534  1.00 15.15 ? 165 PHE A N   1 
ATOM   1159 C  CA  . PHE A 1 165 ? -7.992  -1.515  -5.295  1.00 13.16 ? 165 PHE A CA  1 
ATOM   1160 C  C   . PHE A 1 165 ? -9.182  -1.106  -4.426  1.00 16.09 ? 165 PHE A C   1 
ATOM   1161 O  O   . PHE A 1 165 ? -9.919  -1.954  -3.946  1.00 12.54 ? 165 PHE A O   1 
ATOM   1162 C  CB  . PHE A 1 165 ? -6.675  -1.325  -4.523  1.00 15.37 ? 165 PHE A CB  1 
ATOM   1163 C  CG  . PHE A 1 165 ? -6.726  -1.767  -3.085  1.00 13.50 ? 165 PHE A CG  1 
ATOM   1164 C  CD1 . PHE A 1 165 ? -6.639  -3.114  -2.750  1.00 15.95 ? 165 PHE A CD1 1 
ATOM   1165 C  CD2 . PHE A 1 165 ? -6.828  -0.830  -2.059  1.00 18.48 ? 165 PHE A CD2 1 
ATOM   1166 C  CE1 . PHE A 1 165 ? -6.685  -3.527  -1.412  1.00 14.94 ? 165 PHE A CE1 1 
ATOM   1167 C  CE2 . PHE A 1 165 ? -6.859  -1.232  -0.728  1.00 15.56 ? 165 PHE A CE2 1 
ATOM   1168 C  CZ  . PHE A 1 165 ? -6.788  -2.589  -0.408  1.00 13.92 ? 165 PHE A CZ  1 
ATOM   1169 N  N   . TRP A 1 166 ? -9.369  0.198   -4.226  1.00 15.86 ? 166 TRP A N   1 
ATOM   1170 C  CA  . TRP A 1 166 ? -10.470 0.682   -3.399  1.00 15.49 ? 166 TRP A CA  1 
ATOM   1171 C  C   . TRP A 1 166 ? -11.811 0.200   -3.940  1.00 15.62 ? 166 TRP A C   1 
ATOM   1172 O  O   . TRP A 1 166 ? -12.660 -0.268  -3.188  1.00 15.27 ? 166 TRP A O   1 
ATOM   1173 C  CB  . TRP A 1 166 ? -10.467 2.208   -3.300  1.00 12.11 ? 166 TRP A CB  1 
ATOM   1174 C  CG  . TRP A 1 166 ? -9.457  2.737   -2.333  1.00 14.48 ? 166 TRP A CG  1 
ATOM   1175 C  CD1 . TRP A 1 166 ? -8.932  2.086   -1.239  1.00 14.21 ? 166 TRP A CD1 1 
ATOM   1176 C  CD2 . TRP A 1 166 ? -8.837  4.022   -2.373  1.00 15.40 ? 166 TRP A CD2 1 
ATOM   1177 N  NE1 . TRP A 1 166 ? -8.024  2.898   -0.600  1.00 14.64 ? 166 TRP A NE1 1 
ATOM   1178 C  CE2 . TRP A 1 166 ? -7.955  4.094   -1.269  1.00 15.00 ? 166 TRP A CE2 1 
ATOM   1179 C  CE3 . TRP A 1 166 ? -8.951  5.124   -3.227  1.00 13.58 ? 166 TRP A CE3 1 
ATOM   1180 C  CZ2 . TRP A 1 166 ? -7.190  5.224   -1.006  1.00 13.62 ? 166 TRP A CZ2 1 
ATOM   1181 C  CZ3 . TRP A 1 166 ? -8.184  6.249   -2.964  1.00 18.64 ? 166 TRP A CZ3 1 
ATOM   1182 C  CH2 . TRP A 1 166 ? -7.315  6.292   -1.860  1.00 14.52 ? 166 TRP A CH2 1 
ATOM   1183 N  N   . LYS A 1 167 ? -11.995 0.300   -5.251  1.00 14.48 ? 167 LYS A N   1 
ATOM   1184 C  CA  . LYS A 1 167 ? -13.264 -0.113  -5.831  1.00 16.52 ? 167 LYS A CA  1 
ATOM   1185 C  C   . LYS A 1 167 ? -13.378 -1.635  -5.923  1.00 18.39 ? 167 LYS A C   1 
ATOM   1186 O  O   . LYS A 1 167 ? -14.346 -2.218  -5.435  1.00 19.57 ? 167 LYS A O   1 
ATOM   1187 C  CB  . LYS A 1 167 ? -13.470 0.517   -7.204  1.00 16.14 ? 167 LYS A CB  1 
ATOM   1188 C  CG  . LYS A 1 167 ? -14.795 0.144   -7.848  1.00 16.94 ? 167 LYS A CG  1 
ATOM   1189 C  CD  . LYS A 1 167 ? -15.084 0.976   -9.075  1.00 14.34 ? 167 LYS A CD  1 
ATOM   1190 C  CE  . LYS A 1 167 ? -16.329 0.454   -9.781  1.00 22.10 ? 167 LYS A CE  1 
ATOM   1191 N  NZ  . LYS A 1 167 ? -16.803 1.366   -10.859 1.00 24.00 ? 167 LYS A NZ  1 
ATOM   1192 N  N   . HIS A 1 168 ? -12.384 -2.275  -6.536  1.00 18.25 ? 168 HIS A N   1 
ATOM   1193 C  CA  . HIS A 1 168 ? -12.489 -3.690  -6.901  1.00 18.25 ? 168 HIS A CA  1 
ATOM   1194 C  C   . HIS A 1 168 ? -12.063 -4.682  -5.820  1.00 17.35 ? 168 HIS A C   1 
ATOM   1195 O  O   . HIS A 1 168 ? -12.315 -5.873  -5.947  1.00 14.71 ? 168 HIS A O   1 
ATOM   1196 C  CB  . HIS A 1 168 ? -11.755 -3.961  -8.215  1.00 19.04 ? 168 HIS A CB  1 
ATOM   1197 C  CG  . HIS A 1 168 ? -12.447 -3.373  -9.405  1.00 21.79 ? 168 HIS A CG  1 
ATOM   1198 N  ND1 . HIS A 1 168 ? -12.264 -2.069  -9.805  1.00 21.58 ? 168 HIS A ND1 1 
ATOM   1199 C  CD2 . HIS A 1 168 ? -13.347 -3.909  -10.266 1.00 18.18 ? 168 HIS A CD2 1 
ATOM   1200 C  CE1 . HIS A 1 168 ? -13.012 -1.824  -10.868 1.00 19.73 ? 168 HIS A CE1 1 
ATOM   1201 N  NE2 . HIS A 1 168 ? -13.678 -2.924  -11.166 1.00 24.83 ? 168 HIS A NE2 1 
ATOM   1202 N  N   . SER A 1 169 ? -11.446 -4.187  -4.753  1.00 14.18 ? 169 SER A N   1 
ATOM   1203 C  CA  . SER A 1 169 ? -11.060 -5.045  -3.635  1.00 20.94 ? 169 SER A CA  1 
ATOM   1204 C  C   . SER A 1 169 ? -11.811 -4.705  -2.348  1.00 19.52 ? 169 SER A C   1 
ATOM   1205 O  O   . SER A 1 169 ? -12.154 -5.601  -1.570  1.00 15.64 ? 169 SER A O   1 
ATOM   1206 C  CB  . SER A 1 169 ? -9.539  -4.997  -3.389  1.00 20.05 ? 169 SER A CB  1 
ATOM   1207 O  OG  . SER A 1 169 ? -8.837  -5.609  -4.450  1.00 19.58 ? 169 SER A OG  1 
ATOM   1208 N  N   . THR A 1 170 ? -12.063 -3.416  -2.112  1.00 16.29 ? 170 THR A N   1 
ATOM   1209 C  CA  . THR A 1 170 ? -12.735 -3.029  -0.870  1.00 16.61 ? 170 THR A CA  1 
ATOM   1210 C  C   . THR A 1 170 ? -14.196 -2.611  -1.078  1.00 18.72 ? 170 THR A C   1 
ATOM   1211 O  O   . THR A 1 170 ? -14.920 -2.364  -0.116  1.00 16.82 ? 170 THR A O   1 
ATOM   1212 C  CB  . THR A 1 170 ? -11.953 -1.943  -0.097  1.00 22.05 ? 170 THR A CB  1 
ATOM   1213 O  OG1 . THR A 1 170 ? -11.797 -0.777  -0.916  1.00 19.79 ? 170 THR A OG1 1 
ATOM   1214 C  CG2 . THR A 1 170 ? -10.579 -2.468  0.314   1.00 20.95 ? 170 THR A CG2 1 
ATOM   1215 N  N   . GLY A 1 171 ? -14.620 -2.530  -2.337  1.00 15.89 ? 171 GLY A N   1 
ATOM   1216 C  CA  . GLY A 1 171 ? -16.010 -2.258  -2.656  1.00 14.39 ? 171 GLY A CA  1 
ATOM   1217 C  C   . GLY A 1 171 ? -16.465 -0.815  -2.542  1.00 15.15 ? 171 GLY A C   1 
ATOM   1218 O  O   . GLY A 1 171 ? -17.658 -0.534  -2.580  1.00 15.64 ? 171 GLY A O   1 
ATOM   1219 N  N   . ILE A 1 172 ? -15.529 0.113   -2.399  1.00 15.59 ? 172 ILE A N   1 
ATOM   1220 C  CA  . ILE A 1 172 ? -15.907 1.521   -2.312  1.00 15.16 ? 172 ILE A CA  1 
ATOM   1221 C  C   . ILE A 1 172 ? -16.663 1.956   -3.576  1.00 17.79 ? 172 ILE A C   1 
ATOM   1222 O  O   . ILE A 1 172 ? -16.283 1.583   -4.694  1.00 14.12 ? 172 ILE A O   1 
ATOM   1223 C  CB  . ILE A 1 172 ? -14.676 2.428   -2.087  1.00 15.48 ? 172 ILE A CB  1 
ATOM   1224 C  CG1 . ILE A 1 172 ? -13.928 2.028   -0.809  1.00 13.21 ? 172 ILE A CG1 1 
ATOM   1225 C  CG2 . ILE A 1 172 ? -15.099 3.894   -2.016  1.00 12.63 ? 172 ILE A CG2 1 
ATOM   1226 C  CD1 . ILE A 1 172 ? -14.765 2.114   0.450   1.00 15.15 ? 172 ILE A CD1 1 
ATOM   1227 N  N   . ASP A 1 173 ? -17.751 2.704   -3.410  1.00 14.13 ? 173 ASP A N   1 
ATOM   1228 C  CA  . ASP A 1 173 ? -18.510 3.151   -4.578  1.00 16.07 ? 173 ASP A CA  1 
ATOM   1229 C  C   . ASP A 1 173 ? -17.842 4.330   -5.286  1.00 16.91 ? 173 ASP A C   1 
ATOM   1230 O  O   . ASP A 1 173 ? -17.895 5.473   -4.824  1.00 20.62 ? 173 ASP A O   1 
ATOM   1231 C  CB  . ASP A 1 173 ? -19.981 3.441   -4.234  1.00 17.39 ? 173 ASP A CB  1 
ATOM   1232 C  CG  . ASP A 1 173 ? -20.744 2.177   -3.851  1.00 15.89 ? 173 ASP A CG  1 
ATOM   1233 O  OD1 . ASP A 1 173 ? -20.260 1.444   -2.964  1.00 19.88 ? 173 ASP A OD1 1 
ATOM   1234 O  OD2 . ASP A 1 173 ? -21.806 1.903   -4.444  1.00 18.03 ? 173 ASP A OD2 1 
ATOM   1235 N  N   . ILE A 1 174 ? -17.200 4.021   -6.408  1.00 16.61 ? 174 ILE A N   1 
ATOM   1236 C  CA  . ILE A 1 174 ? -16.517 4.999   -7.236  1.00 18.59 ? 174 ILE A CA  1 
ATOM   1237 C  C   . ILE A 1 174 ? -17.015 4.793   -8.661  1.00 20.46 ? 174 ILE A C   1 
ATOM   1238 O  O   . ILE A 1 174 ? -16.778 3.739   -9.241  1.00 21.08 ? 174 ILE A O   1 
ATOM   1239 C  CB  . ILE A 1 174 ? -15.001 4.755   -7.206  1.00 16.02 ? 174 ILE A CB  1 
ATOM   1240 C  CG1 . ILE A 1 174 ? -14.469 4.905   -5.776  1.00 17.20 ? 174 ILE A CG1 1 
ATOM   1241 C  CG2 . ILE A 1 174 ? -14.286 5.688   -8.176  1.00 16.58 ? 174 ILE A CG2 1 
ATOM   1242 C  CD1 . ILE A 1 174 ? -12.980 4.650   -5.644  1.00 17.95 ? 174 ILE A CD1 1 
ATOM   1243 N  N   . GLY A 1 175 ? -17.712 5.777   -9.227  1.00 18.61 ? 175 GLY A N   1 
ATOM   1244 C  CA  . GLY A 1 175 ? -18.265 5.612   -10.563 1.00 19.82 ? 175 GLY A CA  1 
ATOM   1245 C  C   . GLY A 1 175 ? -17.547 6.412   -11.631 1.00 28.16 ? 175 GLY A C   1 
ATOM   1246 O  O   . GLY A 1 175 ? -17.139 7.555   -11.386 1.00 24.87 ? 175 GLY A O   1 
ATOM   1247 N  N   . ASP A 1 176 ? -17.370 5.815   -12.809 1.00 26.74 ? 176 ASP A N   1 
ATOM   1248 C  CA  . ASP A 1 176 ? -16.914 6.580   -13.975 1.00 36.52 ? 176 ASP A CA  1 
ATOM   1249 C  C   . ASP A 1 176 ? -17.976 6.664   -15.065 1.00 39.61 ? 176 ASP A C   1 
ATOM   1250 O  O   . ASP A 1 176 ? -18.040 7.652   -15.793 1.00 50.53 ? 176 ASP A O   1 
ATOM   1251 C  CB  . ASP A 1 176 ? -15.592 6.049   -14.547 1.00 42.52 ? 176 ASP A CB  1 
ATOM   1252 C  CG  . ASP A 1 176 ? -15.621 4.564   -14.827 1.00 45.89 ? 176 ASP A CG  1 
ATOM   1253 O  OD1 . ASP A 1 176 ? -16.468 3.870   -14.221 1.00 52.14 ? 176 ASP A OD1 1 
ATOM   1254 O  OD2 . ASP A 1 176 ? -14.783 4.095   -15.640 1.00 49.99 ? 176 ASP A OD2 1 
HETATM 1255 CA CA  . CA  B 2 .   ? 13.645  -17.808 5.077   1.00 23.40 ? 201 CA  A CA  1 
HETATM 1256 CA CA  . CA  C 2 .   ? 0.176   -16.872 -4.483  1.00 17.11 ? 202 CA  A CA  1 
HETATM 1257 CA CA  . CA  D 2 .   ? 17.029  -13.007 -5.029  1.00 19.52 ? 203 CA  A CA  1 
HETATM 1258 CA CA  . CA  E 2 .   ? -4.244  17.952  2.380   1.00 18.40 ? 204 CA  A CA  1 
HETATM 1259 CA CA  . CA  F 2 .   ? -4.653  9.992   11.149  1.00 15.28 ? 205 CA  A CA  1 
HETATM 1260 C  C1  . PEG G 3 .   ? -5.650  -3.335  8.282   1.00 44.29 ? 206 PEG A C1  1 
HETATM 1261 O  O1  . PEG G 3 .   ? -6.623  -4.281  8.528   1.00 41.61 ? 206 PEG A O1  1 
HETATM 1262 C  C2  . PEG G 3 .   ? -5.813  -1.994  8.943   1.00 43.39 ? 206 PEG A C2  1 
HETATM 1263 O  O2  . PEG G 3 .   ? -4.711  -1.117  8.978   1.00 41.83 ? 206 PEG A O2  1 
HETATM 1264 C  C3  . PEG G 3 .   ? -4.855  0.130   9.632   1.00 33.69 ? 206 PEG A C3  1 
HETATM 1265 C  C4  . PEG G 3 .   ? -6.239  0.648   9.742   1.00 32.52 ? 206 PEG A C4  1 
HETATM 1266 O  O4  . PEG G 3 .   ? -6.529  1.597   10.663  1.00 32.03 ? 206 PEG A O4  1 
HETATM 1267 O  O   . HOH H 4 .   ? 4.031   -3.516  -1.795  1.00 14.71 ? 301 HOH A O   1 
HETATM 1268 O  O   . HOH H 4 .   ? -15.345 12.678  -6.975  1.00 14.54 ? 302 HOH A O   1 
HETATM 1269 O  O   . HOH H 4 .   ? -3.262  -1.770  1.460   1.00 14.54 ? 303 HOH A O   1 
HETATM 1270 O  O   . HOH H 4 .   ? 10.785  -18.464 -3.117  1.00 18.51 ? 304 HOH A O   1 
HETATM 1271 O  O   . HOH H 4 .   ? 9.115   -1.515  -5.652  1.00 18.78 ? 305 HOH A O   1 
HETATM 1272 O  O   . HOH H 4 .   ? -5.763  -13.223 -7.082  1.00 23.96 ? 306 HOH A O   1 
HETATM 1273 O  O   . HOH H 4 .   ? 2.162   13.315  6.827   1.00 13.34 ? 307 HOH A O   1 
HETATM 1274 O  O   . HOH H 4 .   ? -5.698  18.513  4.215   1.00 15.48 ? 308 HOH A O   1 
HETATM 1275 O  O   . HOH H 4 .   ? -19.070 13.490  -4.957  1.00 22.75 ? 309 HOH A O   1 
HETATM 1276 O  O   . HOH H 4 .   ? -2.564  2.925   8.230   1.00 18.45 ? 310 HOH A O   1 
HETATM 1277 O  O   . HOH H 4 .   ? -2.593  11.138  11.763  1.00 16.11 ? 311 HOH A O   1 
HETATM 1278 O  O   . HOH H 4 .   ? 10.023  3.819   -7.167  1.00 19.90 ? 312 HOH A O   1 
HETATM 1279 O  O   . HOH H 4 .   ? -5.881  1.148   -13.115 1.00 44.82 ? 313 HOH A O   1 
HETATM 1280 O  O   . HOH H 4 .   ? -23.239 -0.189  -4.763  1.00 16.38 ? 314 HOH A O   1 
HETATM 1281 O  O   . HOH H 4 .   ? -3.958  -4.987  -4.651  1.00 17.50 ? 315 HOH A O   1 
HETATM 1282 O  O   . HOH H 4 .   ? 0.706   7.667   -8.071  1.00 18.26 ? 316 HOH A O   1 
HETATM 1283 O  O   . HOH H 4 .   ? -22.176 6.555   -3.100  1.00 18.55 ? 317 HOH A O   1 
HETATM 1284 O  O   . HOH H 4 .   ? 11.996  -2.245  -7.227  1.00 25.38 ? 318 HOH A O   1 
HETATM 1285 O  O   . HOH H 4 .   ? -1.365  -14.420 1.635   1.00 18.27 ? 319 HOH A O   1 
HETATM 1286 O  O   . HOH H 4 .   ? 6.640   -15.392 6.937   1.00 20.00 ? 320 HOH A O   1 
HETATM 1287 O  O   . HOH H 4 .   ? 19.892  -9.237  -6.291  1.00 20.49 ? 321 HOH A O   1 
HETATM 1288 O  O   . HOH H 4 .   ? -11.534 14.210  6.322   1.00 16.98 ? 322 HOH A O   1 
HETATM 1289 O  O   . HOH H 4 .   ? 16.011  -9.482  -13.062 1.00 25.01 ? 323 HOH A O   1 
HETATM 1290 O  O   . HOH H 4 .   ? 18.942  -13.006 -3.514  1.00 20.32 ? 324 HOH A O   1 
HETATM 1291 O  O   . HOH H 4 .   ? 18.446  -2.060  -0.634  1.00 38.12 ? 325 HOH A O   1 
HETATM 1292 O  O   . HOH H 4 .   ? -17.081 16.893  -6.410  1.00 22.48 ? 326 HOH A O   1 
HETATM 1293 O  O   . HOH H 4 .   ? 3.181   6.428   -8.315  1.00 20.18 ? 327 HOH A O   1 
HETATM 1294 O  O   . HOH H 4 .   ? 10.621  -22.009 3.807   1.00 32.16 ? 328 HOH A O   1 
HETATM 1295 O  O   . HOH H 4 .   ? -12.062 18.655  -8.326  1.00 33.40 ? 329 HOH A O   1 
HETATM 1296 O  O   . HOH H 4 .   ? 4.141   1.909   1.307   1.00 24.28 ? 330 HOH A O   1 
HETATM 1297 O  O   . HOH H 4 .   ? -13.686 1.903   6.295   1.00 26.21 ? 331 HOH A O   1 
HETATM 1298 O  O   . HOH H 4 .   ? 1.379   -18.938 -7.819  1.00 19.01 ? 332 HOH A O   1 
HETATM 1299 O  O   . HOH H 4 .   ? 1.025   8.774   12.414  1.00 24.39 ? 333 HOH A O   1 
HETATM 1300 O  O   . HOH H 4 .   ? -3.118  -12.580 -1.103  1.00 29.92 ? 334 HOH A O   1 
HETATM 1301 O  O   . HOH H 4 .   ? 13.651  -4.337  -7.252  1.00 23.39 ? 335 HOH A O   1 
HETATM 1302 O  O   . HOH H 4 .   ? 6.128   0.949   7.912   1.00 34.96 ? 336 HOH A O   1 
HETATM 1303 O  O   . HOH H 4 .   ? -22.633 5.749   1.062   1.00 20.68 ? 337 HOH A O   1 
HETATM 1304 O  O   . HOH H 4 .   ? -4.957  -2.138  -8.420  1.00 27.64 ? 338 HOH A O   1 
HETATM 1305 O  O   . HOH H 4 .   ? -15.451 18.317  -5.331  1.00 34.52 ? 339 HOH A O   1 
HETATM 1306 O  O   . HOH H 4 .   ? -2.741  24.327  -3.263  1.00 34.79 ? 340 HOH A O   1 
HETATM 1307 O  O   . HOH H 4 .   ? 19.706  -11.351 2.962   1.00 23.96 ? 341 HOH A O   1 
HETATM 1308 O  O   . HOH H 4 .   ? 19.941  -10.211 13.976  1.00 59.69 ? 342 HOH A O   1 
HETATM 1309 O  O   . HOH H 4 .   ? -12.500 16.657  4.407   1.00 24.53 ? 343 HOH A O   1 
HETATM 1310 O  O   . HOH H 4 .   ? 14.779  -5.643  -5.216  1.00 20.07 ? 344 HOH A O   1 
HETATM 1311 O  O   . HOH H 4 .   ? -5.489  -14.047 -0.195  1.00 24.11 ? 345 HOH A O   1 
HETATM 1312 O  O   . HOH H 4 .   ? -8.500  -2.308  4.236   1.00 22.95 ? 346 HOH A O   1 
HETATM 1313 O  O   . HOH H 4 .   ? -17.553 14.371  -7.176  1.00 21.75 ? 347 HOH A O   1 
HETATM 1314 O  O   . HOH H 4 .   ? -7.980  0.895   -17.195 1.00 26.86 ? 348 HOH A O   1 
HETATM 1315 O  O   . HOH H 4 .   ? 4.670   -3.352  -6.246  1.00 21.93 ? 349 HOH A O   1 
HETATM 1316 O  O   . HOH H 4 .   ? 11.482  -15.206 -8.308  1.00 24.67 ? 350 HOH A O   1 
HETATM 1317 O  O   . HOH H 4 .   ? 7.652   -0.162  -7.162  1.00 28.87 ? 351 HOH A O   1 
HETATM 1318 O  O   . HOH H 4 .   ? -13.935 13.747  7.186   1.00 25.28 ? 352 HOH A O   1 
HETATM 1319 O  O   . HOH H 4 .   ? -9.331  13.214  -16.227 1.00 35.31 ? 353 HOH A O   1 
HETATM 1320 O  O   . HOH H 4 .   ? 23.143  -11.284 -5.925  1.00 27.62 ? 354 HOH A O   1 
HETATM 1321 O  O   . HOH H 4 .   ? -2.889  -8.607  -7.262  1.00 29.41 ? 355 HOH A O   1 
HETATM 1322 O  O   . HOH H 4 .   ? 13.500  -19.421 3.357   1.00 17.58 ? 356 HOH A O   1 
HETATM 1323 O  O   . HOH H 4 .   ? -2.259  25.645  -1.407  1.00 29.77 ? 357 HOH A O   1 
HETATM 1324 O  O   . HOH H 4 .   ? -4.748  -14.858 -8.343  1.00 24.25 ? 358 HOH A O   1 
HETATM 1325 O  O   . HOH H 4 .   ? -11.195 2.441   -10.999 1.00 23.92 ? 359 HOH A O   1 
HETATM 1326 O  O   . HOH H 4 .   ? -0.827  7.358   12.999  1.00 32.02 ? 360 HOH A O   1 
HETATM 1327 O  O   . HOH H 4 .   ? -23.926 6.286   -5.011  1.00 25.38 ? 361 HOH A O   1 
HETATM 1328 O  O   . HOH H 4 .   ? -2.946  11.164  -10.695 1.00 24.52 ? 362 HOH A O   1 
HETATM 1329 O  O   . HOH H 4 .   ? 10.038  -24.172 3.702   1.00 35.90 ? 363 HOH A O   1 
HETATM 1330 O  O   . HOH H 4 .   ? -12.043 -8.266  -1.990  1.00 21.22 ? 364 HOH A O   1 
HETATM 1331 O  O   . HOH H 4 .   ? 0.651   -3.300  3.623   1.00 19.79 ? 365 HOH A O   1 
HETATM 1332 O  O   . HOH H 4 .   ? -12.863 0.547   7.957   1.00 33.54 ? 366 HOH A O   1 
HETATM 1333 O  O   . HOH H 4 .   ? -1.852  6.766   -11.339 1.00 21.46 ? 367 HOH A O   1 
HETATM 1334 O  O   . HOH H 4 .   ? -4.209  -9.619  4.269   1.00 33.40 ? 368 HOH A O   1 
HETATM 1335 O  O   . HOH H 4 .   ? -2.806  -16.515 -7.898  1.00 23.00 ? 369 HOH A O   1 
HETATM 1336 O  O   . HOH H 4 .   ? -2.670  9.398   -12.213 1.00 23.35 ? 370 HOH A O   1 
HETATM 1337 O  O   . HOH H 4 .   ? -1.368  -18.315 3.027   1.00 29.74 ? 371 HOH A O   1 
HETATM 1338 O  O   . HOH H 4 .   ? 4.464   18.610  4.946   1.00 30.09 ? 372 HOH A O   1 
HETATM 1339 O  O   . HOH H 4 .   ? -3.242  21.961  7.294   1.00 23.99 ? 373 HOH A O   1 
HETATM 1340 O  O   . HOH H 4 .   ? -2.880  -16.455 2.933   1.00 30.34 ? 374 HOH A O   1 
HETATM 1341 O  O   . HOH H 4 .   ? -6.245  -6.417  -4.172  1.00 24.16 ? 375 HOH A O   1 
HETATM 1342 O  O   . HOH H 4 .   ? -20.262 12.930  5.825   1.00 34.53 ? 376 HOH A O   1 
HETATM 1343 O  O   . HOH H 4 .   ? -2.903  -7.717  -4.699  1.00 21.03 ? 377 HOH A O   1 
HETATM 1344 O  O   . HOH H 4 .   ? -22.934 11.752  5.946   1.00 37.56 ? 378 HOH A O   1 
HETATM 1345 O  O   . HOH H 4 .   ? -3.169  -12.000 2.014   1.00 26.32 ? 379 HOH A O   1 
HETATM 1346 O  O   . HOH H 4 .   ? 1.529   -3.093  6.184   1.00 27.83 ? 380 HOH A O   1 
HETATM 1347 O  O   . HOH H 4 .   ? 4.448   19.803  2.896   1.00 35.51 ? 381 HOH A O   1 
HETATM 1348 O  O   . HOH H 4 .   ? -20.376 15.141  -3.382  1.00 31.01 ? 382 HOH A O   1 
HETATM 1349 O  O   . HOH H 4 .   ? 12.455  -11.147 -10.661 1.00 27.55 ? 383 HOH A O   1 
HETATM 1350 O  O   . HOH H 4 .   ? 3.040   13.997  9.228   1.00 34.99 ? 384 HOH A O   1 
HETATM 1351 O  O   . HOH H 4 .   ? -11.357 2.101   -13.176 1.00 41.57 ? 385 HOH A O   1 
HETATM 1352 O  O   . HOH H 4 .   ? -19.888 7.276   -4.197  1.00 14.41 ? 386 HOH A O   1 
HETATM 1353 O  O   . HOH H 4 .   ? -22.866 7.810   -0.484  1.00 20.97 ? 387 HOH A O   1 
HETATM 1354 O  O   . HOH H 4 .   ? -8.452  1.352   1.853   1.00 15.67 ? 388 HOH A O   1 
HETATM 1355 O  O   . HOH H 4 .   ? -11.239 1.088   1.466   1.00 17.46 ? 389 HOH A O   1 
HETATM 1356 O  O   . HOH H 4 .   ? -0.965  -18.258 -6.242  1.00 14.88 ? 390 HOH A O   1 
HETATM 1357 O  O   . HOH H 4 .   ? -4.338  -16.628 0.471   1.00 28.90 ? 391 HOH A O   1 
HETATM 1358 O  O   . HOH H 4 .   ? 10.140  -20.948 6.149   1.00 38.72 ? 392 HOH A O   1 
HETATM 1359 O  O   . HOH H 4 .   ? 4.746   -12.616 9.418   1.00 38.60 ? 393 HOH A O   1 
HETATM 1360 O  O   . HOH H 4 .   ? -9.190  -9.659  3.984   1.00 37.12 ? 394 HOH A O   1 
HETATM 1361 O  O   . HOH H 4 .   ? 10.692  -13.386 -10.022 1.00 31.09 ? 395 HOH A O   1 
HETATM 1362 O  O   . HOH H 4 .   ? 21.560  -8.750  -8.540  1.00 25.93 ? 396 HOH A O   1 
HETATM 1363 O  O   . HOH H 4 .   ? 5.465   -0.646  -6.276  1.00 26.76 ? 397 HOH A O   1 
HETATM 1364 O  O   . HOH H 4 .   ? 1.204   10.416  -8.479  1.00 24.04 ? 398 HOH A O   1 
HETATM 1365 O  O   . HOH H 4 .   ? -4.481  12.054  -8.341  1.00 31.04 ? 399 HOH A O   1 
HETATM 1366 O  O   . HOH H 4 .   ? -8.294  20.584  0.343   1.00 27.85 ? 400 HOH A O   1 
HETATM 1367 O  O   . HOH H 4 .   ? -19.293 6.763   5.822   1.00 27.91 ? 401 HOH A O   1 
HETATM 1368 O  O   . HOH H 4 .   ? -10.426 4.687   11.555  1.00 28.86 ? 402 HOH A O   1 
HETATM 1369 O  O   . HOH H 4 .   ? 3.679   11.124  9.113   1.00 24.62 ? 403 HOH A O   1 
HETATM 1370 O  O   . HOH H 4 .   ? 8.951   6.516   5.323   1.00 30.31 ? 404 HOH A O   1 
HETATM 1371 O  O   . HOH H 4 .   ? -7.535  -4.212  -7.814  1.00 35.57 ? 405 HOH A O   1 
HETATM 1372 O  O   . HOH H 4 .   ? -1.631  13.623  11.492  1.00 24.50 ? 406 HOH A O   1 
HETATM 1373 O  O   . HOH H 4 .   ? 11.318  -14.590 12.584  1.00 39.03 ? 407 HOH A O   1 
HETATM 1374 O  O   . HOH H 4 .   ? 11.024  -8.756  13.802  1.00 39.04 ? 408 HOH A O   1 
HETATM 1375 O  O   . HOH H 4 .   ? 14.301  -9.953  15.100  1.00 44.07 ? 409 HOH A O   1 
HETATM 1376 O  O   . HOH H 4 .   ? 12.687  -16.200 -12.091 1.00 36.69 ? 410 HOH A O   1 
HETATM 1377 O  O   . HOH H 4 .   ? 13.708  -19.300 -9.607  1.00 32.52 ? 411 HOH A O   1 
HETATM 1378 O  O   . HOH H 4 .   ? 19.397  -15.017 10.186  1.00 36.22 ? 412 HOH A O   1 
HETATM 1379 O  O   . HOH H 4 .   ? 16.635  -13.176 9.004   1.00 34.31 ? 413 HOH A O   1 
HETATM 1380 O  O   . HOH H 4 .   ? 6.054   -3.138  -8.346  1.00 25.95 ? 414 HOH A O   1 
HETATM 1381 O  O   . HOH H 4 .   ? -3.869  6.299   -15.353 1.00 32.86 ? 415 HOH A O   1 
HETATM 1382 O  O   . HOH H 4 .   ? -4.786  8.232   -13.747 1.00 27.24 ? 416 HOH A O   1 
HETATM 1383 O  O   . HOH H 4 .   ? -1.418  -4.575  -8.546  1.00 27.65 ? 417 HOH A O   1 
HETATM 1384 O  O   . HOH H 4 .   ? -6.847  -16.966 -9.014  1.00 25.89 ? 418 HOH A O   1 
HETATM 1385 O  O   . HOH H 4 .   ? -5.140  -15.824 3.841   1.00 25.73 ? 419 HOH A O   1 
HETATM 1386 O  O   . HOH H 4 .   ? 0.163   3.139   10.769  1.00 34.89 ? 420 HOH A O   1 
HETATM 1387 O  O   . HOH H 4 .   ? -1.404  1.224   9.927   1.00 29.26 ? 421 HOH A O   1 
HETATM 1388 O  O   . HOH H 4 .   ? 0.535   5.123   12.351  1.00 35.75 ? 422 HOH A O   1 
HETATM 1389 O  O   . HOH H 4 .   ? -11.221 7.081   11.353  1.00 28.97 ? 423 HOH A O   1 
HETATM 1390 O  O   . HOH H 4 .   ? -20.876 5.990   -9.379  1.00 37.65 ? 424 HOH A O   1 
# 
loop_
_pdbx_poly_seq_scheme.asym_id 
_pdbx_poly_seq_scheme.entity_id 
_pdbx_poly_seq_scheme.seq_id 
_pdbx_poly_seq_scheme.mon_id 
_pdbx_poly_seq_scheme.ndb_seq_num 
_pdbx_poly_seq_scheme.pdb_seq_num 
_pdbx_poly_seq_scheme.auth_seq_num 
_pdbx_poly_seq_scheme.pdb_mon_id 
_pdbx_poly_seq_scheme.auth_mon_id 
_pdbx_poly_seq_scheme.pdb_strand_id 
_pdbx_poly_seq_scheme.pdb_ins_code 
_pdbx_poly_seq_scheme.hetero 
A 1 1   MET 1   1   ?   ?   ?   A . n 
A 1 2   LEU 2   2   ?   ?   ?   A . n 
A 1 3   ARG 3   3   ?   ?   ?   A . n 
A 1 4   TRP 4   4   ?   ?   ?   A . n 
A 1 5   LEU 5   5   ?   ?   ?   A . n 
A 1 6   ARG 6   6   ?   ?   ?   A . n 
A 1 7   ASP 7   7   ?   ?   ?   A . n 
A 1 8   PHE 8   8   ?   ?   ?   A . n 
A 1 9   VAL 9   9   ?   ?   ?   A . n 
A 1 10  LEU 10  10  ?   ?   ?   A . n 
A 1 11  PRO 11  11  ?   ?   ?   A . n 
A 1 12  THR 12  12  ?   ?   ?   A . n 
A 1 13  ALA 13  13  ?   ?   ?   A . n 
A 1 14  ALA 14  14  ?   ?   ?   A . n 
A 1 15  SER 15  15  ?   ?   ?   A . n 
A 1 16  GLN 16  16  ?   ?   ?   A . n 
A 1 17  ASP 17  17  ?   ?   ?   A . n 
A 1 18  ALA 18  18  ?   ?   ?   A . n 
A 1 19  GLU 19  19  ?   ?   ?   A . n 
A 1 20  GLN 20  20  ?   ?   ?   A . n 
A 1 21  PRO 21  21  ?   ?   ?   A . n 
A 1 22  THR 22  22  22  THR THR A . n 
A 1 23  ARG 23  23  23  ARG ARG A . n 
A 1 24  TYR 24  24  24  TYR TYR A . n 
A 1 25  GLU 25  25  25  GLU GLU A . n 
A 1 26  THR 26  26  26  THR THR A . n 
A 1 27  LEU 27  27  27  LEU LEU A . n 
A 1 28  PHE 28  28  28  PHE PHE A . n 
A 1 29  GLN 29  29  29  GLN GLN A . n 
A 1 30  ALA 30  30  30  ALA ALA A . n 
A 1 31  LEU 31  31  31  LEU LEU A . n 
A 1 32  ASP 32  32  32  ASP ASP A . n 
A 1 33  ARG 33  33  33  ARG ARG A . n 
A 1 34  ASN 34  34  34  ASN ASN A . n 
A 1 35  GLY 35  35  35  GLY GLY A . n 
A 1 36  ASP 36  36  36  ASP ASP A . n 
A 1 37  GLY 37  37  37  GLY GLY A . n 
A 1 38  VAL 38  38  38  VAL VAL A . n 
A 1 39  VAL 39  39  39  VAL VAL A . n 
A 1 40  ASP 40  40  40  ASP ASP A . n 
A 1 41  ILE 41  41  41  ILE ILE A . n 
A 1 42  GLY 42  42  42  GLY GLY A . n 
A 1 43  GLU 43  43  43  GLU GLU A . n 
A 1 44  LEU 44  44  44  LEU LEU A . n 
A 1 45  GLN 45  45  45  GLN GLN A . n 
A 1 46  GLU 46  46  46  GLU GLU A . n 
A 1 47  GLY 47  47  47  GLY GLY A . n 
A 1 48  LEU 48  48  48  LEU LEU A . n 
A 1 49  ARG 49  49  49  ARG ARG A . n 
A 1 50  ASN 50  50  50  ASN ASN A . n 
A 1 51  LEU 51  51  51  LEU LEU A . n 
A 1 52  GLY 52  52  52  GLY GLY A . n 
A 1 53  ILE 53  53  53  ILE ILE A . n 
A 1 54  PRO 54  54  54  PRO PRO A . n 
A 1 55  LEU 55  55  55  LEU LEU A . n 
A 1 56  GLY 56  56  56  GLY GLY A . n 
A 1 57  GLN 57  57  57  GLN GLN A . n 
A 1 58  ASP 58  58  58  ASP ASP A . n 
A 1 59  ALA 59  59  59  ALA ALA A . n 
A 1 60  GLU 60  60  60  GLU GLU A . n 
A 1 61  GLU 61  61  61  GLU GLU A . n 
A 1 62  LYS 62  62  62  LYS LYS A . n 
A 1 63  ILE 63  63  63  ILE ILE A . n 
A 1 64  PHE 64  64  64  PHE PHE A . n 
A 1 65  THR 65  65  65  THR THR A . n 
A 1 66  THR 66  66  66  THR THR A . n 
A 1 67  GLY 67  67  67  GLY GLY A . n 
A 1 68  ASP 68  68  68  ASP ASP A . n 
A 1 69  VAL 69  69  69  VAL VAL A . n 
A 1 70  ASN 70  70  70  ASN ASN A . n 
A 1 71  LYS 71  71  71  LYS LYS A . n 
A 1 72  ASP 72  72  72  ASP ASP A . n 
A 1 73  GLY 73  73  73  GLY GLY A . n 
A 1 74  LYS 74  74  74  LYS LYS A . n 
A 1 75  LEU 75  75  75  LEU LEU A . n 
A 1 76  ASP 76  76  76  ASP ASP A . n 
A 1 77  PHE 77  77  77  PHE PHE A . n 
A 1 78  GLU 78  78  78  GLU GLU A . n 
A 1 79  GLU 79  79  79  GLU GLU A . n 
A 1 80  PHE 80  80  80  PHE PHE A . n 
A 1 81  MET 81  81  81  MET MET A . n 
A 1 82  LYS 82  82  82  LYS LYS A . n 
A 1 83  TYR 83  83  83  TYR TYR A . n 
A 1 84  LEU 84  84  84  LEU LEU A . n 
A 1 85  LYS 85  85  85  LYS LYS A . n 
A 1 86  ASP 86  86  86  ASP ASP A . n 
A 1 87  HIS 87  87  87  HIS HIS A . n 
A 1 88  GLU 88  88  88  GLU GLU A . n 
A 1 89  LYS 89  89  89  LYS LYS A . n 
A 1 90  LYS 90  90  90  LYS LYS A . n 
A 1 91  MET 91  91  91  MET MET A . n 
A 1 92  LYS 92  92  92  LYS LYS A . n 
A 1 93  LEU 93  93  93  LEU LEU A . n 
A 1 94  ALA 94  94  94  ALA ALA A . n 
A 1 95  PHE 95  95  95  PHE PHE A . n 
A 1 96  LYS 96  96  96  LYS LYS A . n 
A 1 97  SER 97  97  97  SER SER A . n 
A 1 98  LEU 98  98  98  LEU LEU A . n 
A 1 99  ASP 99  99  99  ASP ASP A . n 
A 1 100 LYS 100 100 100 LYS LYS A . n 
A 1 101 ASN 101 101 101 ASN ASN A . n 
A 1 102 ASN 102 102 102 ASN ASN A . n 
A 1 103 ASP 103 103 103 ASP ASP A . n 
A 1 104 GLY 104 104 104 GLY GLY A . n 
A 1 105 LYS 105 105 105 LYS LYS A . n 
A 1 106 ILE 106 106 106 ILE ILE A . n 
A 1 107 GLU 107 107 107 GLU GLU A . n 
A 1 108 ALA 108 108 108 ALA ALA A . n 
A 1 109 SER 109 109 109 SER SER A . n 
A 1 110 GLU 110 110 110 GLU GLU A . n 
A 1 111 ILE 111 111 111 ILE ILE A . n 
A 1 112 VAL 112 112 112 VAL VAL A . n 
A 1 113 GLN 113 113 113 GLN GLN A . n 
A 1 114 SER 114 114 114 SER SER A . n 
A 1 115 LEU 115 115 115 LEU LEU A . n 
A 1 116 GLN 116 116 116 GLN GLN A . n 
A 1 117 THR 117 117 117 THR THR A . n 
A 1 118 LEU 118 118 118 LEU LEU A . n 
A 1 119 GLY 119 119 119 GLY GLY A . n 
A 1 120 LEU 120 120 120 LEU LEU A . n 
A 1 121 THR 121 121 121 THR THR A . n 
A 1 122 ILE 122 122 122 ILE ILE A . n 
A 1 123 SER 123 123 123 SER SER A . n 
A 1 124 GLU 124 124 124 GLU GLU A . n 
A 1 125 GLN 125 125 125 GLN GLN A . n 
A 1 126 GLN 126 126 126 GLN GLN A . n 
A 1 127 ALA 127 127 127 ALA ALA A . n 
A 1 128 GLU 128 128 128 GLU GLU A . n 
A 1 129 LEU 129 129 129 LEU LEU A . n 
A 1 130 ILE 130 130 130 ILE ILE A . n 
A 1 131 LEU 131 131 131 LEU LEU A . n 
A 1 132 GLN 132 132 132 GLN GLN A . n 
A 1 133 SER 133 133 133 SER SER A . n 
A 1 134 ILE 134 134 134 ILE ILE A . n 
A 1 135 ASP 135 135 135 ASP ASP A . n 
A 1 136 VAL 136 136 136 VAL VAL A . n 
A 1 137 ASP 137 137 137 ASP ASP A . n 
A 1 138 GLY 138 138 138 GLY GLY A . n 
A 1 139 THR 139 139 139 THR THR A . n 
A 1 140 MET 140 140 140 MET MET A . n 
A 1 141 THR 141 141 141 THR THR A . n 
A 1 142 VAL 142 142 142 VAL VAL A . n 
A 1 143 ASP 143 143 143 ASP ASP A . n 
A 1 144 TRP 144 144 144 TRP TRP A . n 
A 1 145 ASN 145 145 145 ASN ASN A . n 
A 1 146 GLU 146 146 146 GLU GLU A . n 
A 1 147 TRP 147 147 147 TRP TRP A . n 
A 1 148 ARG 148 148 148 ARG ARG A . n 
A 1 149 ASP 149 149 149 ASP ASP A . n 
A 1 150 TYR 150 150 150 TYR TYR A . n 
A 1 151 PHE 151 151 151 PHE PHE A . n 
A 1 152 LEU 152 152 152 LEU LEU A . n 
A 1 153 PHE 153 153 153 PHE PHE A . n 
A 1 154 ASN 154 154 154 ASN ASN A . n 
A 1 155 PRO 155 155 155 PRO PRO A . n 
A 1 156 VAL 156 156 156 VAL VAL A . n 
A 1 157 THR 157 157 157 THR THR A . n 
A 1 158 ASP 158 158 158 ASP ASP A . n 
A 1 159 ILE 159 159 159 ILE ILE A . n 
A 1 160 GLU 160 160 160 GLU GLU A . n 
A 1 161 GLU 161 161 161 GLU GLU A . n 
A 1 162 ILE 162 162 162 ILE ILE A . n 
A 1 163 ILE 163 163 163 ILE ILE A . n 
A 1 164 ARG 164 164 164 ARG ARG A . n 
A 1 165 PHE 165 165 165 PHE PHE A . n 
A 1 166 TRP 166 166 166 TRP TRP A . n 
A 1 167 LYS 167 167 167 LYS LYS A . n 
A 1 168 HIS 168 168 168 HIS HIS A . n 
A 1 169 SER 169 169 169 SER SER A . n 
A 1 170 THR 170 170 170 THR THR A . n 
A 1 171 GLY 171 171 171 GLY GLY A . n 
A 1 172 ILE 172 172 172 ILE ILE A . n 
A 1 173 ASP 173 173 173 ASP ASP A . n 
A 1 174 ILE 174 174 174 ILE ILE A . n 
A 1 175 GLY 175 175 175 GLY GLY A . n 
A 1 176 ASP 176 176 176 ASP ASP A . n 
A 1 177 SER 177 177 ?   ?   ?   A . n 
A 1 178 LEU 178 178 ?   ?   ?   A . n 
A 1 179 THR 179 179 ?   ?   ?   A . n 
A 1 180 ILE 180 180 ?   ?   ?   A . n 
A 1 181 PRO 181 181 ?   ?   ?   A . n 
A 1 182 ASP 182 182 ?   ?   ?   A . n 
A 1 183 GLU 183 183 ?   ?   ?   A . n 
A 1 184 PHE 184 184 ?   ?   ?   A . n 
A 1 185 THR 185 185 ?   ?   ?   A . n 
A 1 186 GLU 186 186 ?   ?   ?   A . n 
A 1 187 ASP 187 187 ?   ?   ?   A . n 
A 1 188 GLU 188 188 ?   ?   ?   A . n 
A 1 189 LYS 189 189 ?   ?   ?   A . n 
A 1 190 LYS 190 190 ?   ?   ?   A . n 
A 1 191 SER 191 191 ?   ?   ?   A . n 
A 1 192 GLY 192 192 ?   ?   ?   A . n 
A 1 193 GLN 193 193 ?   ?   ?   A . n 
A 1 194 HIS 194 194 ?   ?   ?   A . n 
A 1 195 HIS 195 195 ?   ?   ?   A . n 
A 1 196 HIS 196 196 ?   ?   ?   A . n 
A 1 197 HIS 197 197 ?   ?   ?   A . n 
A 1 198 HIS 198 198 ?   ?   ?   A . n 
A 1 199 HIS 199 199 ?   ?   ?   A . n 
# 
loop_
_pdbx_nonpoly_scheme.asym_id 
_pdbx_nonpoly_scheme.entity_id 
_pdbx_nonpoly_scheme.mon_id 
_pdbx_nonpoly_scheme.ndb_seq_num 
_pdbx_nonpoly_scheme.pdb_seq_num 
_pdbx_nonpoly_scheme.auth_seq_num 
_pdbx_nonpoly_scheme.pdb_mon_id 
_pdbx_nonpoly_scheme.auth_mon_id 
_pdbx_nonpoly_scheme.pdb_strand_id 
_pdbx_nonpoly_scheme.pdb_ins_code 
B 2 CA  1   201 1   CA  CA  A . 
C 2 CA  1   202 2   CA  CA  A . 
D 2 CA  1   203 3   CA  CA  A . 
E 2 CA  1   204 4   CA  CA  A . 
F 2 CA  1   205 5   CA  CA  A . 
G 3 PEG 1   206 402 PEG PEG A . 
H 4 HOH 1   301 1   HOH HOH A . 
H 4 HOH 2   302 2   HOH HOH A . 
H 4 HOH 3   303 3   HOH HOH A . 
H 4 HOH 4   304 4   HOH HOH A . 
H 4 HOH 5   305 5   HOH HOH A . 
H 4 HOH 6   306 6   HOH HOH A . 
H 4 HOH 7   307 7   HOH HOH A . 
H 4 HOH 8   308 8   HOH HOH A . 
H 4 HOH 9   309 9   HOH HOH A . 
H 4 HOH 10  310 10  HOH HOH A . 
H 4 HOH 11  311 11  HOH HOH A . 
H 4 HOH 12  312 12  HOH HOH A . 
H 4 HOH 13  313 13  HOH HOH A . 
H 4 HOH 14  314 14  HOH HOH A . 
H 4 HOH 15  315 15  HOH HOH A . 
H 4 HOH 16  316 16  HOH HOH A . 
H 4 HOH 17  317 17  HOH HOH A . 
H 4 HOH 18  318 18  HOH HOH A . 
H 4 HOH 19  319 19  HOH HOH A . 
H 4 HOH 20  320 20  HOH HOH A . 
H 4 HOH 21  321 21  HOH HOH A . 
H 4 HOH 22  322 22  HOH HOH A . 
H 4 HOH 23  323 23  HOH HOH A . 
H 4 HOH 24  324 24  HOH HOH A . 
H 4 HOH 25  325 25  HOH HOH A . 
H 4 HOH 26  326 26  HOH HOH A . 
H 4 HOH 27  327 27  HOH HOH A . 
H 4 HOH 28  328 28  HOH HOH A . 
H 4 HOH 29  329 29  HOH HOH A . 
H 4 HOH 30  330 30  HOH HOH A . 
H 4 HOH 31  331 31  HOH HOH A . 
H 4 HOH 32  332 33  HOH HOH A . 
H 4 HOH 33  333 34  HOH HOH A . 
H 4 HOH 34  334 35  HOH HOH A . 
H 4 HOH 35  335 36  HOH HOH A . 
H 4 HOH 36  336 37  HOH HOH A . 
H 4 HOH 37  337 38  HOH HOH A . 
H 4 HOH 38  338 39  HOH HOH A . 
H 4 HOH 39  339 40  HOH HOH A . 
H 4 HOH 40  340 41  HOH HOH A . 
H 4 HOH 41  341 42  HOH HOH A . 
H 4 HOH 42  342 43  HOH HOH A . 
H 4 HOH 43  343 44  HOH HOH A . 
H 4 HOH 44  344 45  HOH HOH A . 
H 4 HOH 45  345 46  HOH HOH A . 
H 4 HOH 46  346 47  HOH HOH A . 
H 4 HOH 47  347 48  HOH HOH A . 
H 4 HOH 48  348 49  HOH HOH A . 
H 4 HOH 49  349 50  HOH HOH A . 
H 4 HOH 50  350 51  HOH HOH A . 
H 4 HOH 51  351 52  HOH HOH A . 
H 4 HOH 52  352 53  HOH HOH A . 
H 4 HOH 53  353 54  HOH HOH A . 
H 4 HOH 54  354 55  HOH HOH A . 
H 4 HOH 55  355 57  HOH HOH A . 
H 4 HOH 56  356 58  HOH HOH A . 
H 4 HOH 57  357 59  HOH HOH A . 
H 4 HOH 58  358 60  HOH HOH A . 
H 4 HOH 59  359 61  HOH HOH A . 
H 4 HOH 60  360 62  HOH HOH A . 
H 4 HOH 61  361 63  HOH HOH A . 
H 4 HOH 62  362 64  HOH HOH A . 
H 4 HOH 63  363 65  HOH HOH A . 
H 4 HOH 64  364 66  HOH HOH A . 
H 4 HOH 65  365 67  HOH HOH A . 
H 4 HOH 66  366 68  HOH HOH A . 
H 4 HOH 67  367 69  HOH HOH A . 
H 4 HOH 68  368 70  HOH HOH A . 
H 4 HOH 69  369 71  HOH HOH A . 
H 4 HOH 70  370 72  HOH HOH A . 
H 4 HOH 71  371 73  HOH HOH A . 
H 4 HOH 72  372 74  HOH HOH A . 
H 4 HOH 73  373 75  HOH HOH A . 
H 4 HOH 74  374 76  HOH HOH A . 
H 4 HOH 75  375 77  HOH HOH A . 
H 4 HOH 76  376 78  HOH HOH A . 
H 4 HOH 77  377 79  HOH HOH A . 
H 4 HOH 78  378 80  HOH HOH A . 
H 4 HOH 79  379 82  HOH HOH A . 
H 4 HOH 80  380 83  HOH HOH A . 
H 4 HOH 81  381 84  HOH HOH A . 
H 4 HOH 82  382 85  HOH HOH A . 
H 4 HOH 83  383 86  HOH HOH A . 
H 4 HOH 84  384 87  HOH HOH A . 
H 4 HOH 85  385 88  HOH HOH A . 
H 4 HOH 86  386 89  HOH HOH A . 
H 4 HOH 87  387 90  HOH HOH A . 
H 4 HOH 88  388 91  HOH HOH A . 
H 4 HOH 89  389 92  HOH HOH A . 
H 4 HOH 90  390 93  HOH HOH A . 
H 4 HOH 91  391 94  HOH HOH A . 
H 4 HOH 92  392 95  HOH HOH A . 
H 4 HOH 93  393 96  HOH HOH A . 
H 4 HOH 94  394 97  HOH HOH A . 
H 4 HOH 95  395 98  HOH HOH A . 
H 4 HOH 96  396 99  HOH HOH A . 
H 4 HOH 97  397 100 HOH HOH A . 
H 4 HOH 98  398 101 HOH HOH A . 
H 4 HOH 99  399 102 HOH HOH A . 
H 4 HOH 100 400 103 HOH HOH A . 
H 4 HOH 101 401 104 HOH HOH A . 
H 4 HOH 102 402 105 HOH HOH A . 
H 4 HOH 103 403 106 HOH HOH A . 
H 4 HOH 104 404 107 HOH HOH A . 
H 4 HOH 105 405 108 HOH HOH A . 
H 4 HOH 106 406 109 HOH HOH A . 
H 4 HOH 107 407 110 HOH HOH A . 
H 4 HOH 108 408 111 HOH HOH A . 
H 4 HOH 109 409 112 HOH HOH A . 
H 4 HOH 110 410 113 HOH HOH A . 
H 4 HOH 111 411 114 HOH HOH A . 
H 4 HOH 112 412 115 HOH HOH A . 
H 4 HOH 113 413 116 HOH HOH A . 
H 4 HOH 114 414 117 HOH HOH A . 
H 4 HOH 115 415 118 HOH HOH A . 
H 4 HOH 116 416 119 HOH HOH A . 
H 4 HOH 117 417 120 HOH HOH A . 
H 4 HOH 118 418 121 HOH HOH A . 
H 4 HOH 119 419 122 HOH HOH A . 
H 4 HOH 120 420 123 HOH HOH A . 
H 4 HOH 121 421 124 HOH HOH A . 
H 4 HOH 122 422 125 HOH HOH A . 
H 4 HOH 123 423 126 HOH HOH A . 
H 4 HOH 124 424 127 HOH HOH A . 
# 
_pdbx_struct_assembly.id                   1 
_pdbx_struct_assembly.details              author_and_software_defined_assembly 
_pdbx_struct_assembly.method_details       PISA 
_pdbx_struct_assembly.oligomeric_details   monomeric 
_pdbx_struct_assembly.oligomeric_count     1 
# 
_pdbx_struct_assembly_gen.assembly_id       1 
_pdbx_struct_assembly_gen.oper_expression   1 
_pdbx_struct_assembly_gen.asym_id_list      A,B,C,D,E,F,G,H 
# 
_pdbx_struct_oper_list.id                   1 
_pdbx_struct_oper_list.type                 'identity operation' 
_pdbx_struct_oper_list.name                 1_555 
_pdbx_struct_oper_list.symmetry_operation   x,y,z 
_pdbx_struct_oper_list.matrix[1][1]         1.0000000000 
_pdbx_struct_oper_list.matrix[1][2]         0.0000000000 
_pdbx_struct_oper_list.matrix[1][3]         0.0000000000 
_pdbx_struct_oper_list.vector[1]            0.0000000000 
_pdbx_struct_oper_list.matrix[2][1]         0.0000000000 
_pdbx_struct_oper_list.matrix[2][2]         1.0000000000 
_pdbx_struct_oper_list.matrix[2][3]         0.0000000000 
_pdbx_struct_oper_list.vector[2]            0.0000000000 
_pdbx_struct_oper_list.matrix[3][1]         0.0000000000 
_pdbx_struct_oper_list.matrix[3][2]         0.0000000000 
_pdbx_struct_oper_list.matrix[3][3]         1.0000000000 
_pdbx_struct_oper_list.vector[3]            0.0000000000 
# 
loop_
_pdbx_struct_conn_angle.id 
_pdbx_struct_conn_angle.ptnr1_label_atom_id 
_pdbx_struct_conn_angle.ptnr1_label_alt_id 
_pdbx_struct_conn_angle.ptnr1_label_asym_id 
_pdbx_struct_conn_angle.ptnr1_label_comp_id 
_pdbx_struct_conn_angle.ptnr1_label_seq_id 
_pdbx_struct_conn_angle.ptnr1_auth_atom_id 
_pdbx_struct_conn_angle.ptnr1_auth_asym_id 
_pdbx_struct_conn_angle.ptnr1_auth_comp_id 
_pdbx_struct_conn_angle.ptnr1_auth_seq_id 
_pdbx_struct_conn_angle.ptnr1_PDB_ins_code 
_pdbx_struct_conn_angle.ptnr1_symmetry 
_pdbx_struct_conn_angle.ptnr2_label_atom_id 
_pdbx_struct_conn_angle.ptnr2_label_alt_id 
_pdbx_struct_conn_angle.ptnr2_label_asym_id 
_pdbx_struct_conn_angle.ptnr2_label_comp_id 
_pdbx_struct_conn_angle.ptnr2_label_seq_id 
_pdbx_struct_conn_angle.ptnr2_auth_atom_id 
_pdbx_struct_conn_angle.ptnr2_auth_asym_id 
_pdbx_struct_conn_angle.ptnr2_auth_comp_id 
_pdbx_struct_conn_angle.ptnr2_auth_seq_id 
_pdbx_struct_conn_angle.ptnr2_PDB_ins_code 
_pdbx_struct_conn_angle.ptnr2_symmetry 
_pdbx_struct_conn_angle.ptnr3_label_atom_id 
_pdbx_struct_conn_angle.ptnr3_label_alt_id 
_pdbx_struct_conn_angle.ptnr3_label_asym_id 
_pdbx_struct_conn_angle.ptnr3_label_comp_id 
_pdbx_struct_conn_angle.ptnr3_label_seq_id 
_pdbx_struct_conn_angle.ptnr3_auth_atom_id 
_pdbx_struct_conn_angle.ptnr3_auth_asym_id 
_pdbx_struct_conn_angle.ptnr3_auth_comp_id 
_pdbx_struct_conn_angle.ptnr3_auth_seq_id 
_pdbx_struct_conn_angle.ptnr3_PDB_ins_code 
_pdbx_struct_conn_angle.ptnr3_symmetry 
_pdbx_struct_conn_angle.value 
_pdbx_struct_conn_angle.value_esd 
1  OD1 ? A ASP 32  ? A ASP 32  ? 1_555 CA ? B CA . ? A CA 201 ? 1_555 OD1 ? A ASN 34  ? A ASN 34  ? 1_555 75.7  ? 
2  OD1 ? A ASP 32  ? A ASP 32  ? 1_555 CA ? B CA . ? A CA 201 ? 1_555 OD1 ? A ASP 36  ? A ASP 36  ? 1_555 89.2  ? 
3  OD1 ? A ASN 34  ? A ASN 34  ? 1_555 CA ? B CA . ? A CA 201 ? 1_555 OD1 ? A ASP 36  ? A ASP 36  ? 1_555 75.7  ? 
4  OD1 ? A ASP 32  ? A ASP 32  ? 1_555 CA ? B CA . ? A CA 201 ? 1_555 O   ? A VAL 38  ? A VAL 38  ? 1_555 87.6  ? 
5  OD1 ? A ASN 34  ? A ASN 34  ? 1_555 CA ? B CA . ? A CA 201 ? 1_555 O   ? A VAL 38  ? A VAL 38  ? 1_555 152.0 ? 
6  OD1 ? A ASP 36  ? A ASP 36  ? 1_555 CA ? B CA . ? A CA 201 ? 1_555 O   ? A VAL 38  ? A VAL 38  ? 1_555 81.9  ? 
7  OD1 ? A ASP 32  ? A ASP 32  ? 1_555 CA ? B CA . ? A CA 201 ? 1_555 OE1 ? A GLU 43  ? A GLU 43  ? 1_555 109.4 ? 
8  OD1 ? A ASN 34  ? A ASN 34  ? 1_555 CA ? B CA . ? A CA 201 ? 1_555 OE1 ? A GLU 43  ? A GLU 43  ? 1_555 125.1 ? 
9  OD1 ? A ASP 36  ? A ASP 36  ? 1_555 CA ? B CA . ? A CA 201 ? 1_555 OE1 ? A GLU 43  ? A GLU 43  ? 1_555 154.3 ? 
10 O   ? A VAL 38  ? A VAL 38  ? 1_555 CA ? B CA . ? A CA 201 ? 1_555 OE1 ? A GLU 43  ? A GLU 43  ? 1_555 81.4  ? 
11 OD1 ? A ASP 32  ? A ASP 32  ? 1_555 CA ? B CA . ? A CA 201 ? 1_555 OE2 ? A GLU 43  ? A GLU 43  ? 1_555 87.3  ? 
12 OD1 ? A ASN 34  ? A ASN 34  ? 1_555 CA ? B CA . ? A CA 201 ? 1_555 OE2 ? A GLU 43  ? A GLU 43  ? 1_555 76.4  ? 
13 OD1 ? A ASP 36  ? A ASP 36  ? 1_555 CA ? B CA . ? A CA 201 ? 1_555 OE2 ? A GLU 43  ? A GLU 43  ? 1_555 151.8 ? 
14 O   ? A VAL 38  ? A VAL 38  ? 1_555 CA ? B CA . ? A CA 201 ? 1_555 OE2 ? A GLU 43  ? A GLU 43  ? 1_555 125.9 ? 
15 OE1 ? A GLU 43  ? A GLU 43  ? 1_555 CA ? B CA . ? A CA 201 ? 1_555 OE2 ? A GLU 43  ? A GLU 43  ? 1_555 50.3  ? 
16 OD1 ? A ASP 32  ? A ASP 32  ? 1_555 CA ? B CA . ? A CA 201 ? 1_555 O   ? H HOH .   ? A HOH 356 ? 1_555 160.7 ? 
17 OD1 ? A ASN 34  ? A ASN 34  ? 1_555 CA ? B CA . ? A CA 201 ? 1_555 O   ? H HOH .   ? A HOH 356 ? 1_555 86.2  ? 
18 OD1 ? A ASP 36  ? A ASP 36  ? 1_555 CA ? B CA . ? A CA 201 ? 1_555 O   ? H HOH .   ? A HOH 356 ? 1_555 79.9  ? 
19 O   ? A VAL 38  ? A VAL 38  ? 1_555 CA ? B CA . ? A CA 201 ? 1_555 O   ? H HOH .   ? A HOH 356 ? 1_555 106.3 ? 
20 OE1 ? A GLU 43  ? A GLU 43  ? 1_555 CA ? B CA . ? A CA 201 ? 1_555 O   ? H HOH .   ? A HOH 356 ? 1_555 86.3  ? 
21 OE2 ? A GLU 43  ? A GLU 43  ? 1_555 CA ? B CA . ? A CA 201 ? 1_555 O   ? H HOH .   ? A HOH 356 ? 1_555 94.8  ? 
22 O   ? A GLN 57  ? A GLN 57  ? 1_555 CA ? C CA . ? A CA 202 ? 1_555 OE2 ? A GLU 60  ? A GLU 60  ? 1_555 104.8 ? 
23 O   ? A GLN 57  ? A GLN 57  ? 1_555 CA ? C CA . ? A CA 202 ? 1_555 OE2 ? A GLU 61  ? A GLU 61  ? 1_555 112.9 ? 
24 OE2 ? A GLU 60  ? A GLU 60  ? 1_555 CA ? C CA . ? A CA 202 ? 1_555 OE2 ? A GLU 61  ? A GLU 61  ? 1_555 106.3 ? 
25 O   ? A GLN 57  ? A GLN 57  ? 1_555 CA ? C CA . ? A CA 202 ? 1_555 OE1 ? A GLU 61  ? A GLU 61  ? 1_555 77.4  ? 
26 OE2 ? A GLU 60  ? A GLU 60  ? 1_555 CA ? C CA . ? A CA 202 ? 1_555 OE1 ? A GLU 61  ? A GLU 61  ? 1_555 84.0  ? 
27 OE2 ? A GLU 61  ? A GLU 61  ? 1_555 CA ? C CA . ? A CA 202 ? 1_555 OE1 ? A GLU 61  ? A GLU 61  ? 1_555 49.5  ? 
28 O   ? A GLN 57  ? A GLN 57  ? 1_555 CA ? C CA . ? A CA 202 ? 1_555 O   ? H HOH .   ? A HOH 390 ? 1_555 84.1  ? 
29 OE2 ? A GLU 60  ? A GLU 60  ? 1_555 CA ? C CA . ? A CA 202 ? 1_555 O   ? H HOH .   ? A HOH 390 ? 1_555 167.5 ? 
30 OE2 ? A GLU 61  ? A GLU 61  ? 1_555 CA ? C CA . ? A CA 202 ? 1_555 O   ? H HOH .   ? A HOH 390 ? 1_555 77.4  ? 
31 OE1 ? A GLU 61  ? A GLU 61  ? 1_555 CA ? C CA . ? A CA 202 ? 1_555 O   ? H HOH .   ? A HOH 390 ? 1_555 106.8 ? 
32 OD1 ? A ASP 68  ? A ASP 68  ? 1_555 CA ? D CA . ? A CA 203 ? 1_555 OD1 ? A ASN 70  ? A ASN 70  ? 1_555 80.8  ? 
33 OD1 ? A ASP 68  ? A ASP 68  ? 1_555 CA ? D CA . ? A CA 203 ? 1_555 OD1 ? A ASP 72  ? A ASP 72  ? 1_555 89.4  ? 
34 OD1 ? A ASN 70  ? A ASN 70  ? 1_555 CA ? D CA . ? A CA 203 ? 1_555 OD1 ? A ASP 72  ? A ASP 72  ? 1_555 77.0  ? 
35 OD1 ? A ASP 68  ? A ASP 68  ? 1_555 CA ? D CA . ? A CA 203 ? 1_555 O   ? A LYS 74  ? A LYS 74  ? 1_555 87.2  ? 
36 OD1 ? A ASN 70  ? A ASN 70  ? 1_555 CA ? D CA . ? A CA 203 ? 1_555 O   ? A LYS 74  ? A LYS 74  ? 1_555 157.9 ? 
37 OD1 ? A ASP 72  ? A ASP 72  ? 1_555 CA ? D CA . ? A CA 203 ? 1_555 O   ? A LYS 74  ? A LYS 74  ? 1_555 84.4  ? 
38 OD1 ? A ASP 68  ? A ASP 68  ? 1_555 CA ? D CA . ? A CA 203 ? 1_555 OE1 ? A GLU 79  ? A GLU 79  ? 1_555 110.9 ? 
39 OD1 ? A ASN 70  ? A ASN 70  ? 1_555 CA ? D CA . ? A CA 203 ? 1_555 OE1 ? A GLU 79  ? A GLU 79  ? 1_555 124.3 ? 
40 OD1 ? A ASP 72  ? A ASP 72  ? 1_555 CA ? D CA . ? A CA 203 ? 1_555 OE1 ? A GLU 79  ? A GLU 79  ? 1_555 151.6 ? 
41 O   ? A LYS 74  ? A LYS 74  ? 1_555 CA ? D CA . ? A CA 203 ? 1_555 OE1 ? A GLU 79  ? A GLU 79  ? 1_555 77.3  ? 
42 OD1 ? A ASP 68  ? A ASP 68  ? 1_555 CA ? D CA . ? A CA 203 ? 1_555 OE2 ? A GLU 79  ? A GLU 79  ? 1_555 88.0  ? 
43 OD1 ? A ASN 70  ? A ASN 70  ? 1_555 CA ? D CA . ? A CA 203 ? 1_555 OE2 ? A GLU 79  ? A GLU 79  ? 1_555 76.4  ? 
44 OD1 ? A ASP 72  ? A ASP 72  ? 1_555 CA ? D CA . ? A CA 203 ? 1_555 OE2 ? A GLU 79  ? A GLU 79  ? 1_555 153.4 ? 
45 O   ? A LYS 74  ? A LYS 74  ? 1_555 CA ? D CA . ? A CA 203 ? 1_555 OE2 ? A GLU 79  ? A GLU 79  ? 1_555 121.8 ? 
46 OE1 ? A GLU 79  ? A GLU 79  ? 1_555 CA ? D CA . ? A CA 203 ? 1_555 OE2 ? A GLU 79  ? A GLU 79  ? 1_555 51.1  ? 
47 OD1 ? A ASP 68  ? A ASP 68  ? 1_555 CA ? D CA . ? A CA 203 ? 1_555 O   ? H HOH .   ? A HOH 324 ? 1_555 171.7 ? 
48 OD1 ? A ASN 70  ? A ASN 70  ? 1_555 CA ? D CA . ? A CA 203 ? 1_555 O   ? H HOH .   ? A HOH 324 ? 1_555 90.9  ? 
49 OD1 ? A ASP 72  ? A ASP 72  ? 1_555 CA ? D CA . ? A CA 203 ? 1_555 O   ? H HOH .   ? A HOH 324 ? 1_555 87.6  ? 
50 O   ? A LYS 74  ? A LYS 74  ? 1_555 CA ? D CA . ? A CA 203 ? 1_555 O   ? H HOH .   ? A HOH 324 ? 1_555 100.3 ? 
51 OE1 ? A GLU 79  ? A GLU 79  ? 1_555 CA ? D CA . ? A CA 203 ? 1_555 O   ? H HOH .   ? A HOH 324 ? 1_555 74.7  ? 
52 OE2 ? A GLU 79  ? A GLU 79  ? 1_555 CA ? D CA . ? A CA 203 ? 1_555 O   ? H HOH .   ? A HOH 324 ? 1_555 91.2  ? 
53 OD1 ? A ASP 99  ? A ASP 99  ? 1_555 CA ? E CA . ? A CA 204 ? 1_555 OD1 ? A ASN 101 ? A ASN 101 ? 1_555 81.0  ? 
54 OD1 ? A ASP 99  ? A ASP 99  ? 1_555 CA ? E CA . ? A CA 204 ? 1_555 OD1 ? A ASP 103 ? A ASP 103 ? 1_555 83.0  ? 
55 OD1 ? A ASN 101 ? A ASN 101 ? 1_555 CA ? E CA . ? A CA 204 ? 1_555 OD1 ? A ASP 103 ? A ASP 103 ? 1_555 78.0  ? 
56 OD1 ? A ASP 99  ? A ASP 99  ? 1_555 CA ? E CA . ? A CA 204 ? 1_555 O   ? A LYS 105 ? A LYS 105 ? 1_555 85.3  ? 
57 OD1 ? A ASN 101 ? A ASN 101 ? 1_555 CA ? E CA . ? A CA 204 ? 1_555 O   ? A LYS 105 ? A LYS 105 ? 1_555 154.5 ? 
58 OD1 ? A ASP 103 ? A ASP 103 ? 1_555 CA ? E CA . ? A CA 204 ? 1_555 O   ? A LYS 105 ? A LYS 105 ? 1_555 79.2  ? 
59 OD1 ? A ASP 99  ? A ASP 99  ? 1_555 CA ? E CA . ? A CA 204 ? 1_555 OE2 ? A GLU 110 ? A GLU 110 ? 1_555 94.4  ? 
60 OD1 ? A ASN 101 ? A ASN 101 ? 1_555 CA ? E CA . ? A CA 204 ? 1_555 OE2 ? A GLU 110 ? A GLU 110 ? 1_555 74.9  ? 
61 OD1 ? A ASP 103 ? A ASP 103 ? 1_555 CA ? E CA . ? A CA 204 ? 1_555 OE2 ? A GLU 110 ? A GLU 110 ? 1_555 152.8 ? 
62 O   ? A LYS 105 ? A LYS 105 ? 1_555 CA ? E CA . ? A CA 204 ? 1_555 OE2 ? A GLU 110 ? A GLU 110 ? 1_555 127.8 ? 
63 OD1 ? A ASP 99  ? A ASP 99  ? 1_555 CA ? E CA . ? A CA 204 ? 1_555 OE1 ? A GLU 110 ? A GLU 110 ? 1_555 110.0 ? 
64 OD1 ? A ASN 101 ? A ASN 101 ? 1_555 CA ? E CA . ? A CA 204 ? 1_555 OE1 ? A GLU 110 ? A GLU 110 ? 1_555 127.4 ? 
65 OD1 ? A ASP 103 ? A ASP 103 ? 1_555 CA ? E CA . ? A CA 204 ? 1_555 OE1 ? A GLU 110 ? A GLU 110 ? 1_555 152.1 ? 
66 O   ? A LYS 105 ? A LYS 105 ? 1_555 CA ? E CA . ? A CA 204 ? 1_555 OE1 ? A GLU 110 ? A GLU 110 ? 1_555 77.5  ? 
67 OE2 ? A GLU 110 ? A GLU 110 ? 1_555 CA ? E CA . ? A CA 204 ? 1_555 OE1 ? A GLU 110 ? A GLU 110 ? 1_555 53.6  ? 
68 OD1 ? A ASP 99  ? A ASP 99  ? 1_555 CA ? E CA . ? A CA 204 ? 1_555 O   ? H HOH .   ? A HOH 308 ? 1_555 162.2 ? 
69 OD1 ? A ASN 101 ? A ASN 101 ? 1_555 CA ? E CA . ? A CA 204 ? 1_555 O   ? H HOH .   ? A HOH 308 ? 1_555 88.6  ? 
70 OD1 ? A ASP 103 ? A ASP 103 ? 1_555 CA ? E CA . ? A CA 204 ? 1_555 O   ? H HOH .   ? A HOH 308 ? 1_555 80.7  ? 
71 O   ? A LYS 105 ? A LYS 105 ? 1_555 CA ? E CA . ? A CA 204 ? 1_555 O   ? H HOH .   ? A HOH 308 ? 1_555 98.6  ? 
72 OE2 ? A GLU 110 ? A GLU 110 ? 1_555 CA ? E CA . ? A CA 204 ? 1_555 O   ? H HOH .   ? A HOH 308 ? 1_555 96.8  ? 
73 OE1 ? A GLU 110 ? A GLU 110 ? 1_555 CA ? E CA . ? A CA 204 ? 1_555 O   ? H HOH .   ? A HOH 308 ? 1_555 87.8  ? 
74 OD1 ? A ASP 135 ? A ASP 135 ? 1_555 CA ? F CA . ? A CA 205 ? 1_555 OD1 ? A ASP 137 ? A ASP 137 ? 1_555 80.5  ? 
75 OD1 ? A ASP 135 ? A ASP 135 ? 1_555 CA ? F CA . ? A CA 205 ? 1_555 OG1 ? A THR 139 ? A THR 139 ? 1_555 94.5  ? 
76 OD1 ? A ASP 137 ? A ASP 137 ? 1_555 CA ? F CA . ? A CA 205 ? 1_555 OG1 ? A THR 139 ? A THR 139 ? 1_555 82.8  ? 
77 OD1 ? A ASP 135 ? A ASP 135 ? 1_555 CA ? F CA . ? A CA 205 ? 1_555 O   ? A THR 141 ? A THR 141 ? 1_555 93.6  ? 
78 OD1 ? A ASP 137 ? A ASP 137 ? 1_555 CA ? F CA . ? A CA 205 ? 1_555 O   ? A THR 141 ? A THR 141 ? 1_555 155.0 ? 
79 OG1 ? A THR 139 ? A THR 139 ? 1_555 CA ? F CA . ? A CA 205 ? 1_555 O   ? A THR 141 ? A THR 141 ? 1_555 73.4  ? 
80 OD1 ? A ASP 135 ? A ASP 135 ? 1_555 CA ? F CA . ? A CA 205 ? 1_555 OE1 ? A GLU 146 ? A GLU 146 ? 1_555 106.5 ? 
81 OD1 ? A ASP 137 ? A ASP 137 ? 1_555 CA ? F CA . ? A CA 205 ? 1_555 OE1 ? A GLU 146 ? A GLU 146 ? 1_555 124.9 ? 
82 OG1 ? A THR 139 ? A THR 139 ? 1_555 CA ? F CA . ? A CA 205 ? 1_555 OE1 ? A GLU 146 ? A GLU 146 ? 1_555 147.1 ? 
83 O   ? A THR 141 ? A THR 141 ? 1_555 CA ? F CA . ? A CA 205 ? 1_555 OE1 ? A GLU 146 ? A GLU 146 ? 1_555 80.0  ? 
84 OD1 ? A ASP 135 ? A ASP 135 ? 1_555 CA ? F CA . ? A CA 205 ? 1_555 OE2 ? A GLU 146 ? A GLU 146 ? 1_555 81.7  ? 
85 OD1 ? A ASP 137 ? A ASP 137 ? 1_555 CA ? F CA . ? A CA 205 ? 1_555 OE2 ? A GLU 146 ? A GLU 146 ? 1_555 76.5  ? 
86 OG1 ? A THR 139 ? A THR 139 ? 1_555 CA ? F CA . ? A CA 205 ? 1_555 OE2 ? A GLU 146 ? A GLU 146 ? 1_555 159.3 ? 
87 O   ? A THR 141 ? A THR 141 ? 1_555 CA ? F CA . ? A CA 205 ? 1_555 OE2 ? A GLU 146 ? A GLU 146 ? 1_555 126.9 ? 
88 OE1 ? A GLU 146 ? A GLU 146 ? 1_555 CA ? F CA . ? A CA 205 ? 1_555 OE2 ? A GLU 146 ? A GLU 146 ? 1_555 51.9  ? 
89 OD1 ? A ASP 135 ? A ASP 135 ? 1_555 CA ? F CA . ? A CA 205 ? 1_555 O   ? H HOH .   ? A HOH 311 ? 1_555 159.6 ? 
90 OD1 ? A ASP 137 ? A ASP 137 ? 1_555 CA ? F CA . ? A CA 205 ? 1_555 O   ? H HOH .   ? A HOH 311 ? 1_555 79.3  ? 
91 OG1 ? A THR 139 ? A THR 139 ? 1_555 CA ? F CA . ? A CA 205 ? 1_555 O   ? H HOH .   ? A HOH 311 ? 1_555 85.4  ? 
92 O   ? A THR 141 ? A THR 141 ? 1_555 CA ? F CA . ? A CA 205 ? 1_555 O   ? H HOH .   ? A HOH 311 ? 1_555 105.8 ? 
93 OE1 ? A GLU 146 ? A GLU 146 ? 1_555 CA ? F CA . ? A CA 205 ? 1_555 O   ? H HOH .   ? A HOH 311 ? 1_555 83.4  ? 
94 OE2 ? A GLU 146 ? A GLU 146 ? 1_555 CA ? F CA . ? A CA 205 ? 1_555 O   ? H HOH .   ? A HOH 311 ? 1_555 91.2  ? 
# 
loop_
_pdbx_audit_revision_history.ordinal 
_pdbx_audit_revision_history.data_content_type 
_pdbx_audit_revision_history.major_revision 
_pdbx_audit_revision_history.minor_revision 
_pdbx_audit_revision_history.revision_date 
1 'Structure model' 1 0 2013-12-18 
2 'Structure model' 1 1 2014-02-26 
3 'Structure model' 1 2 2018-06-13 
4 'Structure model' 1 3 2023-09-20 
# 
_pdbx_audit_revision_details.ordinal             1 
_pdbx_audit_revision_details.revision_ordinal    1 
_pdbx_audit_revision_details.data_content_type   'Structure model' 
_pdbx_audit_revision_details.provider            repository 
_pdbx_audit_revision_details.type                'Initial release' 
_pdbx_audit_revision_details.description         ? 
_pdbx_audit_revision_details.details             ? 
# 
loop_
_pdbx_audit_revision_group.ordinal 
_pdbx_audit_revision_group.revision_ordinal 
_pdbx_audit_revision_group.data_content_type 
_pdbx_audit_revision_group.group 
1 2 'Structure model' 'Database references'    
2 3 'Structure model' 'Data collection'        
3 4 'Structure model' 'Data collection'        
4 4 'Structure model' 'Database references'    
5 4 'Structure model' 'Derived calculations'   
6 4 'Structure model' 'Refinement description' 
# 
loop_
_pdbx_audit_revision_category.ordinal 
_pdbx_audit_revision_category.revision_ordinal 
_pdbx_audit_revision_category.data_content_type 
_pdbx_audit_revision_category.category 
1 3 'Structure model' diffrn_radiation              
2 4 'Structure model' chem_comp_atom                
3 4 'Structure model' chem_comp_bond                
4 4 'Structure model' database_2                    
5 4 'Structure model' pdbx_initial_refinement_model 
6 4 'Structure model' pdbx_struct_conn_angle        
7 4 'Structure model' struct_conn                   
8 4 'Structure model' struct_ref_seq_dif            
9 4 'Structure model' struct_site                   
# 
loop_
_pdbx_audit_revision_item.ordinal 
_pdbx_audit_revision_item.revision_ordinal 
_pdbx_audit_revision_item.data_content_type 
_pdbx_audit_revision_item.item 
1  3 'Structure model' '_diffrn_radiation.pdbx_diffrn_protocol'      
2  4 'Structure model' '_database_2.pdbx_DOI'                        
3  4 'Structure model' '_database_2.pdbx_database_accession'         
4  4 'Structure model' '_pdbx_struct_conn_angle.ptnr1_auth_comp_id'  
5  4 'Structure model' '_pdbx_struct_conn_angle.ptnr1_auth_seq_id'   
6  4 'Structure model' '_pdbx_struct_conn_angle.ptnr1_label_asym_id' 
7  4 'Structure model' '_pdbx_struct_conn_angle.ptnr1_label_atom_id' 
8  4 'Structure model' '_pdbx_struct_conn_angle.ptnr1_label_comp_id' 
9  4 'Structure model' '_pdbx_struct_conn_angle.ptnr1_label_seq_id'  
10 4 'Structure model' '_pdbx_struct_conn_angle.ptnr2_auth_seq_id'   
11 4 'Structure model' '_pdbx_struct_conn_angle.ptnr2_label_asym_id' 
12 4 'Structure model' '_pdbx_struct_conn_angle.ptnr3_auth_comp_id'  
13 4 'Structure model' '_pdbx_struct_conn_angle.ptnr3_auth_seq_id'   
14 4 'Structure model' '_pdbx_struct_conn_angle.ptnr3_label_asym_id' 
15 4 'Structure model' '_pdbx_struct_conn_angle.ptnr3_label_atom_id' 
16 4 'Structure model' '_pdbx_struct_conn_angle.ptnr3_label_comp_id' 
17 4 'Structure model' '_pdbx_struct_conn_angle.ptnr3_label_seq_id'  
18 4 'Structure model' '_pdbx_struct_conn_angle.value'               
19 4 'Structure model' '_struct_conn.pdbx_dist_value'                
20 4 'Structure model' '_struct_conn.ptnr1_auth_comp_id'             
21 4 'Structure model' '_struct_conn.ptnr1_auth_seq_id'              
22 4 'Structure model' '_struct_conn.ptnr1_label_asym_id'            
23 4 'Structure model' '_struct_conn.ptnr1_label_atom_id'            
24 4 'Structure model' '_struct_conn.ptnr1_label_comp_id'            
25 4 'Structure model' '_struct_conn.ptnr1_label_seq_id'             
26 4 'Structure model' '_struct_conn.ptnr2_auth_comp_id'             
27 4 'Structure model' '_struct_conn.ptnr2_auth_seq_id'              
28 4 'Structure model' '_struct_conn.ptnr2_label_asym_id'            
29 4 'Structure model' '_struct_conn.ptnr2_label_atom_id'            
30 4 'Structure model' '_struct_conn.ptnr2_label_comp_id'            
31 4 'Structure model' '_struct_ref_seq_dif.details'                 
32 4 'Structure model' '_struct_site.pdbx_auth_asym_id'              
33 4 'Structure model' '_struct_site.pdbx_auth_comp_id'              
34 4 'Structure model' '_struct_site.pdbx_auth_seq_id'               
# 
loop_
_software.name 
_software.classification 
_software.version 
_software.citation_id 
_software.pdbx_ordinal 
_software.date 
_software.type 
_software.location 
_software.language 
HKL-2000 'data collection' .                           ? 1 ? ? ? ? 
PHASER   phasing           .                           ? 2 ? ? ? ? 
PHENIX   refinement        '(phenix.refine: 1.8_1069)' ? 3 ? ? ? ? 
HKL-2000 'data reduction'  .                           ? 4 ? ? ? ? 
HKL-2000 'data scaling'    .                           ? 5 ? ? ? ? 
# 
loop_
_pdbx_unobs_or_zero_occ_residues.id 
_pdbx_unobs_or_zero_occ_residues.PDB_model_num 
_pdbx_unobs_or_zero_occ_residues.polymer_flag 
_pdbx_unobs_or_zero_occ_residues.occupancy_flag 
_pdbx_unobs_or_zero_occ_residues.auth_asym_id 
_pdbx_unobs_or_zero_occ_residues.auth_comp_id 
_pdbx_unobs_or_zero_occ_residues.auth_seq_id 
_pdbx_unobs_or_zero_occ_residues.PDB_ins_code 
_pdbx_unobs_or_zero_occ_residues.label_asym_id 
_pdbx_unobs_or_zero_occ_residues.label_comp_id 
_pdbx_unobs_or_zero_occ_residues.label_seq_id 
1  1 Y 1 A MET 1   ? A MET 1   
2  1 Y 1 A LEU 2   ? A LEU 2   
3  1 Y 1 A ARG 3   ? A ARG 3   
4  1 Y 1 A TRP 4   ? A TRP 4   
5  1 Y 1 A LEU 5   ? A LEU 5   
6  1 Y 1 A ARG 6   ? A ARG 6   
7  1 Y 1 A ASP 7   ? A ASP 7   
8  1 Y 1 A PHE 8   ? A PHE 8   
9  1 Y 1 A VAL 9   ? A VAL 9   
10 1 Y 1 A LEU 10  ? A LEU 10  
11 1 Y 1 A PRO 11  ? A PRO 11  
12 1 Y 1 A THR 12  ? A THR 12  
13 1 Y 1 A ALA 13  ? A ALA 13  
14 1 Y 1 A ALA 14  ? A ALA 14  
15 1 Y 1 A SER 15  ? A SER 15  
16 1 Y 1 A GLN 16  ? A GLN 16  
17 1 Y 1 A ASP 17  ? A ASP 17  
18 1 Y 1 A ALA 18  ? A ALA 18  
19 1 Y 1 A GLU 19  ? A GLU 19  
20 1 Y 1 A GLN 20  ? A GLN 20  
21 1 Y 1 A PRO 21  ? A PRO 21  
22 1 Y 1 A SER 177 ? A SER 177 
23 1 Y 1 A LEU 178 ? A LEU 178 
24 1 Y 1 A THR 179 ? A THR 179 
25 1 Y 1 A ILE 180 ? A ILE 180 
26 1 Y 1 A PRO 181 ? A PRO 181 
27 1 Y 1 A ASP 182 ? A ASP 182 
28 1 Y 1 A GLU 183 ? A GLU 183 
29 1 Y 1 A PHE 184 ? A PHE 184 
30 1 Y 1 A THR 185 ? A THR 185 
31 1 Y 1 A GLU 186 ? A GLU 186 
32 1 Y 1 A ASP 187 ? A ASP 187 
33 1 Y 1 A GLU 188 ? A GLU 188 
34 1 Y 1 A LYS 189 ? A LYS 189 
35 1 Y 1 A LYS 190 ? A LYS 190 
36 1 Y 1 A SER 191 ? A SER 191 
37 1 Y 1 A GLY 192 ? A GLY 192 
38 1 Y 1 A GLN 193 ? A GLN 193 
39 1 Y 1 A HIS 194 ? A HIS 194 
40 1 Y 1 A HIS 195 ? A HIS 195 
41 1 Y 1 A HIS 196 ? A HIS 196 
42 1 Y 1 A HIS 197 ? A HIS 197 
43 1 Y 1 A HIS 198 ? A HIS 198 
44 1 Y 1 A HIS 199 ? A HIS 199 
# 
loop_
_chem_comp_atom.comp_id 
_chem_comp_atom.atom_id 
_chem_comp_atom.type_symbol 
_chem_comp_atom.pdbx_aromatic_flag 
_chem_comp_atom.pdbx_stereo_config 
_chem_comp_atom.pdbx_ordinal 
ALA N    N  N N 1   
ALA CA   C  N S 2   
ALA C    C  N N 3   
ALA O    O  N N 4   
ALA CB   C  N N 5   
ALA OXT  O  N N 6   
ALA H    H  N N 7   
ALA H2   H  N N 8   
ALA HA   H  N N 9   
ALA HB1  H  N N 10  
ALA HB2  H  N N 11  
ALA HB3  H  N N 12  
ALA HXT  H  N N 13  
ARG N    N  N N 14  
ARG CA   C  N S 15  
ARG C    C  N N 16  
ARG O    O  N N 17  
ARG CB   C  N N 18  
ARG CG   C  N N 19  
ARG CD   C  N N 20  
ARG NE   N  N N 21  
ARG CZ   C  N N 22  
ARG NH1  N  N N 23  
ARG NH2  N  N N 24  
ARG OXT  O  N N 25  
ARG H    H  N N 26  
ARG H2   H  N N 27  
ARG HA   H  N N 28  
ARG HB2  H  N N 29  
ARG HB3  H  N N 30  
ARG HG2  H  N N 31  
ARG HG3  H  N N 32  
ARG HD2  H  N N 33  
ARG HD3  H  N N 34  
ARG HE   H  N N 35  
ARG HH11 H  N N 36  
ARG HH12 H  N N 37  
ARG HH21 H  N N 38  
ARG HH22 H  N N 39  
ARG HXT  H  N N 40  
ASN N    N  N N 41  
ASN CA   C  N S 42  
ASN C    C  N N 43  
ASN O    O  N N 44  
ASN CB   C  N N 45  
ASN CG   C  N N 46  
ASN OD1  O  N N 47  
ASN ND2  N  N N 48  
ASN OXT  O  N N 49  
ASN H    H  N N 50  
ASN H2   H  N N 51  
ASN HA   H  N N 52  
ASN HB2  H  N N 53  
ASN HB3  H  N N 54  
ASN HD21 H  N N 55  
ASN HD22 H  N N 56  
ASN HXT  H  N N 57  
ASP N    N  N N 58  
ASP CA   C  N S 59  
ASP C    C  N N 60  
ASP O    O  N N 61  
ASP CB   C  N N 62  
ASP CG   C  N N 63  
ASP OD1  O  N N 64  
ASP OD2  O  N N 65  
ASP OXT  O  N N 66  
ASP H    H  N N 67  
ASP H2   H  N N 68  
ASP HA   H  N N 69  
ASP HB2  H  N N 70  
ASP HB3  H  N N 71  
ASP HD2  H  N N 72  
ASP HXT  H  N N 73  
CA  CA   CA N N 74  
CYS N    N  N N 75  
CYS CA   C  N R 76  
CYS C    C  N N 77  
CYS O    O  N N 78  
CYS CB   C  N N 79  
CYS SG   S  N N 80  
CYS OXT  O  N N 81  
CYS H    H  N N 82  
CYS H2   H  N N 83  
CYS HA   H  N N 84  
CYS HB2  H  N N 85  
CYS HB3  H  N N 86  
CYS HG   H  N N 87  
CYS HXT  H  N N 88  
GLN N    N  N N 89  
GLN CA   C  N S 90  
GLN C    C  N N 91  
GLN O    O  N N 92  
GLN CB   C  N N 93  
GLN CG   C  N N 94  
GLN CD   C  N N 95  
GLN OE1  O  N N 96  
GLN NE2  N  N N 97  
GLN OXT  O  N N 98  
GLN H    H  N N 99  
GLN H2   H  N N 100 
GLN HA   H  N N 101 
GLN HB2  H  N N 102 
GLN HB3  H  N N 103 
GLN HG2  H  N N 104 
GLN HG3  H  N N 105 
GLN HE21 H  N N 106 
GLN HE22 H  N N 107 
GLN HXT  H  N N 108 
GLU N    N  N N 109 
GLU CA   C  N S 110 
GLU C    C  N N 111 
GLU O    O  N N 112 
GLU CB   C  N N 113 
GLU CG   C  N N 114 
GLU CD   C  N N 115 
GLU OE1  O  N N 116 
GLU OE2  O  N N 117 
GLU OXT  O  N N 118 
GLU H    H  N N 119 
GLU H2   H  N N 120 
GLU HA   H  N N 121 
GLU HB2  H  N N 122 
GLU HB3  H  N N 123 
GLU HG2  H  N N 124 
GLU HG3  H  N N 125 
GLU HE2  H  N N 126 
GLU HXT  H  N N 127 
GLY N    N  N N 128 
GLY CA   C  N N 129 
GLY C    C  N N 130 
GLY O    O  N N 131 
GLY OXT  O  N N 132 
GLY H    H  N N 133 
GLY H2   H  N N 134 
GLY HA2  H  N N 135 
GLY HA3  H  N N 136 
GLY HXT  H  N N 137 
HIS N    N  N N 138 
HIS CA   C  N S 139 
HIS C    C  N N 140 
HIS O    O  N N 141 
HIS CB   C  N N 142 
HIS CG   C  Y N 143 
HIS ND1  N  Y N 144 
HIS CD2  C  Y N 145 
HIS CE1  C  Y N 146 
HIS NE2  N  Y N 147 
HIS OXT  O  N N 148 
HIS H    H  N N 149 
HIS H2   H  N N 150 
HIS HA   H  N N 151 
HIS HB2  H  N N 152 
HIS HB3  H  N N 153 
HIS HD1  H  N N 154 
HIS HD2  H  N N 155 
HIS HE1  H  N N 156 
HIS HE2  H  N N 157 
HIS HXT  H  N N 158 
HOH O    O  N N 159 
HOH H1   H  N N 160 
HOH H2   H  N N 161 
ILE N    N  N N 162 
ILE CA   C  N S 163 
ILE C    C  N N 164 
ILE O    O  N N 165 
ILE CB   C  N S 166 
ILE CG1  C  N N 167 
ILE CG2  C  N N 168 
ILE CD1  C  N N 169 
ILE OXT  O  N N 170 
ILE H    H  N N 171 
ILE H2   H  N N 172 
ILE HA   H  N N 173 
ILE HB   H  N N 174 
ILE HG12 H  N N 175 
ILE HG13 H  N N 176 
ILE HG21 H  N N 177 
ILE HG22 H  N N 178 
ILE HG23 H  N N 179 
ILE HD11 H  N N 180 
ILE HD12 H  N N 181 
ILE HD13 H  N N 182 
ILE HXT  H  N N 183 
LEU N    N  N N 184 
LEU CA   C  N S 185 
LEU C    C  N N 186 
LEU O    O  N N 187 
LEU CB   C  N N 188 
LEU CG   C  N N 189 
LEU CD1  C  N N 190 
LEU CD2  C  N N 191 
LEU OXT  O  N N 192 
LEU H    H  N N 193 
LEU H2   H  N N 194 
LEU HA   H  N N 195 
LEU HB2  H  N N 196 
LEU HB3  H  N N 197 
LEU HG   H  N N 198 
LEU HD11 H  N N 199 
LEU HD12 H  N N 200 
LEU HD13 H  N N 201 
LEU HD21 H  N N 202 
LEU HD22 H  N N 203 
LEU HD23 H  N N 204 
LEU HXT  H  N N 205 
LYS N    N  N N 206 
LYS CA   C  N S 207 
LYS C    C  N N 208 
LYS O    O  N N 209 
LYS CB   C  N N 210 
LYS CG   C  N N 211 
LYS CD   C  N N 212 
LYS CE   C  N N 213 
LYS NZ   N  N N 214 
LYS OXT  O  N N 215 
LYS H    H  N N 216 
LYS H2   H  N N 217 
LYS HA   H  N N 218 
LYS HB2  H  N N 219 
LYS HB3  H  N N 220 
LYS HG2  H  N N 221 
LYS HG3  H  N N 222 
LYS HD2  H  N N 223 
LYS HD3  H  N N 224 
LYS HE2  H  N N 225 
LYS HE3  H  N N 226 
LYS HZ1  H  N N 227 
LYS HZ2  H  N N 228 
LYS HZ3  H  N N 229 
LYS HXT  H  N N 230 
MET N    N  N N 231 
MET CA   C  N S 232 
MET C    C  N N 233 
MET O    O  N N 234 
MET CB   C  N N 235 
MET CG   C  N N 236 
MET SD   S  N N 237 
MET CE   C  N N 238 
MET OXT  O  N N 239 
MET H    H  N N 240 
MET H2   H  N N 241 
MET HA   H  N N 242 
MET HB2  H  N N 243 
MET HB3  H  N N 244 
MET HG2  H  N N 245 
MET HG3  H  N N 246 
MET HE1  H  N N 247 
MET HE2  H  N N 248 
MET HE3  H  N N 249 
MET HXT  H  N N 250 
PEG C1   C  N N 251 
PEG O1   O  N N 252 
PEG C2   C  N N 253 
PEG O2   O  N N 254 
PEG C3   C  N N 255 
PEG C4   C  N N 256 
PEG O4   O  N N 257 
PEG H11  H  N N 258 
PEG H12  H  N N 259 
PEG HO1  H  N N 260 
PEG H21  H  N N 261 
PEG H22  H  N N 262 
PEG H31  H  N N 263 
PEG H32  H  N N 264 
PEG H41  H  N N 265 
PEG H42  H  N N 266 
PEG HO4  H  N N 267 
PHE N    N  N N 268 
PHE CA   C  N S 269 
PHE C    C  N N 270 
PHE O    O  N N 271 
PHE CB   C  N N 272 
PHE CG   C  Y N 273 
PHE CD1  C  Y N 274 
PHE CD2  C  Y N 275 
PHE CE1  C  Y N 276 
PHE CE2  C  Y N 277 
PHE CZ   C  Y N 278 
PHE OXT  O  N N 279 
PHE H    H  N N 280 
PHE H2   H  N N 281 
PHE HA   H  N N 282 
PHE HB2  H  N N 283 
PHE HB3  H  N N 284 
PHE HD1  H  N N 285 
PHE HD2  H  N N 286 
PHE HE1  H  N N 287 
PHE HE2  H  N N 288 
PHE HZ   H  N N 289 
PHE HXT  H  N N 290 
PRO N    N  N N 291 
PRO CA   C  N S 292 
PRO C    C  N N 293 
PRO O    O  N N 294 
PRO CB   C  N N 295 
PRO CG   C  N N 296 
PRO CD   C  N N 297 
PRO OXT  O  N N 298 
PRO H    H  N N 299 
PRO HA   H  N N 300 
PRO HB2  H  N N 301 
PRO HB3  H  N N 302 
PRO HG2  H  N N 303 
PRO HG3  H  N N 304 
PRO HD2  H  N N 305 
PRO HD3  H  N N 306 
PRO HXT  H  N N 307 
SER N    N  N N 308 
SER CA   C  N S 309 
SER C    C  N N 310 
SER O    O  N N 311 
SER CB   C  N N 312 
SER OG   O  N N 313 
SER OXT  O  N N 314 
SER H    H  N N 315 
SER H2   H  N N 316 
SER HA   H  N N 317 
SER HB2  H  N N 318 
SER HB3  H  N N 319 
SER HG   H  N N 320 
SER HXT  H  N N 321 
THR N    N  N N 322 
THR CA   C  N S 323 
THR C    C  N N 324 
THR O    O  N N 325 
THR CB   C  N R 326 
THR OG1  O  N N 327 
THR CG2  C  N N 328 
THR OXT  O  N N 329 
THR H    H  N N 330 
THR H2   H  N N 331 
THR HA   H  N N 332 
THR HB   H  N N 333 
THR HG1  H  N N 334 
THR HG21 H  N N 335 
THR HG22 H  N N 336 
THR HG23 H  N N 337 
THR HXT  H  N N 338 
TRP N    N  N N 339 
TRP CA   C  N S 340 
TRP C    C  N N 341 
TRP O    O  N N 342 
TRP CB   C  N N 343 
TRP CG   C  Y N 344 
TRP CD1  C  Y N 345 
TRP CD2  C  Y N 346 
TRP NE1  N  Y N 347 
TRP CE2  C  Y N 348 
TRP CE3  C  Y N 349 
TRP CZ2  C  Y N 350 
TRP CZ3  C  Y N 351 
TRP CH2  C  Y N 352 
TRP OXT  O  N N 353 
TRP H    H  N N 354 
TRP H2   H  N N 355 
TRP HA   H  N N 356 
TRP HB2  H  N N 357 
TRP HB3  H  N N 358 
TRP HD1  H  N N 359 
TRP HE1  H  N N 360 
TRP HE3  H  N N 361 
TRP HZ2  H  N N 362 
TRP HZ3  H  N N 363 
TRP HH2  H  N N 364 
TRP HXT  H  N N 365 
TYR N    N  N N 366 
TYR CA   C  N S 367 
TYR C    C  N N 368 
TYR O    O  N N 369 
TYR CB   C  N N 370 
TYR CG   C  Y N 371 
TYR CD1  C  Y N 372 
TYR CD2  C  Y N 373 
TYR CE1  C  Y N 374 
TYR CE2  C  Y N 375 
TYR CZ   C  Y N 376 
TYR OH   O  N N 377 
TYR OXT  O  N N 378 
TYR H    H  N N 379 
TYR H2   H  N N 380 
TYR HA   H  N N 381 
TYR HB2  H  N N 382 
TYR HB3  H  N N 383 
TYR HD1  H  N N 384 
TYR HD2  H  N N 385 
TYR HE1  H  N N 386 
TYR HE2  H  N N 387 
TYR HH   H  N N 388 
TYR HXT  H  N N 389 
VAL N    N  N N 390 
VAL CA   C  N S 391 
VAL C    C  N N 392 
VAL O    O  N N 393 
VAL CB   C  N N 394 
VAL CG1  C  N N 395 
VAL CG2  C  N N 396 
VAL OXT  O  N N 397 
VAL H    H  N N 398 
VAL H2   H  N N 399 
VAL HA   H  N N 400 
VAL HB   H  N N 401 
VAL HG11 H  N N 402 
VAL HG12 H  N N 403 
VAL HG13 H  N N 404 
VAL HG21 H  N N 405 
VAL HG22 H  N N 406 
VAL HG23 H  N N 407 
VAL HXT  H  N N 408 
# 
loop_
_chem_comp_bond.comp_id 
_chem_comp_bond.atom_id_1 
_chem_comp_bond.atom_id_2 
_chem_comp_bond.value_order 
_chem_comp_bond.pdbx_aromatic_flag 
_chem_comp_bond.pdbx_stereo_config 
_chem_comp_bond.pdbx_ordinal 
ALA N   CA   sing N N 1   
ALA N   H    sing N N 2   
ALA N   H2   sing N N 3   
ALA CA  C    sing N N 4   
ALA CA  CB   sing N N 5   
ALA CA  HA   sing N N 6   
ALA C   O    doub N N 7   
ALA C   OXT  sing N N 8   
ALA CB  HB1  sing N N 9   
ALA CB  HB2  sing N N 10  
ALA CB  HB3  sing N N 11  
ALA OXT HXT  sing N N 12  
ARG N   CA   sing N N 13  
ARG N   H    sing N N 14  
ARG N   H2   sing N N 15  
ARG CA  C    sing N N 16  
ARG CA  CB   sing N N 17  
ARG CA  HA   sing N N 18  
ARG C   O    doub N N 19  
ARG C   OXT  sing N N 20  
ARG CB  CG   sing N N 21  
ARG CB  HB2  sing N N 22  
ARG CB  HB3  sing N N 23  
ARG CG  CD   sing N N 24  
ARG CG  HG2  sing N N 25  
ARG CG  HG3  sing N N 26  
ARG CD  NE   sing N N 27  
ARG CD  HD2  sing N N 28  
ARG CD  HD3  sing N N 29  
ARG NE  CZ   sing N N 30  
ARG NE  HE   sing N N 31  
ARG CZ  NH1  sing N N 32  
ARG CZ  NH2  doub N N 33  
ARG NH1 HH11 sing N N 34  
ARG NH1 HH12 sing N N 35  
ARG NH2 HH21 sing N N 36  
ARG NH2 HH22 sing N N 37  
ARG OXT HXT  sing N N 38  
ASN N   CA   sing N N 39  
ASN N   H    sing N N 40  
ASN N   H2   sing N N 41  
ASN CA  C    sing N N 42  
ASN CA  CB   sing N N 43  
ASN CA  HA   sing N N 44  
ASN C   O    doub N N 45  
ASN C   OXT  sing N N 46  
ASN CB  CG   sing N N 47  
ASN CB  HB2  sing N N 48  
ASN CB  HB3  sing N N 49  
ASN CG  OD1  doub N N 50  
ASN CG  ND2  sing N N 51  
ASN ND2 HD21 sing N N 52  
ASN ND2 HD22 sing N N 53  
ASN OXT HXT  sing N N 54  
ASP N   CA   sing N N 55  
ASP N   H    sing N N 56  
ASP N   H2   sing N N 57  
ASP CA  C    sing N N 58  
ASP CA  CB   sing N N 59  
ASP CA  HA   sing N N 60  
ASP C   O    doub N N 61  
ASP C   OXT  sing N N 62  
ASP CB  CG   sing N N 63  
ASP CB  HB2  sing N N 64  
ASP CB  HB3  sing N N 65  
ASP CG  OD1  doub N N 66  
ASP CG  OD2  sing N N 67  
ASP OD2 HD2  sing N N 68  
ASP OXT HXT  sing N N 69  
CYS N   CA   sing N N 70  
CYS N   H    sing N N 71  
CYS N   H2   sing N N 72  
CYS CA  C    sing N N 73  
CYS CA  CB   sing N N 74  
CYS CA  HA   sing N N 75  
CYS C   O    doub N N 76  
CYS C   OXT  sing N N 77  
CYS CB  SG   sing N N 78  
CYS CB  HB2  sing N N 79  
CYS CB  HB3  sing N N 80  
CYS SG  HG   sing N N 81  
CYS OXT HXT  sing N N 82  
GLN N   CA   sing N N 83  
GLN N   H    sing N N 84  
GLN N   H2   sing N N 85  
GLN CA  C    sing N N 86  
GLN CA  CB   sing N N 87  
GLN CA  HA   sing N N 88  
GLN C   O    doub N N 89  
GLN C   OXT  sing N N 90  
GLN CB  CG   sing N N 91  
GLN CB  HB2  sing N N 92  
GLN CB  HB3  sing N N 93  
GLN CG  CD   sing N N 94  
GLN CG  HG2  sing N N 95  
GLN CG  HG3  sing N N 96  
GLN CD  OE1  doub N N 97  
GLN CD  NE2  sing N N 98  
GLN NE2 HE21 sing N N 99  
GLN NE2 HE22 sing N N 100 
GLN OXT HXT  sing N N 101 
GLU N   CA   sing N N 102 
GLU N   H    sing N N 103 
GLU N   H2   sing N N 104 
GLU CA  C    sing N N 105 
GLU CA  CB   sing N N 106 
GLU CA  HA   sing N N 107 
GLU C   O    doub N N 108 
GLU C   OXT  sing N N 109 
GLU CB  CG   sing N N 110 
GLU CB  HB2  sing N N 111 
GLU CB  HB3  sing N N 112 
GLU CG  CD   sing N N 113 
GLU CG  HG2  sing N N 114 
GLU CG  HG3  sing N N 115 
GLU CD  OE1  doub N N 116 
GLU CD  OE2  sing N N 117 
GLU OE2 HE2  sing N N 118 
GLU OXT HXT  sing N N 119 
GLY N   CA   sing N N 120 
GLY N   H    sing N N 121 
GLY N   H2   sing N N 122 
GLY CA  C    sing N N 123 
GLY CA  HA2  sing N N 124 
GLY CA  HA3  sing N N 125 
GLY C   O    doub N N 126 
GLY C   OXT  sing N N 127 
GLY OXT HXT  sing N N 128 
HIS N   CA   sing N N 129 
HIS N   H    sing N N 130 
HIS N   H2   sing N N 131 
HIS CA  C    sing N N 132 
HIS CA  CB   sing N N 133 
HIS CA  HA   sing N N 134 
HIS C   O    doub N N 135 
HIS C   OXT  sing N N 136 
HIS CB  CG   sing N N 137 
HIS CB  HB2  sing N N 138 
HIS CB  HB3  sing N N 139 
HIS CG  ND1  sing Y N 140 
HIS CG  CD2  doub Y N 141 
HIS ND1 CE1  doub Y N 142 
HIS ND1 HD1  sing N N 143 
HIS CD2 NE2  sing Y N 144 
HIS CD2 HD2  sing N N 145 
HIS CE1 NE2  sing Y N 146 
HIS CE1 HE1  sing N N 147 
HIS NE2 HE2  sing N N 148 
HIS OXT HXT  sing N N 149 
HOH O   H1   sing N N 150 
HOH O   H2   sing N N 151 
ILE N   CA   sing N N 152 
ILE N   H    sing N N 153 
ILE N   H2   sing N N 154 
ILE CA  C    sing N N 155 
ILE CA  CB   sing N N 156 
ILE CA  HA   sing N N 157 
ILE C   O    doub N N 158 
ILE C   OXT  sing N N 159 
ILE CB  CG1  sing N N 160 
ILE CB  CG2  sing N N 161 
ILE CB  HB   sing N N 162 
ILE CG1 CD1  sing N N 163 
ILE CG1 HG12 sing N N 164 
ILE CG1 HG13 sing N N 165 
ILE CG2 HG21 sing N N 166 
ILE CG2 HG22 sing N N 167 
ILE CG2 HG23 sing N N 168 
ILE CD1 HD11 sing N N 169 
ILE CD1 HD12 sing N N 170 
ILE CD1 HD13 sing N N 171 
ILE OXT HXT  sing N N 172 
LEU N   CA   sing N N 173 
LEU N   H    sing N N 174 
LEU N   H2   sing N N 175 
LEU CA  C    sing N N 176 
LEU CA  CB   sing N N 177 
LEU CA  HA   sing N N 178 
LEU C   O    doub N N 179 
LEU C   OXT  sing N N 180 
LEU CB  CG   sing N N 181 
LEU CB  HB2  sing N N 182 
LEU CB  HB3  sing N N 183 
LEU CG  CD1  sing N N 184 
LEU CG  CD2  sing N N 185 
LEU CG  HG   sing N N 186 
LEU CD1 HD11 sing N N 187 
LEU CD1 HD12 sing N N 188 
LEU CD1 HD13 sing N N 189 
LEU CD2 HD21 sing N N 190 
LEU CD2 HD22 sing N N 191 
LEU CD2 HD23 sing N N 192 
LEU OXT HXT  sing N N 193 
LYS N   CA   sing N N 194 
LYS N   H    sing N N 195 
LYS N   H2   sing N N 196 
LYS CA  C    sing N N 197 
LYS CA  CB   sing N N 198 
LYS CA  HA   sing N N 199 
LYS C   O    doub N N 200 
LYS C   OXT  sing N N 201 
LYS CB  CG   sing N N 202 
LYS CB  HB2  sing N N 203 
LYS CB  HB3  sing N N 204 
LYS CG  CD   sing N N 205 
LYS CG  HG2  sing N N 206 
LYS CG  HG3  sing N N 207 
LYS CD  CE   sing N N 208 
LYS CD  HD2  sing N N 209 
LYS CD  HD3  sing N N 210 
LYS CE  NZ   sing N N 211 
LYS CE  HE2  sing N N 212 
LYS CE  HE3  sing N N 213 
LYS NZ  HZ1  sing N N 214 
LYS NZ  HZ2  sing N N 215 
LYS NZ  HZ3  sing N N 216 
LYS OXT HXT  sing N N 217 
MET N   CA   sing N N 218 
MET N   H    sing N N 219 
MET N   H2   sing N N 220 
MET CA  C    sing N N 221 
MET CA  CB   sing N N 222 
MET CA  HA   sing N N 223 
MET C   O    doub N N 224 
MET C   OXT  sing N N 225 
MET CB  CG   sing N N 226 
MET CB  HB2  sing N N 227 
MET CB  HB3  sing N N 228 
MET CG  SD   sing N N 229 
MET CG  HG2  sing N N 230 
MET CG  HG3  sing N N 231 
MET SD  CE   sing N N 232 
MET CE  HE1  sing N N 233 
MET CE  HE2  sing N N 234 
MET CE  HE3  sing N N 235 
MET OXT HXT  sing N N 236 
PEG C1  O1   sing N N 237 
PEG C1  C2   sing N N 238 
PEG C1  H11  sing N N 239 
PEG C1  H12  sing N N 240 
PEG O1  HO1  sing N N 241 
PEG C2  O2   sing N N 242 
PEG C2  H21  sing N N 243 
PEG C2  H22  sing N N 244 
PEG O2  C3   sing N N 245 
PEG C3  C4   sing N N 246 
PEG C3  H31  sing N N 247 
PEG C3  H32  sing N N 248 
PEG C4  O4   sing N N 249 
PEG C4  H41  sing N N 250 
PEG C4  H42  sing N N 251 
PEG O4  HO4  sing N N 252 
PHE N   CA   sing N N 253 
PHE N   H    sing N N 254 
PHE N   H2   sing N N 255 
PHE CA  C    sing N N 256 
PHE CA  CB   sing N N 257 
PHE CA  HA   sing N N 258 
PHE C   O    doub N N 259 
PHE C   OXT  sing N N 260 
PHE CB  CG   sing N N 261 
PHE CB  HB2  sing N N 262 
PHE CB  HB3  sing N N 263 
PHE CG  CD1  doub Y N 264 
PHE CG  CD2  sing Y N 265 
PHE CD1 CE1  sing Y N 266 
PHE CD1 HD1  sing N N 267 
PHE CD2 CE2  doub Y N 268 
PHE CD2 HD2  sing N N 269 
PHE CE1 CZ   doub Y N 270 
PHE CE1 HE1  sing N N 271 
PHE CE2 CZ   sing Y N 272 
PHE CE2 HE2  sing N N 273 
PHE CZ  HZ   sing N N 274 
PHE OXT HXT  sing N N 275 
PRO N   CA   sing N N 276 
PRO N   CD   sing N N 277 
PRO N   H    sing N N 278 
PRO CA  C    sing N N 279 
PRO CA  CB   sing N N 280 
PRO CA  HA   sing N N 281 
PRO C   O    doub N N 282 
PRO C   OXT  sing N N 283 
PRO CB  CG   sing N N 284 
PRO CB  HB2  sing N N 285 
PRO CB  HB3  sing N N 286 
PRO CG  CD   sing N N 287 
PRO CG  HG2  sing N N 288 
PRO CG  HG3  sing N N 289 
PRO CD  HD2  sing N N 290 
PRO CD  HD3  sing N N 291 
PRO OXT HXT  sing N N 292 
SER N   CA   sing N N 293 
SER N   H    sing N N 294 
SER N   H2   sing N N 295 
SER CA  C    sing N N 296 
SER CA  CB   sing N N 297 
SER CA  HA   sing N N 298 
SER C   O    doub N N 299 
SER C   OXT  sing N N 300 
SER CB  OG   sing N N 301 
SER CB  HB2  sing N N 302 
SER CB  HB3  sing N N 303 
SER OG  HG   sing N N 304 
SER OXT HXT  sing N N 305 
THR N   CA   sing N N 306 
THR N   H    sing N N 307 
THR N   H2   sing N N 308 
THR CA  C    sing N N 309 
THR CA  CB   sing N N 310 
THR CA  HA   sing N N 311 
THR C   O    doub N N 312 
THR C   OXT  sing N N 313 
THR CB  OG1  sing N N 314 
THR CB  CG2  sing N N 315 
THR CB  HB   sing N N 316 
THR OG1 HG1  sing N N 317 
THR CG2 HG21 sing N N 318 
THR CG2 HG22 sing N N 319 
THR CG2 HG23 sing N N 320 
THR OXT HXT  sing N N 321 
TRP N   CA   sing N N 322 
TRP N   H    sing N N 323 
TRP N   H2   sing N N 324 
TRP CA  C    sing N N 325 
TRP CA  CB   sing N N 326 
TRP CA  HA   sing N N 327 
TRP C   O    doub N N 328 
TRP C   OXT  sing N N 329 
TRP CB  CG   sing N N 330 
TRP CB  HB2  sing N N 331 
TRP CB  HB3  sing N N 332 
TRP CG  CD1  doub Y N 333 
TRP CG  CD2  sing Y N 334 
TRP CD1 NE1  sing Y N 335 
TRP CD1 HD1  sing N N 336 
TRP CD2 CE2  doub Y N 337 
TRP CD2 CE3  sing Y N 338 
TRP NE1 CE2  sing Y N 339 
TRP NE1 HE1  sing N N 340 
TRP CE2 CZ2  sing Y N 341 
TRP CE3 CZ3  doub Y N 342 
TRP CE3 HE3  sing N N 343 
TRP CZ2 CH2  doub Y N 344 
TRP CZ2 HZ2  sing N N 345 
TRP CZ3 CH2  sing Y N 346 
TRP CZ3 HZ3  sing N N 347 
TRP CH2 HH2  sing N N 348 
TRP OXT HXT  sing N N 349 
TYR N   CA   sing N N 350 
TYR N   H    sing N N 351 
TYR N   H2   sing N N 352 
TYR CA  C    sing N N 353 
TYR CA  CB   sing N N 354 
TYR CA  HA   sing N N 355 
TYR C   O    doub N N 356 
TYR C   OXT  sing N N 357 
TYR CB  CG   sing N N 358 
TYR CB  HB2  sing N N 359 
TYR CB  HB3  sing N N 360 
TYR CG  CD1  doub Y N 361 
TYR CG  CD2  sing Y N 362 
TYR CD1 CE1  sing Y N 363 
TYR CD1 HD1  sing N N 364 
TYR CD2 CE2  doub Y N 365 
TYR CD2 HD2  sing N N 366 
TYR CE1 CZ   doub Y N 367 
TYR CE1 HE1  sing N N 368 
TYR CE2 CZ   sing Y N 369 
TYR CE2 HE2  sing N N 370 
TYR CZ  OH   sing N N 371 
TYR OH  HH   sing N N 372 
TYR OXT HXT  sing N N 373 
VAL N   CA   sing N N 374 
VAL N   H    sing N N 375 
VAL N   H2   sing N N 376 
VAL CA  C    sing N N 377 
VAL CA  CB   sing N N 378 
VAL CA  HA   sing N N 379 
VAL C   O    doub N N 380 
VAL C   OXT  sing N N 381 
VAL CB  CG1  sing N N 382 
VAL CB  CG2  sing N N 383 
VAL CB  HB   sing N N 384 
VAL CG1 HG11 sing N N 385 
VAL CG1 HG12 sing N N 386 
VAL CG1 HG13 sing N N 387 
VAL CG2 HG21 sing N N 388 
VAL CG2 HG22 sing N N 389 
VAL CG2 HG23 sing N N 390 
VAL OXT HXT  sing N N 391 
# 
loop_
_pdbx_entity_nonpoly.entity_id 
_pdbx_entity_nonpoly.name 
_pdbx_entity_nonpoly.comp_id 
2 'CALCIUM ION'           CA  
3 'DI(HYDROXYETHYL)ETHER' PEG 
4 water                   HOH 
# 
_pdbx_initial_refinement_model.id               1 
_pdbx_initial_refinement_model.entity_id_list   ? 
_pdbx_initial_refinement_model.type             'experimental model' 
_pdbx_initial_refinement_model.source_name      PDB 
_pdbx_initial_refinement_model.accession_code   1CLL 
_pdbx_initial_refinement_model.details          'PDB ENTRY 1CLL' 
# 
